data_1O6D
# 
_entry.id   1O6D 
# 
_audit_conform.dict_name       mmcif_pdbx.dic 
_audit_conform.dict_version    5.383 
_audit_conform.dict_location   http://mmcif.pdb.org/dictionaries/ascii/mmcif_pdbx.dic 
# 
loop_
_database_2.database_id 
_database_2.database_code 
_database_2.pdbx_database_accession 
_database_2.pdbx_DOI 
PDB   1O6D         pdb_00001o6d 10.2210/pdb1o6d/pdb 
RCSB  RCSB001851   ?            ?                   
WWPDB D_1000001851 ?            ?                   
# 
loop_
_pdbx_audit_revision_history.ordinal 
_pdbx_audit_revision_history.data_content_type 
_pdbx_audit_revision_history.major_revision 
_pdbx_audit_revision_history.minor_revision 
_pdbx_audit_revision_history.revision_date 
1 'Structure model' 1 0 2003-11-25 
2 'Structure model' 1 1 2008-04-26 
3 'Structure model' 1 2 2011-07-13 
4 'Structure model' 1 3 2017-10-04 
5 'Structure model' 1 4 2023-12-27 
# 
_pdbx_audit_revision_details.ordinal             1 
_pdbx_audit_revision_details.revision_ordinal    1 
_pdbx_audit_revision_details.data_content_type   'Structure model' 
_pdbx_audit_revision_details.provider            repository 
_pdbx_audit_revision_details.type                'Initial release' 
_pdbx_audit_revision_details.description         ? 
_pdbx_audit_revision_details.details             ? 
# 
loop_
_pdbx_audit_revision_group.ordinal 
_pdbx_audit_revision_group.revision_ordinal 
_pdbx_audit_revision_group.data_content_type 
_pdbx_audit_revision_group.group 
1 2 'Structure model' 'Version format compliance' 
2 3 'Structure model' 'Derived calculations'      
3 3 'Structure model' 'Version format compliance' 
4 4 'Structure model' 'Refinement description'    
5 5 'Structure model' 'Data collection'           
6 5 'Structure model' 'Database references'       
# 
loop_
_pdbx_audit_revision_category.ordinal 
_pdbx_audit_revision_category.revision_ordinal 
_pdbx_audit_revision_category.data_content_type 
_pdbx_audit_revision_category.category 
1 4 'Structure model' software       
2 5 'Structure model' chem_comp_atom 
3 5 'Structure model' chem_comp_bond 
4 5 'Structure model' database_2     
# 
loop_
_pdbx_audit_revision_item.ordinal 
_pdbx_audit_revision_item.revision_ordinal 
_pdbx_audit_revision_item.data_content_type 
_pdbx_audit_revision_item.item 
1 4 'Structure model' '_software.name'                      
2 5 'Structure model' '_database_2.pdbx_DOI'                
3 5 'Structure model' '_database_2.pdbx_database_accession' 
# 
_pdbx_database_status.status_code                     REL 
_pdbx_database_status.entry_id                        1O6D 
_pdbx_database_status.recvd_initial_deposition_date   2003-11-03 
_pdbx_database_status.deposit_site                    RCSB 
_pdbx_database_status.process_site                    RCSB 
_pdbx_database_status.status_code_sf                  REL 
_pdbx_database_status.SG_entry                        . 
_pdbx_database_status.pdb_format_compatible           Y 
_pdbx_database_status.status_code_mr                  ? 
_pdbx_database_status.status_code_cs                  ? 
_pdbx_database_status.methods_development_category    ? 
_pdbx_database_status.status_code_nmr_data            ? 
# 
_audit_author.name           'Structural GenomiX' 
_audit_author.pdbx_ordinal   1 
# 
_citation.id                        primary 
_citation.title                     'Structural analysis of a set of proteins resulting from a bacterial genomics project' 
_citation.journal_abbrev            Proteins 
_citation.journal_volume            60 
_citation.page_first                787 
_citation.page_last                 796 
_citation.year                      2005 
_citation.journal_id_ASTM           PSFGEY 
_citation.country                   US 
_citation.journal_id_ISSN           0887-3585 
_citation.journal_id_CSD            0867 
_citation.book_publisher            ? 
_citation.pdbx_database_id_PubMed   16021622 
_citation.pdbx_database_id_DOI      10.1002/prot.20541 
# 
loop_
_citation_author.citation_id 
_citation_author.name 
_citation_author.ordinal 
_citation_author.identifier_ORCID 
primary 'Badger, J.'             1  ? 
primary 'Sauder, J.M.'           2  ? 
primary 'Adams, J.M.'            3  ? 
primary 'Antonysamy, S.'         4  ? 
primary 'Bain, K.'               5  ? 
primary 'Bergseid, M.G.'         6  ? 
primary 'Buchanan, S.G.'         7  ? 
primary 'Buchanan, M.D.'         8  ? 
primary 'Batiyenko, Y.'          9  ? 
primary 'Christopher, J.A.'      10 ? 
primary 'Emtage, S.'             11 ? 
primary 'Eroshkina, A.'          12 ? 
primary 'Feil, I.'               13 ? 
primary 'Furlong, E.B.'          14 ? 
primary 'Gajiwala, K.S.'         15 ? 
primary 'Gao, X.'                16 ? 
primary 'He, D.'                 17 ? 
primary 'Hendle, J.'             18 ? 
primary 'Huber, A.'              19 ? 
primary 'Hoda, K.'               20 ? 
primary 'Kearins, P.'            21 ? 
primary 'Kissinger, C.'          22 ? 
primary 'Laubert, B.'            23 ? 
primary 'Lewis, H.A.'            24 ? 
primary 'Lin, J.'                25 ? 
primary 'Loomis, K.'             26 ? 
primary 'Lorimer, D.'            27 ? 
primary 'Louie, G.'              28 ? 
primary 'Maletic, M.'            29 ? 
primary 'Marsh, C.D.'            30 ? 
primary 'Miller, I.'             31 ? 
primary 'Molinari, J.'           32 ? 
primary 'Muller-Dieckmann, H.J.' 33 ? 
primary 'Newman, J.M.'           34 ? 
primary 'Noland, B.W.'           35 ? 
primary 'Pagarigan, B.'          36 ? 
primary 'Park, F.'               37 ? 
primary 'Peat, T.S.'             38 ? 
primary 'Post, K.W.'             39 ? 
primary 'Radojicic, S.'          40 ? 
primary 'Ramos, A.'              41 ? 
primary 'Romero, R.'             42 ? 
primary 'Rutter, M.E.'           43 ? 
primary 'Sanderson, W.E.'        44 ? 
primary 'Schwinn, K.D.'          45 ? 
primary 'Tresser, J.'            46 ? 
primary 'Winhoven, J.'           47 ? 
primary 'Wright, T.A.'           48 ? 
primary 'Wu, L.'                 49 ? 
primary 'Xu, J.'                 50 ? 
primary 'Harris, T.J.'           51 ? 
# 
loop_
_entity.id 
_entity.type 
_entity.src_method 
_entity.pdbx_description 
_entity.formula_weight 
_entity.pdbx_number_of_molecules 
_entity.pdbx_ec 
_entity.pdbx_mutation 
_entity.pdbx_fragment 
_entity.details 
1 polymer man 'Hypothetical UPF0247 protein TM0844' 18981.090 1   ? ? ? ? 
2 water   nat water                                 18.015    163 ? ? ? ? 
# 
_entity_poly.entity_id                      1 
_entity_poly.type                           'polypeptide(L)' 
_entity_poly.nstd_linkage                   no 
_entity_poly.nstd_monomer                   no 
_entity_poly.pdbx_seq_one_letter_code       
;MSLRVRIAVIGKLDGFIKEGIKHYEKFLRRFCKPEVLEIKRVHRGSIEEIVRKETEDLTNRILPGSFVMVMDKRGEEVSS
EEFADFLKDLEMKGKDITILIGGPYGLNEEIFAKAHRVFSLSKMTFTHGMTVLIVLEQIFRAFKIIHGENYHYEGGSHHH
HHH
;
_entity_poly.pdbx_seq_one_letter_code_can   
;MSLRVRIAVIGKLDGFIKEGIKHYEKFLRRFCKPEVLEIKRVHRGSIEEIVRKETEDLTNRILPGSFVMVMDKRGEEVSS
EEFADFLKDLEMKGKDITILIGGPYGLNEEIFAKAHRVFSLSKMTFTHGMTVLIVLEQIFRAFKIIHGENYHYEGGSHHH
HHH
;
_entity_poly.pdbx_strand_id                 A 
_entity_poly.pdbx_target_identifier         ? 
# 
_pdbx_entity_nonpoly.entity_id   2 
_pdbx_entity_nonpoly.name        water 
_pdbx_entity_nonpoly.comp_id     HOH 
# 
loop_
_entity_poly_seq.entity_id 
_entity_poly_seq.num 
_entity_poly_seq.mon_id 
_entity_poly_seq.hetero 
1 1   MET n 
1 2   SER n 
1 3   LEU n 
1 4   ARG n 
1 5   VAL n 
1 6   ARG n 
1 7   ILE n 
1 8   ALA n 
1 9   VAL n 
1 10  ILE n 
1 11  GLY n 
1 12  LYS n 
1 13  LEU n 
1 14  ASP n 
1 15  GLY n 
1 16  PHE n 
1 17  ILE n 
1 18  LYS n 
1 19  GLU n 
1 20  GLY n 
1 21  ILE n 
1 22  LYS n 
1 23  HIS n 
1 24  TYR n 
1 25  GLU n 
1 26  LYS n 
1 27  PHE n 
1 28  LEU n 
1 29  ARG n 
1 30  ARG n 
1 31  PHE n 
1 32  CYS n 
1 33  LYS n 
1 34  PRO n 
1 35  GLU n 
1 36  VAL n 
1 37  LEU n 
1 38  GLU n 
1 39  ILE n 
1 40  LYS n 
1 41  ARG n 
1 42  VAL n 
1 43  HIS n 
1 44  ARG n 
1 45  GLY n 
1 46  SER n 
1 47  ILE n 
1 48  GLU n 
1 49  GLU n 
1 50  ILE n 
1 51  VAL n 
1 52  ARG n 
1 53  LYS n 
1 54  GLU n 
1 55  THR n 
1 56  GLU n 
1 57  ASP n 
1 58  LEU n 
1 59  THR n 
1 60  ASN n 
1 61  ARG n 
1 62  ILE n 
1 63  LEU n 
1 64  PRO n 
1 65  GLY n 
1 66  SER n 
1 67  PHE n 
1 68  VAL n 
1 69  MET n 
1 70  VAL n 
1 71  MET n 
1 72  ASP n 
1 73  LYS n 
1 74  ARG n 
1 75  GLY n 
1 76  GLU n 
1 77  GLU n 
1 78  VAL n 
1 79  SER n 
1 80  SER n 
1 81  GLU n 
1 82  GLU n 
1 83  PHE n 
1 84  ALA n 
1 85  ASP n 
1 86  PHE n 
1 87  LEU n 
1 88  LYS n 
1 89  ASP n 
1 90  LEU n 
1 91  GLU n 
1 92  MET n 
1 93  LYS n 
1 94  GLY n 
1 95  LYS n 
1 96  ASP n 
1 97  ILE n 
1 98  THR n 
1 99  ILE n 
1 100 LEU n 
1 101 ILE n 
1 102 GLY n 
1 103 GLY n 
1 104 PRO n 
1 105 TYR n 
1 106 GLY n 
1 107 LEU n 
1 108 ASN n 
1 109 GLU n 
1 110 GLU n 
1 111 ILE n 
1 112 PHE n 
1 113 ALA n 
1 114 LYS n 
1 115 ALA n 
1 116 HIS n 
1 117 ARG n 
1 118 VAL n 
1 119 PHE n 
1 120 SER n 
1 121 LEU n 
1 122 SER n 
1 123 LYS n 
1 124 MET n 
1 125 THR n 
1 126 PHE n 
1 127 THR n 
1 128 HIS n 
1 129 GLY n 
1 130 MET n 
1 131 THR n 
1 132 VAL n 
1 133 LEU n 
1 134 ILE n 
1 135 VAL n 
1 136 LEU n 
1 137 GLU n 
1 138 GLN n 
1 139 ILE n 
1 140 PHE n 
1 141 ARG n 
1 142 ALA n 
1 143 PHE n 
1 144 LYS n 
1 145 ILE n 
1 146 ILE n 
1 147 HIS n 
1 148 GLY n 
1 149 GLU n 
1 150 ASN n 
1 151 TYR n 
1 152 HIS n 
1 153 TYR n 
1 154 GLU n 
1 155 GLY n 
1 156 GLY n 
1 157 SER n 
1 158 HIS n 
1 159 HIS n 
1 160 HIS n 
1 161 HIS n 
1 162 HIS n 
1 163 HIS n 
# 
_entity_src_gen.entity_id                          1 
_entity_src_gen.pdbx_src_id                        1 
_entity_src_gen.pdbx_alt_source_flag               sample 
_entity_src_gen.pdbx_seq_type                      ? 
_entity_src_gen.pdbx_beg_seq_num                   ? 
_entity_src_gen.pdbx_end_seq_num                   ? 
_entity_src_gen.gene_src_common_name               ? 
_entity_src_gen.gene_src_genus                     Thermotoga 
_entity_src_gen.pdbx_gene_src_gene                 TM0844 
_entity_src_gen.gene_src_species                   ? 
_entity_src_gen.gene_src_strain                    ? 
_entity_src_gen.gene_src_tissue                    ? 
_entity_src_gen.gene_src_tissue_fraction           ? 
_entity_src_gen.gene_src_details                   ? 
_entity_src_gen.pdbx_gene_src_fragment             ? 
_entity_src_gen.pdbx_gene_src_scientific_name      'Thermotoga maritima' 
_entity_src_gen.pdbx_gene_src_ncbi_taxonomy_id     2336 
_entity_src_gen.pdbx_gene_src_variant              ? 
_entity_src_gen.pdbx_gene_src_cell_line            ? 
_entity_src_gen.pdbx_gene_src_atcc                 ? 
_entity_src_gen.pdbx_gene_src_organ                ? 
_entity_src_gen.pdbx_gene_src_organelle            ? 
_entity_src_gen.pdbx_gene_src_cell                 ? 
_entity_src_gen.pdbx_gene_src_cellular_location    ? 
_entity_src_gen.host_org_common_name               ? 
_entity_src_gen.pdbx_host_org_scientific_name      'Escherichia coli' 
_entity_src_gen.pdbx_host_org_ncbi_taxonomy_id     562 
_entity_src_gen.host_org_genus                     Escherichia 
_entity_src_gen.pdbx_host_org_gene                 ? 
_entity_src_gen.pdbx_host_org_organ                ? 
_entity_src_gen.host_org_species                   ? 
_entity_src_gen.pdbx_host_org_tissue               ? 
_entity_src_gen.pdbx_host_org_tissue_fraction      ? 
_entity_src_gen.pdbx_host_org_strain               ? 
_entity_src_gen.pdbx_host_org_variant              ? 
_entity_src_gen.pdbx_host_org_cell_line            ? 
_entity_src_gen.pdbx_host_org_atcc                 ? 
_entity_src_gen.pdbx_host_org_culture_collection   ? 
_entity_src_gen.pdbx_host_org_cell                 ? 
_entity_src_gen.pdbx_host_org_organelle            ? 
_entity_src_gen.pdbx_host_org_cellular_location    ? 
_entity_src_gen.pdbx_host_org_vector_type          ? 
_entity_src_gen.pdbx_host_org_vector               ? 
_entity_src_gen.host_org_details                   ? 
_entity_src_gen.expression_system_id               ? 
_entity_src_gen.plasmid_name                       ? 
_entity_src_gen.plasmid_details                    ? 
_entity_src_gen.pdbx_description                   ? 
# 
loop_
_chem_comp.id 
_chem_comp.type 
_chem_comp.mon_nstd_flag 
_chem_comp.name 
_chem_comp.pdbx_synonyms 
_chem_comp.formula 
_chem_comp.formula_weight 
ALA 'L-peptide linking' y ALANINE         ? 'C3 H7 N O2'     89.093  
ARG 'L-peptide linking' y ARGININE        ? 'C6 H15 N4 O2 1' 175.209 
ASN 'L-peptide linking' y ASPARAGINE      ? 'C4 H8 N2 O3'    132.118 
ASP 'L-peptide linking' y 'ASPARTIC ACID' ? 'C4 H7 N O4'     133.103 
CYS 'L-peptide linking' y CYSTEINE        ? 'C3 H7 N O2 S'   121.158 
GLN 'L-peptide linking' y GLUTAMINE       ? 'C5 H10 N2 O3'   146.144 
GLU 'L-peptide linking' y 'GLUTAMIC ACID' ? 'C5 H9 N O4'     147.129 
GLY 'peptide linking'   y GLYCINE         ? 'C2 H5 N O2'     75.067  
HIS 'L-peptide linking' y HISTIDINE       ? 'C6 H10 N3 O2 1' 156.162 
HOH non-polymer         . WATER           ? 'H2 O'           18.015  
ILE 'L-peptide linking' y ISOLEUCINE      ? 'C6 H13 N O2'    131.173 
LEU 'L-peptide linking' y LEUCINE         ? 'C6 H13 N O2'    131.173 
LYS 'L-peptide linking' y LYSINE          ? 'C6 H15 N2 O2 1' 147.195 
MET 'L-peptide linking' y METHIONINE      ? 'C5 H11 N O2 S'  149.211 
PHE 'L-peptide linking' y PHENYLALANINE   ? 'C9 H11 N O2'    165.189 
PRO 'L-peptide linking' y PROLINE         ? 'C5 H9 N O2'     115.130 
SER 'L-peptide linking' y SERINE          ? 'C3 H7 N O3'     105.093 
THR 'L-peptide linking' y THREONINE       ? 'C4 H9 N O3'     119.119 
TYR 'L-peptide linking' y TYROSINE        ? 'C9 H11 N O3'    181.189 
VAL 'L-peptide linking' y VALINE          ? 'C5 H11 N O2'    117.146 
# 
loop_
_pdbx_poly_seq_scheme.asym_id 
_pdbx_poly_seq_scheme.entity_id 
_pdbx_poly_seq_scheme.seq_id 
_pdbx_poly_seq_scheme.mon_id 
_pdbx_poly_seq_scheme.ndb_seq_num 
_pdbx_poly_seq_scheme.pdb_seq_num 
_pdbx_poly_seq_scheme.auth_seq_num 
_pdbx_poly_seq_scheme.pdb_mon_id 
_pdbx_poly_seq_scheme.auth_mon_id 
_pdbx_poly_seq_scheme.pdb_strand_id 
_pdbx_poly_seq_scheme.pdb_ins_code 
_pdbx_poly_seq_scheme.hetero 
A 1 1   MET 1   -1  ?   ?   ?   A . n 
A 1 2   SER 2   0   ?   ?   ?   A . n 
A 1 3   LEU 3   1   1   LEU LEU A . n 
A 1 4   ARG 4   2   2   ARG ARG A . n 
A 1 5   VAL 5   3   3   VAL VAL A . n 
A 1 6   ARG 6   4   4   ARG ARG A . n 
A 1 7   ILE 7   5   5   ILE ILE A . n 
A 1 8   ALA 8   6   6   ALA ALA A . n 
A 1 9   VAL 9   7   7   VAL VAL A . n 
A 1 10  ILE 10  8   8   ILE ILE A . n 
A 1 11  GLY 11  9   9   GLY GLY A . n 
A 1 12  LYS 12  10  10  LYS LYS A . n 
A 1 13  LEU 13  11  11  LEU LEU A . n 
A 1 14  ASP 14  12  12  ASP ASP A . n 
A 1 15  GLY 15  13  13  GLY GLY A . n 
A 1 16  PHE 16  14  14  PHE PHE A . n 
A 1 17  ILE 17  15  15  ILE ILE A . n 
A 1 18  LYS 18  16  16  LYS LYS A . n 
A 1 19  GLU 19  17  17  GLU GLU A . n 
A 1 20  GLY 20  18  18  GLY GLY A . n 
A 1 21  ILE 21  19  19  ILE ILE A . n 
A 1 22  LYS 22  20  20  LYS LYS A . n 
A 1 23  HIS 23  21  21  HIS HIS A . n 
A 1 24  TYR 24  22  22  TYR TYR A . n 
A 1 25  GLU 25  23  23  GLU GLU A . n 
A 1 26  LYS 26  24  24  LYS LYS A . n 
A 1 27  PHE 27  25  25  PHE PHE A . n 
A 1 28  LEU 28  26  26  LEU LEU A . n 
A 1 29  ARG 29  27  27  ARG ARG A . n 
A 1 30  ARG 30  28  28  ARG ARG A . n 
A 1 31  PHE 31  29  29  PHE PHE A . n 
A 1 32  CYS 32  30  30  CYS CYS A . n 
A 1 33  LYS 33  31  31  LYS LYS A . n 
A 1 34  PRO 34  32  32  PRO PRO A . n 
A 1 35  GLU 35  33  33  GLU GLU A . n 
A 1 36  VAL 36  34  34  VAL VAL A . n 
A 1 37  LEU 37  35  35  LEU LEU A . n 
A 1 38  GLU 38  36  36  GLU GLU A . n 
A 1 39  ILE 39  37  37  ILE ILE A . n 
A 1 40  LYS 40  38  38  LYS LYS A . n 
A 1 41  ARG 41  39  39  ARG ARG A . n 
A 1 42  VAL 42  40  40  VAL VAL A . n 
A 1 43  HIS 43  41  41  HIS HIS A . n 
A 1 44  ARG 44  42  42  ARG ARG A . n 
A 1 45  GLY 45  43  43  GLY GLY A . n 
A 1 46  SER 46  44  44  SER SER A . n 
A 1 47  ILE 47  45  45  ILE ILE A . n 
A 1 48  GLU 48  46  46  GLU GLU A . n 
A 1 49  GLU 49  47  47  GLU GLU A . n 
A 1 50  ILE 50  48  48  ILE ILE A . n 
A 1 51  VAL 51  49  49  VAL VAL A . n 
A 1 52  ARG 52  50  50  ARG ARG A . n 
A 1 53  LYS 53  51  51  LYS LYS A . n 
A 1 54  GLU 54  52  52  GLU GLU A . n 
A 1 55  THR 55  53  53  THR THR A . n 
A 1 56  GLU 56  54  54  GLU GLU A . n 
A 1 57  ASP 57  55  55  ASP ASP A . n 
A 1 58  LEU 58  56  56  LEU LEU A . n 
A 1 59  THR 59  57  57  THR THR A . n 
A 1 60  ASN 60  58  58  ASN ASN A . n 
A 1 61  ARG 61  59  59  ARG ARG A . n 
A 1 62  ILE 62  60  60  ILE ILE A . n 
A 1 63  LEU 63  61  61  LEU LEU A . n 
A 1 64  PRO 64  62  62  PRO PRO A . n 
A 1 65  GLY 65  63  63  GLY GLY A . n 
A 1 66  SER 66  64  64  SER SER A . n 
A 1 67  PHE 67  65  65  PHE PHE A . n 
A 1 68  VAL 68  66  66  VAL VAL A . n 
A 1 69  MET 69  67  67  MET MET A . n 
A 1 70  VAL 70  68  68  VAL VAL A . n 
A 1 71  MET 71  69  69  MET MET A . n 
A 1 72  ASP 72  70  70  ASP ASP A . n 
A 1 73  LYS 73  71  71  LYS LYS A . n 
A 1 74  ARG 74  72  72  ARG ARG A . n 
A 1 75  GLY 75  73  73  GLY GLY A . n 
A 1 76  GLU 76  74  74  GLU GLU A . n 
A 1 77  GLU 77  75  75  GLU GLU A . n 
A 1 78  VAL 78  76  76  VAL VAL A . n 
A 1 79  SER 79  77  77  SER SER A . n 
A 1 80  SER 80  78  78  SER SER A . n 
A 1 81  GLU 81  79  79  GLU GLU A . n 
A 1 82  GLU 82  80  80  GLU GLU A . n 
A 1 83  PHE 83  81  81  PHE PHE A . n 
A 1 84  ALA 84  82  82  ALA ALA A . n 
A 1 85  ASP 85  83  83  ASP ASP A . n 
A 1 86  PHE 86  84  84  PHE PHE A . n 
A 1 87  LEU 87  85  85  LEU LEU A . n 
A 1 88  LYS 88  86  86  LYS LYS A . n 
A 1 89  ASP 89  87  87  ASP ASP A . n 
A 1 90  LEU 90  88  88  LEU LEU A . n 
A 1 91  GLU 91  89  89  GLU GLU A . n 
A 1 92  MET 92  90  90  MET MET A . n 
A 1 93  LYS 93  91  91  LYS LYS A . n 
A 1 94  GLY 94  92  92  GLY GLY A . n 
A 1 95  LYS 95  93  93  LYS LYS A . n 
A 1 96  ASP 96  94  94  ASP ASP A . n 
A 1 97  ILE 97  95  95  ILE ILE A . n 
A 1 98  THR 98  96  96  THR THR A . n 
A 1 99  ILE 99  97  97  ILE ILE A . n 
A 1 100 LEU 100 98  98  LEU LEU A . n 
A 1 101 ILE 101 99  99  ILE ILE A . n 
A 1 102 GLY 102 100 100 GLY GLY A . n 
A 1 103 GLY 103 101 101 GLY GLY A . n 
A 1 104 PRO 104 102 102 PRO PRO A . n 
A 1 105 TYR 105 103 103 TYR TYR A . n 
A 1 106 GLY 106 104 104 GLY GLY A . n 
A 1 107 LEU 107 105 105 LEU LEU A . n 
A 1 108 ASN 108 106 106 ASN ASN A . n 
A 1 109 GLU 109 107 107 GLU GLU A . n 
A 1 110 GLU 110 108 108 GLU GLU A . n 
A 1 111 ILE 111 109 109 ILE ILE A . n 
A 1 112 PHE 112 110 110 PHE PHE A . n 
A 1 113 ALA 113 111 111 ALA ALA A . n 
A 1 114 LYS 114 112 112 LYS LYS A . n 
A 1 115 ALA 115 113 113 ALA ALA A . n 
A 1 116 HIS 116 114 114 HIS HIS A . n 
A 1 117 ARG 117 115 115 ARG ARG A . n 
A 1 118 VAL 118 116 116 VAL VAL A . n 
A 1 119 PHE 119 117 117 PHE PHE A . n 
A 1 120 SER 120 118 118 SER SER A . n 
A 1 121 LEU 121 119 119 LEU LEU A . n 
A 1 122 SER 122 120 120 SER SER A . n 
A 1 123 LYS 123 121 121 LYS LYS A . n 
A 1 124 MET 124 122 122 MET MET A . n 
A 1 125 THR 125 123 123 THR THR A . n 
A 1 126 PHE 126 124 124 PHE PHE A . n 
A 1 127 THR 127 125 125 THR THR A . n 
A 1 128 HIS 128 126 126 HIS HIS A . n 
A 1 129 GLY 129 127 127 GLY GLY A . n 
A 1 130 MET 130 128 128 MET MET A . n 
A 1 131 THR 131 129 129 THR THR A . n 
A 1 132 VAL 132 130 130 VAL VAL A . n 
A 1 133 LEU 133 131 131 LEU LEU A . n 
A 1 134 ILE 134 132 132 ILE ILE A . n 
A 1 135 VAL 135 133 133 VAL VAL A . n 
A 1 136 LEU 136 134 134 LEU LEU A . n 
A 1 137 GLU 137 135 135 GLU GLU A . n 
A 1 138 GLN 138 136 136 GLN GLN A . n 
A 1 139 ILE 139 137 137 ILE ILE A . n 
A 1 140 PHE 140 138 138 PHE PHE A . n 
A 1 141 ARG 141 139 139 ARG ARG A . n 
A 1 142 ALA 142 140 140 ALA ALA A . n 
A 1 143 PHE 143 141 141 PHE PHE A . n 
A 1 144 LYS 144 142 142 LYS LYS A . n 
A 1 145 ILE 145 143 143 ILE ILE A . n 
A 1 146 ILE 146 144 144 ILE ILE A . n 
A 1 147 HIS 147 145 145 HIS HIS A . n 
A 1 148 GLY 148 146 146 GLY GLY A . n 
A 1 149 GLU 149 147 147 GLU GLU A . n 
A 1 150 ASN 150 148 ?   ?   ?   A . n 
A 1 151 TYR 151 149 ?   ?   ?   A . n 
A 1 152 HIS 152 150 ?   ?   ?   A . n 
A 1 153 TYR 153 151 ?   ?   ?   A . n 
A 1 154 GLU 154 152 ?   ?   ?   A . n 
A 1 155 GLY 155 153 ?   ?   ?   A . n 
A 1 156 GLY 156 154 ?   ?   ?   A . n 
A 1 157 SER 157 155 ?   ?   ?   A . n 
A 1 158 HIS 158 156 ?   ?   ?   A . n 
A 1 159 HIS 159 157 ?   ?   ?   A . n 
A 1 160 HIS 160 158 ?   ?   ?   A . n 
A 1 161 HIS 161 159 ?   ?   ?   A . n 
A 1 162 HIS 162 160 ?   ?   ?   A . n 
A 1 163 HIS 163 161 ?   ?   ?   A . n 
# 
loop_
_pdbx_nonpoly_scheme.asym_id 
_pdbx_nonpoly_scheme.entity_id 
_pdbx_nonpoly_scheme.mon_id 
_pdbx_nonpoly_scheme.ndb_seq_num 
_pdbx_nonpoly_scheme.pdb_seq_num 
_pdbx_nonpoly_scheme.auth_seq_num 
_pdbx_nonpoly_scheme.pdb_mon_id 
_pdbx_nonpoly_scheme.auth_mon_id 
_pdbx_nonpoly_scheme.pdb_strand_id 
_pdbx_nonpoly_scheme.pdb_ins_code 
B 2 HOH 1   162 1   HOH HOH A . 
B 2 HOH 2   163 2   HOH HOH A . 
B 2 HOH 3   164 3   HOH HOH A . 
B 2 HOH 4   165 4   HOH HOH A . 
B 2 HOH 5   166 5   HOH HOH A . 
B 2 HOH 6   167 6   HOH HOH A . 
B 2 HOH 7   168 7   HOH HOH A . 
B 2 HOH 8   169 8   HOH HOH A . 
B 2 HOH 9   170 9   HOH HOH A . 
B 2 HOH 10  171 10  HOH HOH A . 
B 2 HOH 11  172 11  HOH HOH A . 
B 2 HOH 12  173 12  HOH HOH A . 
B 2 HOH 13  174 13  HOH HOH A . 
B 2 HOH 14  175 14  HOH HOH A . 
B 2 HOH 15  176 15  HOH HOH A . 
B 2 HOH 16  177 16  HOH HOH A . 
B 2 HOH 17  178 17  HOH HOH A . 
B 2 HOH 18  179 18  HOH HOH A . 
B 2 HOH 19  180 19  HOH HOH A . 
B 2 HOH 20  181 20  HOH HOH A . 
B 2 HOH 21  182 21  HOH HOH A . 
B 2 HOH 22  183 22  HOH HOH A . 
B 2 HOH 23  184 23  HOH HOH A . 
B 2 HOH 24  185 24  HOH HOH A . 
B 2 HOH 25  186 25  HOH HOH A . 
B 2 HOH 26  187 26  HOH HOH A . 
B 2 HOH 27  188 27  HOH HOH A . 
B 2 HOH 28  189 28  HOH HOH A . 
B 2 HOH 29  190 29  HOH HOH A . 
B 2 HOH 30  191 30  HOH HOH A . 
B 2 HOH 31  192 31  HOH HOH A . 
B 2 HOH 32  193 32  HOH HOH A . 
B 2 HOH 33  194 33  HOH HOH A . 
B 2 HOH 34  195 34  HOH HOH A . 
B 2 HOH 35  196 35  HOH HOH A . 
B 2 HOH 36  197 36  HOH HOH A . 
B 2 HOH 37  198 37  HOH HOH A . 
B 2 HOH 38  199 38  HOH HOH A . 
B 2 HOH 39  200 39  HOH HOH A . 
B 2 HOH 40  201 40  HOH HOH A . 
B 2 HOH 41  202 41  HOH HOH A . 
B 2 HOH 42  203 42  HOH HOH A . 
B 2 HOH 43  204 43  HOH HOH A . 
B 2 HOH 44  205 44  HOH HOH A . 
B 2 HOH 45  206 45  HOH HOH A . 
B 2 HOH 46  207 46  HOH HOH A . 
B 2 HOH 47  208 47  HOH HOH A . 
B 2 HOH 48  209 48  HOH HOH A . 
B 2 HOH 49  210 49  HOH HOH A . 
B 2 HOH 50  211 50  HOH HOH A . 
B 2 HOH 51  212 51  HOH HOH A . 
B 2 HOH 52  213 52  HOH HOH A . 
B 2 HOH 53  214 53  HOH HOH A . 
B 2 HOH 54  215 54  HOH HOH A . 
B 2 HOH 55  216 55  HOH HOH A . 
B 2 HOH 56  217 56  HOH HOH A . 
B 2 HOH 57  218 57  HOH HOH A . 
B 2 HOH 58  219 58  HOH HOH A . 
B 2 HOH 59  220 59  HOH HOH A . 
B 2 HOH 60  221 60  HOH HOH A . 
B 2 HOH 61  222 61  HOH HOH A . 
B 2 HOH 62  223 62  HOH HOH A . 
B 2 HOH 63  224 63  HOH HOH A . 
B 2 HOH 64  225 64  HOH HOH A . 
B 2 HOH 65  226 65  HOH HOH A . 
B 2 HOH 66  227 66  HOH HOH A . 
B 2 HOH 67  228 67  HOH HOH A . 
B 2 HOH 68  229 68  HOH HOH A . 
B 2 HOH 69  230 69  HOH HOH A . 
B 2 HOH 70  231 70  HOH HOH A . 
B 2 HOH 71  232 71  HOH HOH A . 
B 2 HOH 72  233 72  HOH HOH A . 
B 2 HOH 73  234 73  HOH HOH A . 
B 2 HOH 74  235 74  HOH HOH A . 
B 2 HOH 75  236 75  HOH HOH A . 
B 2 HOH 76  237 76  HOH HOH A . 
B 2 HOH 77  238 77  HOH HOH A . 
B 2 HOH 78  239 78  HOH HOH A . 
B 2 HOH 79  240 79  HOH HOH A . 
B 2 HOH 80  241 80  HOH HOH A . 
B 2 HOH 81  242 81  HOH HOH A . 
B 2 HOH 82  243 82  HOH HOH A . 
B 2 HOH 83  244 83  HOH HOH A . 
B 2 HOH 84  245 84  HOH HOH A . 
B 2 HOH 85  246 85  HOH HOH A . 
B 2 HOH 86  247 86  HOH HOH A . 
B 2 HOH 87  248 87  HOH HOH A . 
B 2 HOH 88  249 88  HOH HOH A . 
B 2 HOH 89  250 89  HOH HOH A . 
B 2 HOH 90  251 90  HOH HOH A . 
B 2 HOH 91  252 91  HOH HOH A . 
B 2 HOH 92  253 92  HOH HOH A . 
B 2 HOH 93  254 93  HOH HOH A . 
B 2 HOH 94  255 94  HOH HOH A . 
B 2 HOH 95  256 95  HOH HOH A . 
B 2 HOH 96  257 96  HOH HOH A . 
B 2 HOH 97  258 97  HOH HOH A . 
B 2 HOH 98  259 98  HOH HOH A . 
B 2 HOH 99  260 99  HOH HOH A . 
B 2 HOH 100 261 100 HOH HOH A . 
B 2 HOH 101 262 101 HOH HOH A . 
B 2 HOH 102 263 102 HOH HOH A . 
B 2 HOH 103 264 103 HOH HOH A . 
B 2 HOH 104 265 104 HOH HOH A . 
B 2 HOH 105 266 105 HOH HOH A . 
B 2 HOH 106 267 106 HOH HOH A . 
B 2 HOH 107 268 107 HOH HOH A . 
B 2 HOH 108 269 108 HOH HOH A . 
B 2 HOH 109 270 109 HOH HOH A . 
B 2 HOH 110 271 110 HOH HOH A . 
B 2 HOH 111 272 111 HOH HOH A . 
B 2 HOH 112 273 112 HOH HOH A . 
B 2 HOH 113 274 113 HOH HOH A . 
B 2 HOH 114 275 114 HOH HOH A . 
B 2 HOH 115 276 115 HOH HOH A . 
B 2 HOH 116 277 116 HOH HOH A . 
B 2 HOH 117 278 117 HOH HOH A . 
B 2 HOH 118 279 118 HOH HOH A . 
B 2 HOH 119 280 119 HOH HOH A . 
B 2 HOH 120 281 120 HOH HOH A . 
B 2 HOH 121 282 121 HOH HOH A . 
B 2 HOH 122 283 122 HOH HOH A . 
B 2 HOH 123 284 123 HOH HOH A . 
B 2 HOH 124 285 124 HOH HOH A . 
B 2 HOH 125 286 125 HOH HOH A . 
B 2 HOH 126 287 126 HOH HOH A . 
B 2 HOH 127 288 127 HOH HOH A . 
B 2 HOH 128 289 128 HOH HOH A . 
B 2 HOH 129 290 129 HOH HOH A . 
B 2 HOH 130 291 130 HOH HOH A . 
B 2 HOH 131 292 131 HOH HOH A . 
B 2 HOH 132 293 132 HOH HOH A . 
B 2 HOH 133 294 133 HOH HOH A . 
B 2 HOH 134 295 134 HOH HOH A . 
B 2 HOH 135 296 135 HOH HOH A . 
B 2 HOH 136 297 136 HOH HOH A . 
B 2 HOH 137 298 137 HOH HOH A . 
B 2 HOH 138 299 138 HOH HOH A . 
B 2 HOH 139 300 139 HOH HOH A . 
B 2 HOH 140 301 140 HOH HOH A . 
B 2 HOH 141 302 141 HOH HOH A . 
B 2 HOH 142 303 142 HOH HOH A . 
B 2 HOH 143 304 143 HOH HOH A . 
B 2 HOH 144 305 144 HOH HOH A . 
B 2 HOH 145 306 145 HOH HOH A . 
B 2 HOH 146 307 146 HOH HOH A . 
B 2 HOH 147 308 147 HOH HOH A . 
B 2 HOH 148 309 148 HOH HOH A . 
B 2 HOH 149 310 149 HOH HOH A . 
B 2 HOH 150 311 150 HOH HOH A . 
B 2 HOH 151 312 151 HOH HOH A . 
B 2 HOH 152 313 152 HOH HOH A . 
B 2 HOH 153 314 153 HOH HOH A . 
B 2 HOH 154 315 154 HOH HOH A . 
B 2 HOH 155 316 155 HOH HOH A . 
B 2 HOH 156 317 156 HOH HOH A . 
B 2 HOH 157 318 157 HOH HOH A . 
B 2 HOH 158 319 158 HOH HOH A . 
B 2 HOH 159 320 159 HOH HOH A . 
B 2 HOH 160 321 160 HOH HOH A . 
B 2 HOH 161 322 161 HOH HOH A . 
B 2 HOH 162 323 162 HOH HOH A . 
B 2 HOH 163 324 163 HOH HOH A . 
# 
loop_
_pdbx_unobs_or_zero_occ_atoms.id 
_pdbx_unobs_or_zero_occ_atoms.PDB_model_num 
_pdbx_unobs_or_zero_occ_atoms.polymer_flag 
_pdbx_unobs_or_zero_occ_atoms.occupancy_flag 
_pdbx_unobs_or_zero_occ_atoms.auth_asym_id 
_pdbx_unobs_or_zero_occ_atoms.auth_comp_id 
_pdbx_unobs_or_zero_occ_atoms.auth_seq_id 
_pdbx_unobs_or_zero_occ_atoms.PDB_ins_code 
_pdbx_unobs_or_zero_occ_atoms.auth_atom_id 
_pdbx_unobs_or_zero_occ_atoms.label_alt_id 
_pdbx_unobs_or_zero_occ_atoms.label_asym_id 
_pdbx_unobs_or_zero_occ_atoms.label_comp_id 
_pdbx_unobs_or_zero_occ_atoms.label_seq_id 
_pdbx_unobs_or_zero_occ_atoms.label_atom_id 
1 1 Y 1 A LYS 51 ? CE ? A LYS 53 CE 
2 1 Y 1 A LYS 51 ? NZ ? A LYS 53 NZ 
# 
loop_
_software.name 
_software.classification 
_software.version 
_software.citation_id 
_software.pdbx_ordinal 
MOSFLM   'data reduction' .        ? 1 
SCALA    'data scaling'   .        ? 2 
TRUNCATE 'data reduction' .        ? 3 
REFMAC   refinement       4.0      ? 4 
CCP4     'data scaling'   '(SCALA' ? 5 
TRUNCATE 'data scaling'   .        ? 6 
# 
_cell.entry_id           1O6D 
_cell.length_a           46.570 
_cell.length_b           96.813 
_cell.length_c           34.713 
_cell.angle_alpha        90.00 
_cell.angle_beta         90.00 
_cell.angle_gamma        90.00 
_cell.Z_PDB              4 
_cell.pdbx_unique_axis   ? 
# 
_symmetry.entry_id                         1O6D 
_symmetry.space_group_name_H-M             'P 21 21 2' 
_symmetry.Int_Tables_number                18 
_symmetry.pdbx_full_space_group_name_H-M   ? 
_symmetry.cell_setting                     ? 
# 
_exptl.entry_id          1O6D 
_exptl.method            'X-RAY DIFFRACTION' 
_exptl.crystals_number   1 
# 
_exptl_crystal.id                    1 
_exptl_crystal.density_meas          ? 
_exptl_crystal.density_Matthews      2.06 
_exptl_crystal.density_percent_sol   40.33 
_exptl_crystal.description           ? 
# 
_diffrn.id                     1 
_diffrn.crystal_id             1 
_diffrn.ambient_temp           ? 
_diffrn.ambient_temp_details   ? 
# 
_diffrn_detector.diffrn_id              1 
_diffrn_detector.detector               CCD 
_diffrn_detector.type                   MARRESEARCH 
_diffrn_detector.pdbx_collection_date   ? 
_diffrn_detector.details                ? 
# 
_diffrn_radiation.diffrn_id                        1 
_diffrn_radiation.wavelength_id                    1 
_diffrn_radiation.pdbx_diffrn_protocol             MAD 
_diffrn_radiation.pdbx_scattering_type             x-ray 
_diffrn_radiation.pdbx_monochromatic_or_laue_m_l   ? 
_diffrn_radiation.monochromator                    ? 
# 
loop_
_diffrn_radiation_wavelength.id 
_diffrn_radiation_wavelength.wavelength 
_diffrn_radiation_wavelength.wt 
1 0.9794 1.0 
2 0.9641 1.0 
# 
_diffrn_source.diffrn_id                   1 
_diffrn_source.source                      SYNCHROTRON 
_diffrn_source.type                        'APS BEAMLINE 32-ID' 
_diffrn_source.pdbx_wavelength_list        '0.9794, 0.9794, 0.9641' 
_diffrn_source.pdbx_synchrotron_site       APS 
_diffrn_source.pdbx_synchrotron_beamline   32-ID 
_diffrn_source.pdbx_wavelength             ? 
# 
_reflns.entry_id                     1O6D 
_reflns.number_all                   18899 
_reflns.number_obs                   18899 
_reflns.d_resolution_low             18.96 
_reflns.d_resolution_high            1.66 
_reflns.percent_possible_obs         99.0 
_reflns.pdbx_redundancy              4.6 
_reflns.pdbx_Rmerge_I_obs            0.05 
_reflns.pdbx_netI_over_sigmaI        12.7 
_reflns.pdbx_ordinal                 1 
_reflns.pdbx_diffrn_id               1 
_reflns.observed_criterion_sigma_I   ? 
_reflns.observed_criterion_sigma_F   ? 
_reflns.pdbx_Rsym_value              ? 
_reflns.B_iso_Wilson_estimate        ? 
# 
_reflns_shell.d_res_low              1.75 
_reflns_shell.d_res_high             1.66 
_reflns_shell.meanI_over_sigI_obs    3.3 
_reflns_shell.Rmerge_I_obs           0.354 
_reflns_shell.percent_possible_all   99.0 
_reflns_shell.pdbx_redundancy        3.5 
_reflns_shell.pdbx_ordinal           1 
_reflns_shell.pdbx_diffrn_id         1 
_reflns_shell.pdbx_Rsym_value        ? 
# 
_refine.entry_id                                 1O6D 
_refine.pdbx_method_to_determine_struct          'Se-Met MAD phasing' 
_refine.ls_d_res_low                             18.96 
_refine.ls_d_res_high                            1.66 
_refine.solvent_model_details                    'Babinet bulk solvent correction' 
_refine.solvent_model_param_ksol                 0.999 
_refine.solvent_model_param_bsol                 317.075 
_refine.aniso_B[1][1]                            -0.651 
_refine.aniso_B[1][2]                            0.000 
_refine.aniso_B[1][3]                            0.000 
_refine.aniso_B[2][2]                            0.842 
_refine.aniso_B[2][3]                            0.000 
_refine.aniso_B[3][3]                            -0.191 
_refine.B_iso_mean                               30.967 
_refine.ls_number_reflns_obs                     18898 
_refine.ls_number_reflns_R_free                  972 
_refine.ls_R_factor_R_work                       0.229 
_refine.ls_R_factor_R_free                       0.261 
_refine.pdbx_ls_sigma_F                          0 
_refine.pdbx_refine_id                           'X-RAY DIFFRACTION' 
_refine.pdbx_diffrn_id                           1 
_refine.pdbx_TLS_residual_ADP_flag               ? 
_refine.ls_number_reflns_all                     ? 
_refine.pdbx_ls_sigma_I                          ? 
_refine.pdbx_data_cutoff_high_absF               ? 
_refine.pdbx_data_cutoff_low_absF                ? 
_refine.pdbx_data_cutoff_high_rms_absF           ? 
_refine.ls_percent_reflns_obs                    ? 
_refine.ls_R_factor_obs                          ? 
_refine.ls_R_factor_all                          ? 
_refine.ls_R_factor_R_free_error                 ? 
_refine.ls_R_factor_R_free_error_details         ? 
_refine.ls_percent_reflns_R_free                 ? 
_refine.ls_number_parameters                     ? 
_refine.ls_number_restraints                     ? 
_refine.occupancy_min                            ? 
_refine.occupancy_max                            ? 
_refine.correlation_coeff_Fo_to_Fc               ? 
_refine.correlation_coeff_Fo_to_Fc_free          ? 
_refine.pdbx_solvent_vdw_probe_radii             ? 
_refine.pdbx_solvent_ion_probe_radii             ? 
_refine.pdbx_solvent_shrinkage_radii             ? 
_refine.pdbx_ls_cross_valid_method               ? 
_refine.details                                  ? 
_refine.pdbx_starting_model                      ? 
_refine.pdbx_isotropic_thermal_model             ? 
_refine.pdbx_stereochemistry_target_values       ? 
_refine.pdbx_stereochem_target_val_spec_case     ? 
_refine.pdbx_R_Free_selection_details            ? 
_refine.pdbx_overall_ESU_R                       ? 
_refine.pdbx_overall_ESU_R_Free                  ? 
_refine.overall_SU_ML                            ? 
_refine.pdbx_overall_phase_error                 ? 
_refine.overall_SU_B                             ? 
_refine.overall_SU_R_Cruickshank_DPI             ? 
_refine.pdbx_overall_SU_R_free_Cruickshank_DPI   ? 
_refine.pdbx_overall_SU_R_Blow_DPI               ? 
_refine.pdbx_overall_SU_R_free_Blow_DPI          ? 
# 
_refine_hist.pdbx_refine_id                   'X-RAY DIFFRACTION' 
_refine_hist.cycle_id                         LAST 
_refine_hist.pdbx_number_atoms_protein        1193 
_refine_hist.pdbx_number_atoms_nucleic_acid   0 
_refine_hist.pdbx_number_atoms_ligand         0 
_refine_hist.number_atoms_solvent             163 
_refine_hist.number_atoms_total               1356 
_refine_hist.d_res_high                       1.66 
_refine_hist.d_res_low                        18.96 
# 
loop_
_refine_ls_restr.type 
_refine_ls_restr.dev_ideal 
_refine_ls_restr.pdbx_refine_id 
_refine_ls_restr.dev_ideal_target 
_refine_ls_restr.weight 
_refine_ls_restr.number 
_refine_ls_restr.pdbx_restraint_function 
p_bond_d       0.015 'X-RAY DIFFRACTION' ? ? ? ? 
p_angle_d      2.470 'X-RAY DIFFRACTION' ? ? ? ? 
p_planar_tor   3.191 'X-RAY DIFFRACTION' ? ? ? ? 
p_chiral_restr 0.143 'X-RAY DIFFRACTION' ? ? ? ? 
p_plane_restr  0.014 'X-RAY DIFFRACTION' ? ? ? ? 
p_mcbond_it    2.048 'X-RAY DIFFRACTION' ? ? ? ? 
p_mcangle_it   3.243 'X-RAY DIFFRACTION' ? ? ? ? 
p_scbond_it    3.228 'X-RAY DIFFRACTION' ? ? ? ? 
p_scangle_it   4.644 'X-RAY DIFFRACTION' ? ? ? ? 
# 
_struct.entry_id                  1O6D 
_struct.title                     'Crystal structure of a hypothetical protein' 
_struct.pdbx_model_details        ? 
_struct.pdbx_CASP_flag            ? 
_struct.pdbx_model_type_details   ? 
# 
_struct_keywords.entry_id        1O6D 
_struct_keywords.pdbx_keywords   'Structural genomics, unknown function' 
_struct_keywords.text            'structural genomics, unknown function' 
# 
loop_
_struct_asym.id 
_struct_asym.pdbx_blank_PDB_chainid_flag 
_struct_asym.pdbx_modified 
_struct_asym.entity_id 
_struct_asym.details 
A N N 1 ? 
B N N 2 ? 
# 
_struct_ref.id                         1 
_struct_ref.entity_id                  1 
_struct_ref.db_name                    UNP 
_struct_ref.db_code                    Y844_THEMA 
_struct_ref.pdbx_db_accession          Q9WZU8 
_struct_ref.pdbx_seq_one_letter_code   
;MRVRIAVIGKLDGFIKEGIKHYEKFLRRFCKPEVLEIKRVHRGSIEEIVRKETEDLTNRILPGSFVMVMDKRGEEVSSEE
FADFLKDLEMKGKDITILIGGPYGLNEEIFAKAHRVFSLSKMTFTHGMTVLIVLEQIFRAFKIIHGENYHY
;
_struct_ref.pdbx_align_begin           1 
_struct_ref.pdbx_db_isoform            ? 
# 
_struct_ref_seq.align_id                      1 
_struct_ref_seq.ref_id                        1 
_struct_ref_seq.pdbx_PDB_id_code              1O6D 
_struct_ref_seq.pdbx_strand_id                A 
_struct_ref_seq.seq_align_beg                 4 
_struct_ref_seq.pdbx_seq_align_beg_ins_code   ? 
_struct_ref_seq.seq_align_end                 153 
_struct_ref_seq.pdbx_seq_align_end_ins_code   ? 
_struct_ref_seq.pdbx_db_accession             Q9WZU8 
_struct_ref_seq.db_align_beg                  2 
_struct_ref_seq.pdbx_db_align_beg_ins_code    ? 
_struct_ref_seq.db_align_end                  151 
_struct_ref_seq.pdbx_db_align_end_ins_code    ? 
_struct_ref_seq.pdbx_auth_seq_align_beg       2 
_struct_ref_seq.pdbx_auth_seq_align_end       151 
# 
loop_
_struct_ref_seq_dif.align_id 
_struct_ref_seq_dif.pdbx_pdb_id_code 
_struct_ref_seq_dif.mon_id 
_struct_ref_seq_dif.pdbx_pdb_strand_id 
_struct_ref_seq_dif.seq_num 
_struct_ref_seq_dif.pdbx_pdb_ins_code 
_struct_ref_seq_dif.pdbx_seq_db_name 
_struct_ref_seq_dif.pdbx_seq_db_accession_code 
_struct_ref_seq_dif.db_mon_id 
_struct_ref_seq_dif.pdbx_seq_db_seq_num 
_struct_ref_seq_dif.details 
_struct_ref_seq_dif.pdbx_auth_seq_num 
_struct_ref_seq_dif.pdbx_ordinal 
1 1O6D MET A 1   ? UNP Q9WZU8 ? ? 'cloning artifact' -1  1  
1 1O6D SER A 2   ? UNP Q9WZU8 ? ? 'cloning artifact' 0   2  
1 1O6D LEU A 3   ? UNP Q9WZU8 ? ? 'cloning artifact' 1   3  
1 1O6D GLU A 154 ? UNP Q9WZU8 ? ? 'cloning artifact' 152 4  
1 1O6D GLY A 155 ? UNP Q9WZU8 ? ? 'cloning artifact' 153 5  
1 1O6D GLY A 156 ? UNP Q9WZU8 ? ? 'cloning artifact' 154 6  
1 1O6D SER A 157 ? UNP Q9WZU8 ? ? 'cloning artifact' 155 7  
1 1O6D HIS A 158 ? UNP Q9WZU8 ? ? 'cloning artifact' 156 8  
1 1O6D HIS A 159 ? UNP Q9WZU8 ? ? 'cloning artifact' 157 9  
1 1O6D HIS A 160 ? UNP Q9WZU8 ? ? 'cloning artifact' 158 10 
1 1O6D HIS A 161 ? UNP Q9WZU8 ? ? 'cloning artifact' 159 11 
1 1O6D HIS A 162 ? UNP Q9WZU8 ? ? 'cloning artifact' 160 12 
1 1O6D HIS A 163 ? UNP Q9WZU8 ? ? 'cloning artifact' 161 13 
# 
loop_
_pdbx_struct_assembly.id 
_pdbx_struct_assembly.details 
_pdbx_struct_assembly.method_details 
_pdbx_struct_assembly.oligomeric_details 
_pdbx_struct_assembly.oligomeric_count 
1 author_and_software_defined_assembly PQS  monomeric 1 
2 software_defined_assembly            PISA dimeric   2 
# 
loop_
_pdbx_struct_assembly_prop.biol_id 
_pdbx_struct_assembly_prop.type 
_pdbx_struct_assembly_prop.value 
_pdbx_struct_assembly_prop.details 
2 'ABSA (A^2)' 2310  ? 
2 MORE         -15   ? 
2 'SSA (A^2)'  13790 ? 
# 
loop_
_pdbx_struct_assembly_gen.assembly_id 
_pdbx_struct_assembly_gen.oper_expression 
_pdbx_struct_assembly_gen.asym_id_list 
1 1   A,B 
2 1,2 A,B 
# 
loop_
_pdbx_struct_oper_list.id 
_pdbx_struct_oper_list.type 
_pdbx_struct_oper_list.name 
_pdbx_struct_oper_list.symmetry_operation 
_pdbx_struct_oper_list.matrix[1][1] 
_pdbx_struct_oper_list.matrix[1][2] 
_pdbx_struct_oper_list.matrix[1][3] 
_pdbx_struct_oper_list.vector[1] 
_pdbx_struct_oper_list.matrix[2][1] 
_pdbx_struct_oper_list.matrix[2][2] 
_pdbx_struct_oper_list.matrix[2][3] 
_pdbx_struct_oper_list.vector[2] 
_pdbx_struct_oper_list.matrix[3][1] 
_pdbx_struct_oper_list.matrix[3][2] 
_pdbx_struct_oper_list.matrix[3][3] 
_pdbx_struct_oper_list.vector[3] 
1 'identity operation'         1_555 x,y,z   1.0000000000  0.0000000000 0.0000000000  0.0000000000  0.0000000000 1.0000000000  0.0000000000  0.0000000000  0.0000000000  0.0000000000  1.0000000000 0.0000000000 
2 'crystal symmetry operation' 2_555 -x,-y,z -0.9625739896 0.1678476897 -0.2127873766 25.4575776543 0.1678476897 -0.2472388422 -0.9543060871 -4.1747752119 -0.2127873766 -0.9543060871 0.2098128318 1.1845119583 
# 
_struct_biol.id   1 
# 
loop_
_struct_conf.conf_type_id 
_struct_conf.id 
_struct_conf.pdbx_PDB_helix_id 
_struct_conf.beg_label_comp_id 
_struct_conf.beg_label_asym_id 
_struct_conf.beg_label_seq_id 
_struct_conf.pdbx_beg_PDB_ins_code 
_struct_conf.end_label_comp_id 
_struct_conf.end_label_asym_id 
_struct_conf.end_label_seq_id 
_struct_conf.pdbx_end_PDB_ins_code 
_struct_conf.beg_auth_comp_id 
_struct_conf.beg_auth_asym_id 
_struct_conf.beg_auth_seq_id 
_struct_conf.end_auth_comp_id 
_struct_conf.end_auth_asym_id 
_struct_conf.end_auth_seq_id 
_struct_conf.pdbx_PDB_helix_class 
_struct_conf.details 
_struct_conf.pdbx_PDB_helix_length 
HELX_P HELX_P1 1 ASP A 14  ? ARG A 29  ? ASP A 12  ARG A 27  1 ? 16 
HELX_P HELX_P2 2 SER A 46  ? ASN A 60  ? SER A 44  ASN A 58  1 ? 15 
HELX_P HELX_P3 3 SER A 79  ? GLY A 94  ? SER A 77  GLY A 92  1 ? 16 
HELX_P HELX_P4 4 ASN A 108 ? ALA A 115 ? ASN A 106 ALA A 113 5 ? 8  
HELX_P HELX_P5 5 THR A 127 ? HIS A 147 ? THR A 125 HIS A 145 1 ? 21 
# 
_struct_conf_type.id          HELX_P 
_struct_conf_type.criteria    ? 
_struct_conf_type.reference   ? 
# 
_struct_sheet.id               A 
_struct_sheet.type             ? 
_struct_sheet.number_strands   6 
_struct_sheet.details          ? 
# 
loop_
_struct_sheet_order.sheet_id 
_struct_sheet_order.range_id_1 
_struct_sheet_order.range_id_2 
_struct_sheet_order.offset 
_struct_sheet_order.sense 
A 1 2 ? parallel 
A 2 3 ? parallel 
A 3 4 ? parallel 
A 4 5 ? parallel 
A 5 6 ? parallel 
# 
loop_
_struct_sheet_range.sheet_id 
_struct_sheet_range.id 
_struct_sheet_range.beg_label_comp_id 
_struct_sheet_range.beg_label_asym_id 
_struct_sheet_range.beg_label_seq_id 
_struct_sheet_range.pdbx_beg_PDB_ins_code 
_struct_sheet_range.end_label_comp_id 
_struct_sheet_range.end_label_asym_id 
_struct_sheet_range.end_label_seq_id 
_struct_sheet_range.pdbx_end_PDB_ins_code 
_struct_sheet_range.beg_auth_comp_id 
_struct_sheet_range.beg_auth_asym_id 
_struct_sheet_range.beg_auth_seq_id 
_struct_sheet_range.end_auth_comp_id 
_struct_sheet_range.end_auth_asym_id 
_struct_sheet_range.end_auth_seq_id 
A 1 LYS A 33  ? ILE A 39  ? LYS A 31  ILE A 37  
A 2 ARG A 4   ? ILE A 10  ? ARG A 2   ILE A 8   
A 3 ILE A 97  ? ILE A 101 ? ILE A 95  ILE A 99  
A 4 PHE A 67  ? MET A 71  ? PHE A 65  MET A 69  
A 5 ARG A 117 ? SER A 120 ? ARG A 115 SER A 118 
A 6 GLU A 76  ? GLU A 77  ? GLU A 74  GLU A 75  
# 
loop_
_pdbx_struct_sheet_hbond.sheet_id 
_pdbx_struct_sheet_hbond.range_id_1 
_pdbx_struct_sheet_hbond.range_id_2 
_pdbx_struct_sheet_hbond.range_1_label_atom_id 
_pdbx_struct_sheet_hbond.range_1_label_comp_id 
_pdbx_struct_sheet_hbond.range_1_label_asym_id 
_pdbx_struct_sheet_hbond.range_1_label_seq_id 
_pdbx_struct_sheet_hbond.range_1_PDB_ins_code 
_pdbx_struct_sheet_hbond.range_1_auth_atom_id 
_pdbx_struct_sheet_hbond.range_1_auth_comp_id 
_pdbx_struct_sheet_hbond.range_1_auth_asym_id 
_pdbx_struct_sheet_hbond.range_1_auth_seq_id 
_pdbx_struct_sheet_hbond.range_2_label_atom_id 
_pdbx_struct_sheet_hbond.range_2_label_comp_id 
_pdbx_struct_sheet_hbond.range_2_label_asym_id 
_pdbx_struct_sheet_hbond.range_2_label_seq_id 
_pdbx_struct_sheet_hbond.range_2_PDB_ins_code 
_pdbx_struct_sheet_hbond.range_2_auth_atom_id 
_pdbx_struct_sheet_hbond.range_2_auth_comp_id 
_pdbx_struct_sheet_hbond.range_2_auth_asym_id 
_pdbx_struct_sheet_hbond.range_2_auth_seq_id 
A 1 2 O LEU A 37  ? O LEU A 35  N ILE A 7   ? N ILE A 5   
A 2 3 N ARG A 6   ? N ARG A 4   O ILE A 97  ? O ILE A 95  
A 3 4 O THR A 98  ? O THR A 96  N MET A 69  ? N MET A 67  
A 4 5 N VAL A 70  ? N VAL A 68  O ARG A 117 ? O ARG A 115 
A 5 6 O SER A 120 ? O SER A 118 N GLU A 76  ? N GLU A 74  
# 
loop_
_pdbx_validate_rmsd_angle.id 
_pdbx_validate_rmsd_angle.PDB_model_num 
_pdbx_validate_rmsd_angle.auth_atom_id_1 
_pdbx_validate_rmsd_angle.auth_asym_id_1 
_pdbx_validate_rmsd_angle.auth_comp_id_1 
_pdbx_validate_rmsd_angle.auth_seq_id_1 
_pdbx_validate_rmsd_angle.PDB_ins_code_1 
_pdbx_validate_rmsd_angle.label_alt_id_1 
_pdbx_validate_rmsd_angle.auth_atom_id_2 
_pdbx_validate_rmsd_angle.auth_asym_id_2 
_pdbx_validate_rmsd_angle.auth_comp_id_2 
_pdbx_validate_rmsd_angle.auth_seq_id_2 
_pdbx_validate_rmsd_angle.PDB_ins_code_2 
_pdbx_validate_rmsd_angle.label_alt_id_2 
_pdbx_validate_rmsd_angle.auth_atom_id_3 
_pdbx_validate_rmsd_angle.auth_asym_id_3 
_pdbx_validate_rmsd_angle.auth_comp_id_3 
_pdbx_validate_rmsd_angle.auth_seq_id_3 
_pdbx_validate_rmsd_angle.PDB_ins_code_3 
_pdbx_validate_rmsd_angle.label_alt_id_3 
_pdbx_validate_rmsd_angle.angle_value 
_pdbx_validate_rmsd_angle.angle_target_value 
_pdbx_validate_rmsd_angle.angle_deviation 
_pdbx_validate_rmsd_angle.angle_standard_deviation 
_pdbx_validate_rmsd_angle.linker_flag 
1 1 NE A ARG 2  ? ? CZ A ARG 2  ? ? NH2 A ARG 2  ? ? 124.53 120.30 4.23  0.50 N 
2 1 NE A ARG 27 ? ? CZ A ARG 27 ? ? NH2 A ARG 27 ? ? 115.08 120.30 -5.22 0.50 N 
3 1 NE A ARG 28 ? ? CZ A ARG 28 ? ? NH2 A ARG 28 ? ? 116.28 120.30 -4.02 0.50 N 
4 1 CD A ARG 59 ? ? NE A ARG 59 ? ? CZ  A ARG 59 ? ? 134.48 123.60 10.88 1.40 N 
5 1 NE A ARG 59 ? ? CZ A ARG 59 ? ? NH1 A ARG 59 ? ? 123.59 120.30 3.29  0.50 N 
6 1 NE A ARG 59 ? ? CZ A ARG 59 ? ? NH2 A ARG 59 ? ? 116.53 120.30 -3.77 0.50 N 
7 1 NE A ARG 72 ? ? CZ A ARG 72 ? ? NH2 A ARG 72 ? ? 123.81 120.30 3.51  0.50 N 
# 
loop_
_pdbx_validate_torsion.id 
_pdbx_validate_torsion.PDB_model_num 
_pdbx_validate_torsion.auth_comp_id 
_pdbx_validate_torsion.auth_asym_id 
_pdbx_validate_torsion.auth_seq_id 
_pdbx_validate_torsion.PDB_ins_code 
_pdbx_validate_torsion.label_alt_id 
_pdbx_validate_torsion.phi 
_pdbx_validate_torsion.psi 
1 1 SER A 120 ? ? 178.70 163.16 
2 1 HIS A 145 ? ? -91.61 36.55  
# 
_refine_B_iso.class            all 
_refine_B_iso.treatment        isotropic 
_refine_B_iso.pdbx_refine_id   'X-RAY DIFFRACTION' 
_refine_B_iso.details          ? 
# 
loop_
_pdbx_unobs_or_zero_occ_residues.id 
_pdbx_unobs_or_zero_occ_residues.PDB_model_num 
_pdbx_unobs_or_zero_occ_residues.polymer_flag 
_pdbx_unobs_or_zero_occ_residues.occupancy_flag 
_pdbx_unobs_or_zero_occ_residues.auth_asym_id 
_pdbx_unobs_or_zero_occ_residues.auth_comp_id 
_pdbx_unobs_or_zero_occ_residues.auth_seq_id 
_pdbx_unobs_or_zero_occ_residues.PDB_ins_code 
_pdbx_unobs_or_zero_occ_residues.label_asym_id 
_pdbx_unobs_or_zero_occ_residues.label_comp_id 
_pdbx_unobs_or_zero_occ_residues.label_seq_id 
1  1 Y 1 A MET -1  ? A MET 1   
2  1 Y 1 A SER 0   ? A SER 2   
3  1 Y 1 A ASN 148 ? A ASN 150 
4  1 Y 1 A TYR 149 ? A TYR 151 
5  1 Y 1 A HIS 150 ? A HIS 152 
6  1 Y 1 A TYR 151 ? A TYR 153 
7  1 Y 1 A GLU 152 ? A GLU 154 
8  1 Y 1 A GLY 153 ? A GLY 155 
9  1 Y 1 A GLY 154 ? A GLY 156 
10 1 Y 1 A SER 155 ? A SER 157 
11 1 Y 1 A HIS 156 ? A HIS 158 
12 1 Y 1 A HIS 157 ? A HIS 159 
13 1 Y 1 A HIS 158 ? A HIS 160 
14 1 Y 1 A HIS 159 ? A HIS 161 
15 1 Y 1 A HIS 160 ? A HIS 162 
16 1 Y 1 A HIS 161 ? A HIS 163 
# 
loop_
_chem_comp_atom.comp_id 
_chem_comp_atom.atom_id 
_chem_comp_atom.type_symbol 
_chem_comp_atom.pdbx_aromatic_flag 
_chem_comp_atom.pdbx_stereo_config 
_chem_comp_atom.pdbx_ordinal 
ALA N    N N N 1   
ALA CA   C N S 2   
ALA C    C N N 3   
ALA O    O N N 4   
ALA CB   C N N 5   
ALA OXT  O N N 6   
ALA H    H N N 7   
ALA H2   H N N 8   
ALA HA   H N N 9   
ALA HB1  H N N 10  
ALA HB2  H N N 11  
ALA HB3  H N N 12  
ALA HXT  H N N 13  
ARG N    N N N 14  
ARG CA   C N S 15  
ARG C    C N N 16  
ARG O    O N N 17  
ARG CB   C N N 18  
ARG CG   C N N 19  
ARG CD   C N N 20  
ARG NE   N N N 21  
ARG CZ   C N N 22  
ARG NH1  N N N 23  
ARG NH2  N N N 24  
ARG OXT  O N N 25  
ARG H    H N N 26  
ARG H2   H N N 27  
ARG HA   H N N 28  
ARG HB2  H N N 29  
ARG HB3  H N N 30  
ARG HG2  H N N 31  
ARG HG3  H N N 32  
ARG HD2  H N N 33  
ARG HD3  H N N 34  
ARG HE   H N N 35  
ARG HH11 H N N 36  
ARG HH12 H N N 37  
ARG HH21 H N N 38  
ARG HH22 H N N 39  
ARG HXT  H N N 40  
ASN N    N N N 41  
ASN CA   C N S 42  
ASN C    C N N 43  
ASN O    O N N 44  
ASN CB   C N N 45  
ASN CG   C N N 46  
ASN OD1  O N N 47  
ASN ND2  N N N 48  
ASN OXT  O N N 49  
ASN H    H N N 50  
ASN H2   H N N 51  
ASN HA   H N N 52  
ASN HB2  H N N 53  
ASN HB3  H N N 54  
ASN HD21 H N N 55  
ASN HD22 H N N 56  
ASN HXT  H N N 57  
ASP N    N N N 58  
ASP CA   C N S 59  
ASP C    C N N 60  
ASP O    O N N 61  
ASP CB   C N N 62  
ASP CG   C N N 63  
ASP OD1  O N N 64  
ASP OD2  O N N 65  
ASP OXT  O N N 66  
ASP H    H N N 67  
ASP H2   H N N 68  
ASP HA   H N N 69  
ASP HB2  H N N 70  
ASP HB3  H N N 71  
ASP HD2  H N N 72  
ASP HXT  H N N 73  
CYS N    N N N 74  
CYS CA   C N R 75  
CYS C    C N N 76  
CYS O    O N N 77  
CYS CB   C N N 78  
CYS SG   S N N 79  
CYS OXT  O N N 80  
CYS H    H N N 81  
CYS H2   H N N 82  
CYS HA   H N N 83  
CYS HB2  H N N 84  
CYS HB3  H N N 85  
CYS HG   H N N 86  
CYS HXT  H N N 87  
GLN N    N N N 88  
GLN CA   C N S 89  
GLN C    C N N 90  
GLN O    O N N 91  
GLN CB   C N N 92  
GLN CG   C N N 93  
GLN CD   C N N 94  
GLN OE1  O N N 95  
GLN NE2  N N N 96  
GLN OXT  O N N 97  
GLN H    H N N 98  
GLN H2   H N N 99  
GLN HA   H N N 100 
GLN HB2  H N N 101 
GLN HB3  H N N 102 
GLN HG2  H N N 103 
GLN HG3  H N N 104 
GLN HE21 H N N 105 
GLN HE22 H N N 106 
GLN HXT  H N N 107 
GLU N    N N N 108 
GLU CA   C N S 109 
GLU C    C N N 110 
GLU O    O N N 111 
GLU CB   C N N 112 
GLU CG   C N N 113 
GLU CD   C N N 114 
GLU OE1  O N N 115 
GLU OE2  O N N 116 
GLU OXT  O N N 117 
GLU H    H N N 118 
GLU H2   H N N 119 
GLU HA   H N N 120 
GLU HB2  H N N 121 
GLU HB3  H N N 122 
GLU HG2  H N N 123 
GLU HG3  H N N 124 
GLU HE2  H N N 125 
GLU HXT  H N N 126 
GLY N    N N N 127 
GLY CA   C N N 128 
GLY C    C N N 129 
GLY O    O N N 130 
GLY OXT  O N N 131 
GLY H    H N N 132 
GLY H2   H N N 133 
GLY HA2  H N N 134 
GLY HA3  H N N 135 
GLY HXT  H N N 136 
HIS N    N N N 137 
HIS CA   C N S 138 
HIS C    C N N 139 
HIS O    O N N 140 
HIS CB   C N N 141 
HIS CG   C Y N 142 
HIS ND1  N Y N 143 
HIS CD2  C Y N 144 
HIS CE1  C Y N 145 
HIS NE2  N Y N 146 
HIS OXT  O N N 147 
HIS H    H N N 148 
HIS H2   H N N 149 
HIS HA   H N N 150 
HIS HB2  H N N 151 
HIS HB3  H N N 152 
HIS HD1  H N N 153 
HIS HD2  H N N 154 
HIS HE1  H N N 155 
HIS HE2  H N N 156 
HIS HXT  H N N 157 
HOH O    O N N 158 
HOH H1   H N N 159 
HOH H2   H N N 160 
ILE N    N N N 161 
ILE CA   C N S 162 
ILE C    C N N 163 
ILE O    O N N 164 
ILE CB   C N S 165 
ILE CG1  C N N 166 
ILE CG2  C N N 167 
ILE CD1  C N N 168 
ILE OXT  O N N 169 
ILE H    H N N 170 
ILE H2   H N N 171 
ILE HA   H N N 172 
ILE HB   H N N 173 
ILE HG12 H N N 174 
ILE HG13 H N N 175 
ILE HG21 H N N 176 
ILE HG22 H N N 177 
ILE HG23 H N N 178 
ILE HD11 H N N 179 
ILE HD12 H N N 180 
ILE HD13 H N N 181 
ILE HXT  H N N 182 
LEU N    N N N 183 
LEU CA   C N S 184 
LEU C    C N N 185 
LEU O    O N N 186 
LEU CB   C N N 187 
LEU CG   C N N 188 
LEU CD1  C N N 189 
LEU CD2  C N N 190 
LEU OXT  O N N 191 
LEU H    H N N 192 
LEU H2   H N N 193 
LEU HA   H N N 194 
LEU HB2  H N N 195 
LEU HB3  H N N 196 
LEU HG   H N N 197 
LEU HD11 H N N 198 
LEU HD12 H N N 199 
LEU HD13 H N N 200 
LEU HD21 H N N 201 
LEU HD22 H N N 202 
LEU HD23 H N N 203 
LEU HXT  H N N 204 
LYS N    N N N 205 
LYS CA   C N S 206 
LYS C    C N N 207 
LYS O    O N N 208 
LYS CB   C N N 209 
LYS CG   C N N 210 
LYS CD   C N N 211 
LYS CE   C N N 212 
LYS NZ   N N N 213 
LYS OXT  O N N 214 
LYS H    H N N 215 
LYS H2   H N N 216 
LYS HA   H N N 217 
LYS HB2  H N N 218 
LYS HB3  H N N 219 
LYS HG2  H N N 220 
LYS HG3  H N N 221 
LYS HD2  H N N 222 
LYS HD3  H N N 223 
LYS HE2  H N N 224 
LYS HE3  H N N 225 
LYS HZ1  H N N 226 
LYS HZ2  H N N 227 
LYS HZ3  H N N 228 
LYS HXT  H N N 229 
MET N    N N N 230 
MET CA   C N S 231 
MET C    C N N 232 
MET O    O N N 233 
MET CB   C N N 234 
MET CG   C N N 235 
MET SD   S N N 236 
MET CE   C N N 237 
MET OXT  O N N 238 
MET H    H N N 239 
MET H2   H N N 240 
MET HA   H N N 241 
MET HB2  H N N 242 
MET HB3  H N N 243 
MET HG2  H N N 244 
MET HG3  H N N 245 
MET HE1  H N N 246 
MET HE2  H N N 247 
MET HE3  H N N 248 
MET HXT  H N N 249 
PHE N    N N N 250 
PHE CA   C N S 251 
PHE C    C N N 252 
PHE O    O N N 253 
PHE CB   C N N 254 
PHE CG   C Y N 255 
PHE CD1  C Y N 256 
PHE CD2  C Y N 257 
PHE CE1  C Y N 258 
PHE CE2  C Y N 259 
PHE CZ   C Y N 260 
PHE OXT  O N N 261 
PHE H    H N N 262 
PHE H2   H N N 263 
PHE HA   H N N 264 
PHE HB2  H N N 265 
PHE HB3  H N N 266 
PHE HD1  H N N 267 
PHE HD2  H N N 268 
PHE HE1  H N N 269 
PHE HE2  H N N 270 
PHE HZ   H N N 271 
PHE HXT  H N N 272 
PRO N    N N N 273 
PRO CA   C N S 274 
PRO C    C N N 275 
PRO O    O N N 276 
PRO CB   C N N 277 
PRO CG   C N N 278 
PRO CD   C N N 279 
PRO OXT  O N N 280 
PRO H    H N N 281 
PRO HA   H N N 282 
PRO HB2  H N N 283 
PRO HB3  H N N 284 
PRO HG2  H N N 285 
PRO HG3  H N N 286 
PRO HD2  H N N 287 
PRO HD3  H N N 288 
PRO HXT  H N N 289 
SER N    N N N 290 
SER CA   C N S 291 
SER C    C N N 292 
SER O    O N N 293 
SER CB   C N N 294 
SER OG   O N N 295 
SER OXT  O N N 296 
SER H    H N N 297 
SER H2   H N N 298 
SER HA   H N N 299 
SER HB2  H N N 300 
SER HB3  H N N 301 
SER HG   H N N 302 
SER HXT  H N N 303 
THR N    N N N 304 
THR CA   C N S 305 
THR C    C N N 306 
THR O    O N N 307 
THR CB   C N R 308 
THR OG1  O N N 309 
THR CG2  C N N 310 
THR OXT  O N N 311 
THR H    H N N 312 
THR H2   H N N 313 
THR HA   H N N 314 
THR HB   H N N 315 
THR HG1  H N N 316 
THR HG21 H N N 317 
THR HG22 H N N 318 
THR HG23 H N N 319 
THR HXT  H N N 320 
TYR N    N N N 321 
TYR CA   C N S 322 
TYR C    C N N 323 
TYR O    O N N 324 
TYR CB   C N N 325 
TYR CG   C Y N 326 
TYR CD1  C Y N 327 
TYR CD2  C Y N 328 
TYR CE1  C Y N 329 
TYR CE2  C Y N 330 
TYR CZ   C Y N 331 
TYR OH   O N N 332 
TYR OXT  O N N 333 
TYR H    H N N 334 
TYR H2   H N N 335 
TYR HA   H N N 336 
TYR HB2  H N N 337 
TYR HB3  H N N 338 
TYR HD1  H N N 339 
TYR HD2  H N N 340 
TYR HE1  H N N 341 
TYR HE2  H N N 342 
TYR HH   H N N 343 
TYR HXT  H N N 344 
VAL N    N N N 345 
VAL CA   C N S 346 
VAL C    C N N 347 
VAL O    O N N 348 
VAL CB   C N N 349 
VAL CG1  C N N 350 
VAL CG2  C N N 351 
VAL OXT  O N N 352 
VAL H    H N N 353 
VAL H2   H N N 354 
VAL HA   H N N 355 
VAL HB   H N N 356 
VAL HG11 H N N 357 
VAL HG12 H N N 358 
VAL HG13 H N N 359 
VAL HG21 H N N 360 
VAL HG22 H N N 361 
VAL HG23 H N N 362 
VAL HXT  H N N 363 
# 
loop_
_chem_comp_bond.comp_id 
_chem_comp_bond.atom_id_1 
_chem_comp_bond.atom_id_2 
_chem_comp_bond.value_order 
_chem_comp_bond.pdbx_aromatic_flag 
_chem_comp_bond.pdbx_stereo_config 
_chem_comp_bond.pdbx_ordinal 
ALA N   CA   sing N N 1   
ALA N   H    sing N N 2   
ALA N   H2   sing N N 3   
ALA CA  C    sing N N 4   
ALA CA  CB   sing N N 5   
ALA CA  HA   sing N N 6   
ALA C   O    doub N N 7   
ALA C   OXT  sing N N 8   
ALA CB  HB1  sing N N 9   
ALA CB  HB2  sing N N 10  
ALA CB  HB3  sing N N 11  
ALA OXT HXT  sing N N 12  
ARG N   CA   sing N N 13  
ARG N   H    sing N N 14  
ARG N   H2   sing N N 15  
ARG CA  C    sing N N 16  
ARG CA  CB   sing N N 17  
ARG CA  HA   sing N N 18  
ARG C   O    doub N N 19  
ARG C   OXT  sing N N 20  
ARG CB  CG   sing N N 21  
ARG CB  HB2  sing N N 22  
ARG CB  HB3  sing N N 23  
ARG CG  CD   sing N N 24  
ARG CG  HG2  sing N N 25  
ARG CG  HG3  sing N N 26  
ARG CD  NE   sing N N 27  
ARG CD  HD2  sing N N 28  
ARG CD  HD3  sing N N 29  
ARG NE  CZ   sing N N 30  
ARG NE  HE   sing N N 31  
ARG CZ  NH1  sing N N 32  
ARG CZ  NH2  doub N N 33  
ARG NH1 HH11 sing N N 34  
ARG NH1 HH12 sing N N 35  
ARG NH2 HH21 sing N N 36  
ARG NH2 HH22 sing N N 37  
ARG OXT HXT  sing N N 38  
ASN N   CA   sing N N 39  
ASN N   H    sing N N 40  
ASN N   H2   sing N N 41  
ASN CA  C    sing N N 42  
ASN CA  CB   sing N N 43  
ASN CA  HA   sing N N 44  
ASN C   O    doub N N 45  
ASN C   OXT  sing N N 46  
ASN CB  CG   sing N N 47  
ASN CB  HB2  sing N N 48  
ASN CB  HB3  sing N N 49  
ASN CG  OD1  doub N N 50  
ASN CG  ND2  sing N N 51  
ASN ND2 HD21 sing N N 52  
ASN ND2 HD22 sing N N 53  
ASN OXT HXT  sing N N 54  
ASP N   CA   sing N N 55  
ASP N   H    sing N N 56  
ASP N   H2   sing N N 57  
ASP CA  C    sing N N 58  
ASP CA  CB   sing N N 59  
ASP CA  HA   sing N N 60  
ASP C   O    doub N N 61  
ASP C   OXT  sing N N 62  
ASP CB  CG   sing N N 63  
ASP CB  HB2  sing N N 64  
ASP CB  HB3  sing N N 65  
ASP CG  OD1  doub N N 66  
ASP CG  OD2  sing N N 67  
ASP OD2 HD2  sing N N 68  
ASP OXT HXT  sing N N 69  
CYS N   CA   sing N N 70  
CYS N   H    sing N N 71  
CYS N   H2   sing N N 72  
CYS CA  C    sing N N 73  
CYS CA  CB   sing N N 74  
CYS CA  HA   sing N N 75  
CYS C   O    doub N N 76  
CYS C   OXT  sing N N 77  
CYS CB  SG   sing N N 78  
CYS CB  HB2  sing N N 79  
CYS CB  HB3  sing N N 80  
CYS SG  HG   sing N N 81  
CYS OXT HXT  sing N N 82  
GLN N   CA   sing N N 83  
GLN N   H    sing N N 84  
GLN N   H2   sing N N 85  
GLN CA  C    sing N N 86  
GLN CA  CB   sing N N 87  
GLN CA  HA   sing N N 88  
GLN C   O    doub N N 89  
GLN C   OXT  sing N N 90  
GLN CB  CG   sing N N 91  
GLN CB  HB2  sing N N 92  
GLN CB  HB3  sing N N 93  
GLN CG  CD   sing N N 94  
GLN CG  HG2  sing N N 95  
GLN CG  HG3  sing N N 96  
GLN CD  OE1  doub N N 97  
GLN CD  NE2  sing N N 98  
GLN NE2 HE21 sing N N 99  
GLN NE2 HE22 sing N N 100 
GLN OXT HXT  sing N N 101 
GLU N   CA   sing N N 102 
GLU N   H    sing N N 103 
GLU N   H2   sing N N 104 
GLU CA  C    sing N N 105 
GLU CA  CB   sing N N 106 
GLU CA  HA   sing N N 107 
GLU C   O    doub N N 108 
GLU C   OXT  sing N N 109 
GLU CB  CG   sing N N 110 
GLU CB  HB2  sing N N 111 
GLU CB  HB3  sing N N 112 
GLU CG  CD   sing N N 113 
GLU CG  HG2  sing N N 114 
GLU CG  HG3  sing N N 115 
GLU CD  OE1  doub N N 116 
GLU CD  OE2  sing N N 117 
GLU OE2 HE2  sing N N 118 
GLU OXT HXT  sing N N 119 
GLY N   CA   sing N N 120 
GLY N   H    sing N N 121 
GLY N   H2   sing N N 122 
GLY CA  C    sing N N 123 
GLY CA  HA2  sing N N 124 
GLY CA  HA3  sing N N 125 
GLY C   O    doub N N 126 
GLY C   OXT  sing N N 127 
GLY OXT HXT  sing N N 128 
HIS N   CA   sing N N 129 
HIS N   H    sing N N 130 
HIS N   H2   sing N N 131 
HIS CA  C    sing N N 132 
HIS CA  CB   sing N N 133 
HIS CA  HA   sing N N 134 
HIS C   O    doub N N 135 
HIS C   OXT  sing N N 136 
HIS CB  CG   sing N N 137 
HIS CB  HB2  sing N N 138 
HIS CB  HB3  sing N N 139 
HIS CG  ND1  sing Y N 140 
HIS CG  CD2  doub Y N 141 
HIS ND1 CE1  doub Y N 142 
HIS ND1 HD1  sing N N 143 
HIS CD2 NE2  sing Y N 144 
HIS CD2 HD2  sing N N 145 
HIS CE1 NE2  sing Y N 146 
HIS CE1 HE1  sing N N 147 
HIS NE2 HE2  sing N N 148 
HIS OXT HXT  sing N N 149 
HOH O   H1   sing N N 150 
HOH O   H2   sing N N 151 
ILE N   CA   sing N N 152 
ILE N   H    sing N N 153 
ILE N   H2   sing N N 154 
ILE CA  C    sing N N 155 
ILE CA  CB   sing N N 156 
ILE CA  HA   sing N N 157 
ILE C   O    doub N N 158 
ILE C   OXT  sing N N 159 
ILE CB  CG1  sing N N 160 
ILE CB  CG2  sing N N 161 
ILE CB  HB   sing N N 162 
ILE CG1 CD1  sing N N 163 
ILE CG1 HG12 sing N N 164 
ILE CG1 HG13 sing N N 165 
ILE CG2 HG21 sing N N 166 
ILE CG2 HG22 sing N N 167 
ILE CG2 HG23 sing N N 168 
ILE CD1 HD11 sing N N 169 
ILE CD1 HD12 sing N N 170 
ILE CD1 HD13 sing N N 171 
ILE OXT HXT  sing N N 172 
LEU N   CA   sing N N 173 
LEU N   H    sing N N 174 
LEU N   H2   sing N N 175 
LEU CA  C    sing N N 176 
LEU CA  CB   sing N N 177 
LEU CA  HA   sing N N 178 
LEU C   O    doub N N 179 
LEU C   OXT  sing N N 180 
LEU CB  CG   sing N N 181 
LEU CB  HB2  sing N N 182 
LEU CB  HB3  sing N N 183 
LEU CG  CD1  sing N N 184 
LEU CG  CD2  sing N N 185 
LEU CG  HG   sing N N 186 
LEU CD1 HD11 sing N N 187 
LEU CD1 HD12 sing N N 188 
LEU CD1 HD13 sing N N 189 
LEU CD2 HD21 sing N N 190 
LEU CD2 HD22 sing N N 191 
LEU CD2 HD23 sing N N 192 
LEU OXT HXT  sing N N 193 
LYS N   CA   sing N N 194 
LYS N   H    sing N N 195 
LYS N   H2   sing N N 196 
LYS CA  C    sing N N 197 
LYS CA  CB   sing N N 198 
LYS CA  HA   sing N N 199 
LYS C   O    doub N N 200 
LYS C   OXT  sing N N 201 
LYS CB  CG   sing N N 202 
LYS CB  HB2  sing N N 203 
LYS CB  HB3  sing N N 204 
LYS CG  CD   sing N N 205 
LYS CG  HG2  sing N N 206 
LYS CG  HG3  sing N N 207 
LYS CD  CE   sing N N 208 
LYS CD  HD2  sing N N 209 
LYS CD  HD3  sing N N 210 
LYS CE  NZ   sing N N 211 
LYS CE  HE2  sing N N 212 
LYS CE  HE3  sing N N 213 
LYS NZ  HZ1  sing N N 214 
LYS NZ  HZ2  sing N N 215 
LYS NZ  HZ3  sing N N 216 
LYS OXT HXT  sing N N 217 
MET N   CA   sing N N 218 
MET N   H    sing N N 219 
MET N   H2   sing N N 220 
MET CA  C    sing N N 221 
MET CA  CB   sing N N 222 
MET CA  HA   sing N N 223 
MET C   O    doub N N 224 
MET C   OXT  sing N N 225 
MET CB  CG   sing N N 226 
MET CB  HB2  sing N N 227 
MET CB  HB3  sing N N 228 
MET CG  SD   sing N N 229 
MET CG  HG2  sing N N 230 
MET CG  HG3  sing N N 231 
MET SD  CE   sing N N 232 
MET CE  HE1  sing N N 233 
MET CE  HE2  sing N N 234 
MET CE  HE3  sing N N 235 
MET OXT HXT  sing N N 236 
PHE N   CA   sing N N 237 
PHE N   H    sing N N 238 
PHE N   H2   sing N N 239 
PHE CA  C    sing N N 240 
PHE CA  CB   sing N N 241 
PHE CA  HA   sing N N 242 
PHE C   O    doub N N 243 
PHE C   OXT  sing N N 244 
PHE CB  CG   sing N N 245 
PHE CB  HB2  sing N N 246 
PHE CB  HB3  sing N N 247 
PHE CG  CD1  doub Y N 248 
PHE CG  CD2  sing Y N 249 
PHE CD1 CE1  sing Y N 250 
PHE CD1 HD1  sing N N 251 
PHE CD2 CE2  doub Y N 252 
PHE CD2 HD2  sing N N 253 
PHE CE1 CZ   doub Y N 254 
PHE CE1 HE1  sing N N 255 
PHE CE2 CZ   sing Y N 256 
PHE CE2 HE2  sing N N 257 
PHE CZ  HZ   sing N N 258 
PHE OXT HXT  sing N N 259 
PRO N   CA   sing N N 260 
PRO N   CD   sing N N 261 
PRO N   H    sing N N 262 
PRO CA  C    sing N N 263 
PRO CA  CB   sing N N 264 
PRO CA  HA   sing N N 265 
PRO C   O    doub N N 266 
PRO C   OXT  sing N N 267 
PRO CB  CG   sing N N 268 
PRO CB  HB2  sing N N 269 
PRO CB  HB3  sing N N 270 
PRO CG  CD   sing N N 271 
PRO CG  HG2  sing N N 272 
PRO CG  HG3  sing N N 273 
PRO CD  HD2  sing N N 274 
PRO CD  HD3  sing N N 275 
PRO OXT HXT  sing N N 276 
SER N   CA   sing N N 277 
SER N   H    sing N N 278 
SER N   H2   sing N N 279 
SER CA  C    sing N N 280 
SER CA  CB   sing N N 281 
SER CA  HA   sing N N 282 
SER C   O    doub N N 283 
SER C   OXT  sing N N 284 
SER CB  OG   sing N N 285 
SER CB  HB2  sing N N 286 
SER CB  HB3  sing N N 287 
SER OG  HG   sing N N 288 
SER OXT HXT  sing N N 289 
THR N   CA   sing N N 290 
THR N   H    sing N N 291 
THR N   H2   sing N N 292 
THR CA  C    sing N N 293 
THR CA  CB   sing N N 294 
THR CA  HA   sing N N 295 
THR C   O    doub N N 296 
THR C   OXT  sing N N 297 
THR CB  OG1  sing N N 298 
THR CB  CG2  sing N N 299 
THR CB  HB   sing N N 300 
THR OG1 HG1  sing N N 301 
THR CG2 HG21 sing N N 302 
THR CG2 HG22 sing N N 303 
THR CG2 HG23 sing N N 304 
THR OXT HXT  sing N N 305 
TYR N   CA   sing N N 306 
TYR N   H    sing N N 307 
TYR N   H2   sing N N 308 
TYR CA  C    sing N N 309 
TYR CA  CB   sing N N 310 
TYR CA  HA   sing N N 311 
TYR C   O    doub N N 312 
TYR C   OXT  sing N N 313 
TYR CB  CG   sing N N 314 
TYR CB  HB2  sing N N 315 
TYR CB  HB3  sing N N 316 
TYR CG  CD1  doub Y N 317 
TYR CG  CD2  sing Y N 318 
TYR CD1 CE1  sing Y N 319 
TYR CD1 HD1  sing N N 320 
TYR CD2 CE2  doub Y N 321 
TYR CD2 HD2  sing N N 322 
TYR CE1 CZ   doub Y N 323 
TYR CE1 HE1  sing N N 324 
TYR CE2 CZ   sing Y N 325 
TYR CE2 HE2  sing N N 326 
TYR CZ  OH   sing N N 327 
TYR OH  HH   sing N N 328 
TYR OXT HXT  sing N N 329 
VAL N   CA   sing N N 330 
VAL N   H    sing N N 331 
VAL N   H2   sing N N 332 
VAL CA  C    sing N N 333 
VAL CA  CB   sing N N 334 
VAL CA  HA   sing N N 335 
VAL C   O    doub N N 336 
VAL C   OXT  sing N N 337 
VAL CB  CG1  sing N N 338 
VAL CB  CG2  sing N N 339 
VAL CB  HB   sing N N 340 
VAL CG1 HG11 sing N N 341 
VAL CG1 HG12 sing N N 342 
VAL CG1 HG13 sing N N 343 
VAL CG2 HG21 sing N N 344 
VAL CG2 HG22 sing N N 345 
VAL CG2 HG23 sing N N 346 
VAL OXT HXT  sing N N 347 
# 
_atom_sites.entry_id                    1O6D 
_atom_sites.fract_transf_matrix[1][1]   0.00139128 
_atom_sites.fract_transf_matrix[1][2]   0.01670418 
_atom_sites.fract_transf_matrix[1][3]   0.01342104 
_atom_sites.fract_transf_matrix[2][1]   -0.01020999 
_atom_sites.fract_transf_matrix[2][2]   0.00140363 
_atom_sites.fract_transf_matrix[2][3]   -0.00068859 
_atom_sites.fract_transf_matrix[3][1]   -0.00394080 
_atom_sites.fract_transf_matrix[3][2]   -0.01767367 
_atom_sites.fract_transf_matrix[3][3]   0.02240563 
_atom_sites.fract_transf_vector[1]      0.009210 
_atom_sites.fract_transf_vector[2]      0.133299 
_atom_sites.fract_transf_vector[3]      0.312002 
# 
loop_
_atom_type.symbol 
C 
N 
O 
S 
# 
loop_
_atom_site.group_PDB 
_atom_site.id 
_atom_site.type_symbol 
_atom_site.label_atom_id 
_atom_site.label_alt_id 
_atom_site.label_comp_id 
_atom_site.label_asym_id 
_atom_site.label_entity_id 
_atom_site.label_seq_id 
_atom_site.pdbx_PDB_ins_code 
_atom_site.Cartn_x 
_atom_site.Cartn_y 
_atom_site.Cartn_z 
_atom_site.occupancy 
_atom_site.B_iso_or_equiv 
_atom_site.pdbx_formal_charge 
_atom_site.auth_seq_id 
_atom_site.auth_comp_id 
_atom_site.auth_asym_id 
_atom_site.auth_atom_id 
_atom_site.pdbx_PDB_model_num 
ATOM   1    N N   . LEU A 1 3   ? -7.584  9.001   11.463  1.00 36.89 ? 1   LEU A N   1 
ATOM   2    C CA  . LEU A 1 3   ? -6.912  8.811   10.103  1.00 32.62 ? 1   LEU A CA  1 
ATOM   3    C C   . LEU A 1 3   ? -6.583  7.335   9.937   1.00 28.90 ? 1   LEU A C   1 
ATOM   4    O O   . LEU A 1 3   ? -5.691  6.780   10.570  1.00 27.72 ? 1   LEU A O   1 
ATOM   5    C CB  . LEU A 1 3   ? -5.708  9.713   10.058  1.00 41.29 ? 1   LEU A CB  1 
ATOM   6    C CG  . LEU A 1 3   ? -5.103  10.135  8.719   1.00 42.49 ? 1   LEU A CG  1 
ATOM   7    C CD1 . LEU A 1 3   ? -4.655  8.914   7.933   1.00 44.07 ? 1   LEU A CD1 1 
ATOM   8    C CD2 . LEU A 1 3   ? -6.059  11.006  7.931   1.00 40.81 ? 1   LEU A CD2 1 
ATOM   9    N N   . ARG A 1 4   ? -7.263  6.624   9.004   1.00 23.02 ? 2   ARG A N   1 
ATOM   10   C CA  . ARG A 1 4   ? -6.983  5.199   8.897   1.00 22.64 ? 2   ARG A CA  1 
ATOM   11   C C   . ARG A 1 4   ? -6.005  4.956   7.716   1.00 21.68 ? 2   ARG A C   1 
ATOM   12   O O   . ARG A 1 4   ? -6.212  5.655   6.726   1.00 22.98 ? 2   ARG A O   1 
ATOM   13   C CB  . ARG A 1 4   ? -8.327  4.515   8.529   1.00 21.42 ? 2   ARG A CB  1 
ATOM   14   C CG  . ARG A 1 4   ? -9.037  3.981   9.784   1.00 25.78 ? 2   ARG A CG  1 
ATOM   15   C CD  . ARG A 1 4   ? -10.404 3.447   9.311   1.00 28.15 ? 2   ARG A CD  1 
ATOM   16   N NE  . ARG A 1 4   ? -11.307 3.341   10.478  1.00 26.27 ? 2   ARG A NE  1 
ATOM   17   C CZ  . ARG A 1 4   ? -11.189 2.310   11.289  1.00 27.98 ? 2   ARG A CZ  1 
ATOM   18   N NH1 . ARG A 1 4   ? -10.259 1.377   11.034  1.00 36.66 ? 2   ARG A NH1 1 
ATOM   19   N NH2 . ARG A 1 4   ? -11.951 2.103   12.360  1.00 32.16 ? 2   ARG A NH2 1 
ATOM   20   N N   . VAL A 1 5   ? -5.125  3.999   7.874   1.00 22.49 ? 3   VAL A N   1 
ATOM   21   C CA  . VAL A 1 5   ? -4.209  3.633   6.777   1.00 23.59 ? 3   VAL A CA  1 
ATOM   22   C C   . VAL A 1 5   ? -4.358  2.129   6.535   1.00 21.60 ? 3   VAL A C   1 
ATOM   23   O O   . VAL A 1 5   ? -3.910  1.331   7.361   1.00 25.50 ? 3   VAL A O   1 
ATOM   24   C CB  . VAL A 1 5   ? -2.767  4.008   7.124   1.00 24.63 ? 3   VAL A CB  1 
ATOM   25   C CG1 . VAL A 1 5   ? -1.811  3.568   5.996   1.00 28.16 ? 3   VAL A CG1 1 
ATOM   26   C CG2 . VAL A 1 5   ? -2.630  5.507   7.336   1.00 28.25 ? 3   VAL A CG2 1 
ATOM   27   N N   . ARG A 1 6   ? -5.025  1.756   5.462   1.00 22.47 ? 4   ARG A N   1 
ATOM   28   C CA  . ARG A 1 6   ? -5.154  0.334   5.142   1.00 19.42 ? 4   ARG A CA  1 
ATOM   29   C C   . ARG A 1 6   ? -4.187  -0.001  3.942   1.00 18.63 ? 4   ARG A C   1 
ATOM   30   O O   . ARG A 1 6   ? -4.427  0.635   2.933   1.00 20.99 ? 4   ARG A O   1 
ATOM   31   C CB  . ARG A 1 6   ? -6.549  -0.049  4.722   1.00 23.19 ? 4   ARG A CB  1 
ATOM   32   C CG  . ARG A 1 6   ? -6.743  -1.451  4.162   1.00 25.36 ? 4   ARG A CG  1 
ATOM   33   C CD  . ARG A 1 6   ? -8.209  -1.668  3.760   1.00 28.50 ? 4   ARG A CD  1 
ATOM   34   N NE  . ARG A 1 6   ? -8.982  -2.036  4.949   1.00 32.86 ? 4   ARG A NE  1 
ATOM   35   C CZ  . ARG A 1 6   ? -10.198 -2.554  4.947   1.00 33.61 ? 4   ARG A CZ  1 
ATOM   36   N NH1 . ARG A 1 6   ? -10.835 -2.790  3.816   1.00 30.57 ? 4   ARG A NH1 1 
ATOM   37   N NH2 . ARG A 1 6   ? -10.768 -2.868  6.126   1.00 32.21 ? 4   ARG A NH2 1 
ATOM   38   N N   . ILE A 1 7   ? -3.537  -1.082  4.139   1.00 16.74 ? 5   ILE A N   1 
ATOM   39   C CA  . ILE A 1 7   ? -2.703  -1.678  3.070   1.00 16.95 ? 5   ILE A CA  1 
ATOM   40   C C   . ILE A 1 7   ? -3.337  -3.041  2.733   1.00 19.73 ? 5   ILE A C   1 
ATOM   41   O O   . ILE A 1 7   ? -3.422  -3.877  3.645   1.00 20.39 ? 5   ILE A O   1 
ATOM   42   C CB  . ILE A 1 7   ? -1.240  -1.887  3.482   1.00 21.01 ? 5   ILE A CB  1 
ATOM   43   C CG1 . ILE A 1 7   ? -0.561  -0.572  3.824   1.00 21.13 ? 5   ILE A CG1 1 
ATOM   44   C CG2 . ILE A 1 7   ? -0.462  -2.664  2.413   1.00 23.04 ? 5   ILE A CG2 1 
ATOM   45   C CD1 . ILE A 1 7   ? 0.870   -0.647  4.322   1.00 21.10 ? 5   ILE A CD1 1 
ATOM   46   N N   . ALA A 1 8   ? -3.826  -3.198  1.525   1.00 18.64 ? 6   ALA A N   1 
ATOM   47   C CA  . ALA A 1 8   ? -4.352  -4.513  1.108   1.00 18.80 ? 6   ALA A CA  1 
ATOM   48   C C   . ALA A 1 8   ? -3.280  -5.137  0.205   1.00 19.55 ? 6   ALA A C   1 
ATOM   49   O O   . ALA A 1 8   ? -2.878  -4.426  -0.756  1.00 18.77 ? 6   ALA A O   1 
ATOM   50   C CB  . ALA A 1 8   ? -5.683  -4.396  0.445   1.00 22.23 ? 6   ALA A CB  1 
ATOM   51   N N   . VAL A 1 9   ? -2.906  -6.375  0.427   1.00 20.61 ? 7   VAL A N   1 
ATOM   52   C CA  . VAL A 1 9   ? -1.832  -7.011  -0.319  1.00 19.57 ? 7   VAL A CA  1 
ATOM   53   C C   . VAL A 1 9   ? -2.210  -8.427  -0.746  1.00 21.48 ? 7   VAL A C   1 
ATOM   54   O O   . VAL A 1 9   ? -2.780  -9.169  0.041   1.00 21.74 ? 7   VAL A O   1 
ATOM   55   C CB  . VAL A 1 9   ? -0.524  -7.014  0.484   1.00 16.27 ? 7   VAL A CB  1 
ATOM   56   C CG1 . VAL A 1 9   ? -0.650  -7.758  1.830   1.00 18.81 ? 7   VAL A CG1 1 
ATOM   57   C CG2 . VAL A 1 9   ? 0.651   -7.649  -0.260  1.00 18.33 ? 7   VAL A CG2 1 
ATOM   58   N N   . ILE A 1 10  ? -1.986  -8.748  -2.018  1.00 21.98 ? 8   ILE A N   1 
ATOM   59   C CA  . ILE A 1 10  ? -2.227  -10.112 -2.514  1.00 21.11 ? 8   ILE A CA  1 
ATOM   60   C C   . ILE A 1 10  ? -1.060  -10.989 -2.087  1.00 23.31 ? 8   ILE A C   1 
ATOM   61   O O   . ILE A 1 10  ? 0.129   -10.667 -2.306  1.00 22.32 ? 8   ILE A O   1 
ATOM   62   C CB  . ILE A 1 10  ? -2.267  -10.079 -4.060  1.00 22.46 ? 8   ILE A CB  1 
ATOM   63   C CG1 . ILE A 1 10  ? -3.422  -9.317  -4.661  1.00 21.89 ? 8   ILE A CG1 1 
ATOM   64   C CG2 . ILE A 1 10  ? -2.260  -11.523 -4.642  1.00 22.71 ? 8   ILE A CG2 1 
ATOM   65   C CD1 . ILE A 1 10  ? -4.822  -9.788  -4.289  1.00 24.30 ? 8   ILE A CD1 1 
ATOM   66   N N   . GLY A 1 11  ? -1.330  -12.125 -1.445  1.00 25.38 ? 9   GLY A N   1 
ATOM   67   C CA  . GLY A 1 11  ? -0.266  -13.040 -1.099  1.00 27.52 ? 9   GLY A CA  1 
ATOM   68   C C   . GLY A 1 11  ? 0.013   -13.222 0.370   1.00 30.83 ? 9   GLY A C   1 
ATOM   69   O O   . GLY A 1 11  ? -0.020  -12.300 1.177   1.00 31.66 ? 9   GLY A O   1 
ATOM   70   N N   . LYS A 1 12  ? 0.443   -14.437 0.731   1.00 32.91 ? 10  LYS A N   1 
ATOM   71   C CA  . LYS A 1 12  ? 0.705   -14.743 2.138   1.00 33.21 ? 10  LYS A CA  1 
ATOM   72   C C   . LYS A 1 12  ? 1.979   -14.042 2.588   1.00 32.95 ? 10  LYS A C   1 
ATOM   73   O O   . LYS A 1 12  ? 2.968   -14.002 1.847   1.00 34.33 ? 10  LYS A O   1 
ATOM   74   C CB  . LYS A 1 12  ? 0.794   -16.255 2.311   1.00 36.86 ? 10  LYS A CB  1 
ATOM   75   C CG  . LYS A 1 12  ? 0.911   -16.766 3.724   1.00 42.07 ? 10  LYS A CG  1 
ATOM   76   C CD  . LYS A 1 12  ? -0.268  -16.409 4.608   1.00 46.19 ? 10  LYS A CD  1 
ATOM   77   C CE  . LYS A 1 12  ? 0.025   -16.676 6.083   1.00 48.45 ? 10  LYS A CE  1 
ATOM   78   N NZ  . LYS A 1 12  ? 0.888   -15.623 6.710   1.00 47.33 ? 10  LYS A NZ  1 
ATOM   79   N N   . LEU A 1 13  ? 1.941   -13.421 3.755   1.00 31.16 ? 11  LEU A N   1 
ATOM   80   C CA  . LEU A 1 13  ? 3.132   -12.750 4.236   1.00 31.63 ? 11  LEU A CA  1 
ATOM   81   C C   . LEU A 1 13  ? 4.047   -13.651 5.052   1.00 31.72 ? 11  LEU A C   1 
ATOM   82   O O   . LEU A 1 13  ? 3.518   -14.339 5.922   1.00 33.31 ? 11  LEU A O   1 
ATOM   83   C CB  . LEU A 1 13  ? 2.694   -11.540 5.081   1.00 27.31 ? 11  LEU A CB  1 
ATOM   84   C CG  . LEU A 1 13  ? 1.750   -10.590 4.312   1.00 27.63 ? 11  LEU A CG  1 
ATOM   85   C CD1 . LEU A 1 13  ? 1.212   -9.514  5.246   1.00 27.48 ? 11  LEU A CD1 1 
ATOM   86   C CD2 . LEU A 1 13  ? 2.501   -9.912  3.155   1.00 27.53 ? 11  LEU A CD2 1 
ATOM   87   N N   . ASP A 1 14  ? 5.343   -13.606 4.795   1.00 32.04 ? 12  ASP A N   1 
ATOM   88   C CA  . ASP A 1 14  ? 6.302   -14.413 5.577   1.00 30.66 ? 12  ASP A CA  1 
ATOM   89   C C   . ASP A 1 14  ? 6.314   -14.009 7.052   1.00 27.97 ? 12  ASP A C   1 
ATOM   90   O O   . ASP A 1 14  ? 5.898   -12.927 7.453   1.00 25.58 ? 12  ASP A O   1 
ATOM   91   C CB  . ASP A 1 14  ? 7.719   -14.267 5.014   1.00 35.45 ? 12  ASP A CB  1 
ATOM   92   C CG  . ASP A 1 14  ? 7.932   -14.869 3.642   1.00 39.39 ? 12  ASP A CG  1 
ATOM   93   O OD1 . ASP A 1 14  ? 7.684   -16.081 3.472   1.00 44.93 ? 12  ASP A OD1 1 
ATOM   94   O OD2 . ASP A 1 14  ? 8.410   -14.151 2.729   1.00 39.28 ? 12  ASP A OD2 1 
ATOM   95   N N   . GLY A 1 15  ? 6.815   -14.914 7.920   1.00 28.57 ? 13  GLY A N   1 
ATOM   96   C CA  . GLY A 1 15  ? 6.930   -14.658 9.336   1.00 27.66 ? 13  GLY A CA  1 
ATOM   97   C C   . GLY A 1 15  ? 7.572   -13.324 9.685   1.00 25.97 ? 13  GLY A C   1 
ATOM   98   O O   . GLY A 1 15  ? 6.956   -12.503 10.364  1.00 25.72 ? 13  GLY A O   1 
ATOM   99   N N   . PHE A 1 16  ? 8.776   -13.078 9.181   1.00 27.99 ? 14  PHE A N   1 
ATOM   100  C CA  . PHE A 1 16  ? 9.508   -11.841 9.456   1.00 25.73 ? 14  PHE A CA  1 
ATOM   101  C C   . PHE A 1 16  ? 8.692   -10.639 8.945   1.00 21.54 ? 14  PHE A C   1 
ATOM   102  O O   . PHE A 1 16  ? 8.790   -9.591  9.554   1.00 21.59 ? 14  PHE A O   1 
ATOM   103  C CB  . PHE A 1 16  ? 10.905  -11.873 8.860   1.00 26.17 ? 14  PHE A CB  1 
ATOM   104  C CG  . PHE A 1 16  ? 11.063  -11.609 7.393   1.00 29.09 ? 14  PHE A CG  1 
ATOM   105  C CD1 . PHE A 1 16  ? 10.974  -12.624 6.445   1.00 26.30 ? 14  PHE A CD1 1 
ATOM   106  C CD2 . PHE A 1 16  ? 11.350  -10.318 6.981   1.00 28.50 ? 14  PHE A CD2 1 
ATOM   107  C CE1 . PHE A 1 16  ? 11.151  -12.330 5.093   1.00 29.71 ? 14  PHE A CE1 1 
ATOM   108  C CE2 . PHE A 1 16  ? 11.511  -10.020 5.629   1.00 25.24 ? 14  PHE A CE2 1 
ATOM   109  C CZ  . PHE A 1 16  ? 11.408  -11.032 4.714   1.00 27.36 ? 14  PHE A CZ  1 
ATOM   110  N N   . ILE A 1 17  ? 7.974   -10.812 7.863   1.00 24.18 ? 15  ILE A N   1 
ATOM   111  C CA  . ILE A 1 17  ? 7.143   -9.692  7.366   1.00 25.10 ? 15  ILE A CA  1 
ATOM   112  C C   . ILE A 1 17  ? 6.059   -9.331  8.352   1.00 23.62 ? 15  ILE A C   1 
ATOM   113  O O   . ILE A 1 17  ? 5.917   -8.195  8.778   1.00 23.79 ? 15  ILE A O   1 
ATOM   114  C CB  . ILE A 1 17  ? 6.525   -10.068 5.989   1.00 21.69 ? 15  ILE A CB  1 
ATOM   115  C CG1 . ILE A 1 17  ? 7.587   -10.256 4.918   1.00 22.98 ? 15  ILE A CG1 1 
ATOM   116  C CG2 . ILE A 1 17  ? 5.519   -8.996  5.621   1.00 27.97 ? 15  ILE A CG2 1 
ATOM   117  C CD1 . ILE A 1 17  ? 8.437   -9.040  4.533   1.00 23.18 ? 15  ILE A CD1 1 
ATOM   118  N N   . LYS A 1 18  ? 5.426   -10.374 8.940   1.00 24.31 ? 16  LYS A N   1 
ATOM   119  C CA  . LYS A 1 18  ? 4.376   -10.121 9.944   1.00 26.64 ? 16  LYS A CA  1 
ATOM   120  C C   . LYS A 1 18  ? 4.977   -9.487  11.191  1.00 26.46 ? 16  LYS A C   1 
ATOM   121  O O   . LYS A 1 18  ? 4.379   -8.588  11.806  1.00 26.43 ? 16  LYS A O   1 
ATOM   122  C CB  . LYS A 1 18  ? 3.704   -11.449 10.290  1.00 31.06 ? 16  LYS A CB  1 
ATOM   123  C CG  . LYS A 1 18  ? 2.887   -12.025 9.144   1.00 36.83 ? 16  LYS A CG  1 
ATOM   124  C CD  . LYS A 1 18  ? 1.873   -13.043 9.632   1.00 40.71 ? 16  LYS A CD  1 
ATOM   125  C CE  . LYS A 1 18  ? 2.447   -14.092 10.545  1.00 46.35 ? 16  LYS A CE  1 
ATOM   126  N NZ  . LYS A 1 18  ? 1.489   -14.568 11.613  1.00 51.04 ? 16  LYS A NZ  1 
ATOM   127  N N   . GLU A 1 19  ? 6.207   -9.869  11.557  1.00 25.42 ? 17  GLU A N   1 
ATOM   128  C CA  . GLU A 1 19  ? 6.840   -9.238  12.708  1.00 26.32 ? 17  GLU A CA  1 
ATOM   129  C C   . GLU A 1 19  ? 7.198   -7.786  12.469  1.00 26.55 ? 17  GLU A C   1 
ATOM   130  O O   . GLU A 1 19  ? 7.156   -6.889  13.318  1.00 27.12 ? 17  GLU A O   1 
ATOM   131  C CB  . GLU A 1 19  ? 8.135   -10.010 13.031  1.00 29.47 ? 17  GLU A CB  1 
ATOM   132  C CG  . GLU A 1 19  ? 7.711   -11.439 13.406  1.00 34.62 ? 17  GLU A CG  1 
ATOM   133  C CD  . GLU A 1 19  ? 8.836   -12.120 14.125  1.00 38.04 ? 17  GLU A CD  1 
ATOM   134  O OE1 . GLU A 1 19  ? 9.403   -11.473 15.040  1.00 46.04 ? 17  GLU A OE1 1 
ATOM   135  O OE2 . GLU A 1 19  ? 9.216   -13.227 13.725  1.00 41.36 ? 17  GLU A OE2 1 
ATOM   136  N N   . GLY A 1 20  ? 7.619   -7.560  11.200  1.00 25.99 ? 18  GLY A N   1 
ATOM   137  C CA  . GLY A 1 20  ? 7.900   -6.144  10.840  1.00 23.11 ? 18  GLY A CA  1 
ATOM   138  C C   . GLY A 1 20  ? 6.629   -5.304  10.860  1.00 19.05 ? 18  GLY A C   1 
ATOM   139  O O   . GLY A 1 20  ? 6.635   -4.121  11.225  1.00 22.72 ? 18  GLY A O   1 
ATOM   140  N N   . ILE A 1 21  ? 5.488   -5.843  10.436  1.00 21.50 ? 19  ILE A N   1 
ATOM   141  C CA  . ILE A 1 21  ? 4.246   -5.131  10.447  1.00 22.30 ? 19  ILE A CA  1 
ATOM   142  C C   . ILE A 1 21  ? 3.888   -4.664  11.844  1.00 23.90 ? 19  ILE A C   1 
ATOM   143  O O   . ILE A 1 21  ? 3.624   -3.518  12.159  1.00 24.47 ? 19  ILE A O   1 
ATOM   144  C CB  . ILE A 1 21  ? 3.132   -5.969  9.795   1.00 22.52 ? 19  ILE A CB  1 
ATOM   145  C CG1 . ILE A 1 21  ? 3.473   -5.962  8.247   1.00 25.29 ? 19  ILE A CG1 1 
ATOM   146  C CG2 . ILE A 1 21  ? 1.792   -5.360  10.017  1.00 22.35 ? 19  ILE A CG2 1 
ATOM   147  C CD1 . ILE A 1 21  ? 2.811   -7.187  7.603   1.00 25.79 ? 19  ILE A CD1 1 
ATOM   148  N N   . LYS A 1 22  ? 4.002   -5.659  12.773  1.00 26.68 ? 20  LYS A N   1 
ATOM   149  C CA  . LYS A 1 22  ? 3.753   -5.376  14.180  1.00 26.40 ? 20  LYS A CA  1 
ATOM   150  C C   . LYS A 1 22  ? 4.673   -4.294  14.697  1.00 27.64 ? 20  LYS A C   1 
ATOM   151  O O   . LYS A 1 22  ? 4.189   -3.373  15.389  1.00 26.79 ? 20  LYS A O   1 
ATOM   152  C CB  . LYS A 1 22  ? 4.012   -6.708  14.987  1.00 30.19 ? 20  LYS A CB  1 
ATOM   153  C CG  . LYS A 1 22  ? 3.849   -6.411  16.471  1.00 36.42 ? 20  LYS A CG  1 
ATOM   154  C CD  . LYS A 1 22  ? 3.948   -7.660  17.331  1.00 38.71 ? 20  LYS A CD  1 
ATOM   155  C CE  . LYS A 1 22  ? 2.829   -8.625  16.987  1.00 41.66 ? 20  LYS A CE  1 
ATOM   156  N NZ  . LYS A 1 22  ? 1.618   -8.374  17.822  1.00 46.70 ? 20  LYS A NZ  1 
ATOM   157  N N   . HIS A 1 23  ? 5.974   -4.399  14.384  1.00 27.73 ? 21  HIS A N   1 
ATOM   158  C CA  . HIS A 1 23  ? 6.926   -3.354  14.761  1.00 28.57 ? 21  HIS A CA  1 
ATOM   159  C C   . HIS A 1 23  ? 6.513   -1.973  14.292  1.00 29.87 ? 21  HIS A C   1 
ATOM   160  O O   . HIS A 1 23  ? 6.467   -1.006  15.065  1.00 28.50 ? 21  HIS A O   1 
ATOM   161  C CB  . HIS A 1 23  ? 8.306   -3.701  14.163  1.00 30.95 ? 21  HIS A CB  1 
ATOM   162  C CG  . HIS A 1 23  ? 9.348   -2.681  14.482  1.00 35.70 ? 21  HIS A CG  1 
ATOM   163  N ND1 . HIS A 1 23  ? 9.599   -1.570  13.703  1.00 38.41 ? 21  HIS A ND1 1 
ATOM   164  C CD2 . HIS A 1 23  ? 10.210  -2.610  15.516  1.00 37.77 ? 21  HIS A CD2 1 
ATOM   165  C CE1 . HIS A 1 23  ? 10.567  -0.854  14.246  1.00 37.66 ? 21  HIS A CE1 1 
ATOM   166  N NE2 . HIS A 1 23  ? 10.956  -1.475  15.355  1.00 39.63 ? 21  HIS A NE2 1 
ATOM   167  N N   . TYR A 1 24  ? 6.255   -1.783  12.977  1.00 27.13 ? 22  TYR A N   1 
ATOM   168  C CA  . TYR A 1 24  ? 5.881   -0.450  12.501  1.00 30.61 ? 22  TYR A CA  1 
ATOM   169  C C   . TYR A 1 24  ? 4.522   -0.003  12.995  1.00 29.53 ? 22  TYR A C   1 
ATOM   170  O O   . TYR A 1 24  ? 4.283   1.199   13.223  1.00 30.82 ? 22  TYR A O   1 
ATOM   171  C CB  . TYR A 1 24  ? 5.997   -0.354  10.971  1.00 27.19 ? 22  TYR A CB  1 
ATOM   172  C CG  . TYR A 1 24  ? 7.433   -0.400  10.490  1.00 26.74 ? 22  TYR A CG  1 
ATOM   173  C CD1 . TYR A 1 24  ? 8.315   0.665   10.673  1.00 26.21 ? 22  TYR A CD1 1 
ATOM   174  C CD2 . TYR A 1 24  ? 7.896   -1.525  9.821   1.00 26.21 ? 22  TYR A CD2 1 
ATOM   175  C CE1 . TYR A 1 24  ? 9.626   0.573   10.229  1.00 27.36 ? 22  TYR A CE1 1 
ATOM   176  C CE2 . TYR A 1 24  ? 9.193   -1.602  9.371   1.00 28.54 ? 22  TYR A CE2 1 
ATOM   177  C CZ  . TYR A 1 24  ? 10.054  -0.560  9.594   1.00 27.34 ? 22  TYR A CZ  1 
ATOM   178  O OH  . TYR A 1 24  ? 11.370  -0.689  9.135   1.00 29.24 ? 22  TYR A OH  1 
ATOM   179  N N   . GLU A 1 25  ? 3.583   -0.917  13.195  1.00 30.55 ? 23  GLU A N   1 
ATOM   180  C CA  . GLU A 1 25  ? 2.264   -0.556  13.701  1.00 32.22 ? 23  GLU A CA  1 
ATOM   181  C C   . GLU A 1 25  ? 2.342   0.066   15.084  1.00 32.61 ? 23  GLU A C   1 
ATOM   182  O O   . GLU A 1 25  ? 1.685   1.068   15.370  1.00 31.92 ? 23  GLU A O   1 
ATOM   183  C CB  . GLU A 1 25  ? 1.351   -1.793  13.741  1.00 35.12 ? 23  GLU A CB  1 
ATOM   184  C CG  . GLU A 1 25  ? 0.502   -1.804  12.468  1.00 43.00 ? 23  GLU A CG  1 
ATOM   185  C CD  . GLU A 1 25  ? -0.267  -3.076  12.235  1.00 45.32 ? 23  GLU A CD  1 
ATOM   186  O OE1 . GLU A 1 25  ? -0.123  -4.031  13.019  1.00 47.27 ? 23  GLU A OE1 1 
ATOM   187  O OE2 . GLU A 1 25  ? -1.010  -3.107  11.225  1.00 46.04 ? 23  GLU A OE2 1 
ATOM   188  N N   . LYS A 1 26  ? 3.160   -0.518  15.944  1.00 33.34 ? 24  LYS A N   1 
ATOM   189  C CA  . LYS A 1 26  ? 3.355   0.012   17.292  1.00 35.78 ? 24  LYS A CA  1 
ATOM   190  C C   . LYS A 1 26  ? 3.769   1.472   17.249  1.00 35.41 ? 24  LYS A C   1 
ATOM   191  O O   . LYS A 1 26  ? 3.216   2.293   17.989  1.00 36.55 ? 24  LYS A O   1 
ATOM   192  C CB  . LYS A 1 26  ? 4.401   -0.830  18.028  1.00 40.61 ? 24  LYS A CB  1 
ATOM   193  C CG  . LYS A 1 26  ? 4.877   -0.231  19.341  1.00 45.38 ? 24  LYS A CG  1 
ATOM   194  C CD  . LYS A 1 26  ? 6.238   -0.768  19.751  1.00 47.24 ? 24  LYS A CD  1 
ATOM   195  C CE  . LYS A 1 26  ? 6.205   -2.281  19.891  1.00 48.29 ? 24  LYS A CE  1 
ATOM   196  N NZ  . LYS A 1 26  ? 7.585   -2.846  19.995  1.00 54.20 ? 24  LYS A NZ  1 
ATOM   197  N N   . PHE A 1 27  ? 4.703   1.835   16.364  1.00 32.61 ? 25  PHE A N   1 
ATOM   198  C CA  . PHE A 1 27  ? 5.145   3.209   16.277  1.00 32.25 ? 25  PHE A CA  1 
ATOM   199  C C   . PHE A 1 27  ? 4.171   4.081   15.520  1.00 30.69 ? 25  PHE A C   1 
ATOM   200  O O   . PHE A 1 27  ? 4.124   5.282   15.767  1.00 33.72 ? 25  PHE A O   1 
ATOM   201  C CB  . PHE A 1 27  ? 6.559   3.286   15.686  1.00 34.54 ? 25  PHE A CB  1 
ATOM   202  C CG  . PHE A 1 27  ? 7.535   2.630   16.633  1.00 38.94 ? 25  PHE A CG  1 
ATOM   203  C CD1 . PHE A 1 27  ? 8.123   3.349   17.650  1.00 41.10 ? 25  PHE A CD1 1 
ATOM   204  C CD2 . PHE A 1 27  ? 7.836   1.289   16.507  1.00 41.08 ? 25  PHE A CD2 1 
ATOM   205  C CE1 . PHE A 1 27  ? 9.005   2.745   18.527  1.00 40.93 ? 25  PHE A CE1 1 
ATOM   206  C CE2 . PHE A 1 27  ? 8.710   0.675   17.383  1.00 42.42 ? 25  PHE A CE2 1 
ATOM   207  C CZ  . PHE A 1 27  ? 9.299   1.405   18.396  1.00 43.09 ? 25  PHE A CZ  1 
ATOM   208  N N   . LEU A 1 28  ? 3.410   3.549   14.578  1.00 27.70 ? 26  LEU A N   1 
ATOM   209  C CA  . LEU A 1 28  ? 2.480   4.336   13.809  1.00 27.86 ? 26  LEU A CA  1 
ATOM   210  C C   . LEU A 1 28  ? 1.197   4.751   14.527  1.00 28.02 ? 26  LEU A C   1 
ATOM   211  O O   . LEU A 1 28  ? 0.525   5.698   14.090  1.00 30.52 ? 26  LEU A O   1 
ATOM   212  C CB  . LEU A 1 28  ? 2.021   3.494   12.563  1.00 24.94 ? 26  LEU A CB  1 
ATOM   213  C CG  . LEU A 1 28  ? 3.061   3.567   11.413  1.00 26.41 ? 26  LEU A CG  1 
ATOM   214  C CD1 . LEU A 1 28  ? 2.680   2.523   10.356  1.00 24.19 ? 26  LEU A CD1 1 
ATOM   215  C CD2 . LEU A 1 28  ? 3.092   4.962   10.841  1.00 24.42 ? 26  LEU A CD2 1 
ATOM   216  N N   . ARG A 1 29  ? 0.843   4.038   15.577  1.00 30.60 ? 27  ARG A N   1 
ATOM   217  C CA  . ARG A 1 29  ? -0.428  4.236   16.271  1.00 33.50 ? 27  ARG A CA  1 
ATOM   218  C C   . ARG A 1 29  ? -0.603  5.600   16.897  1.00 33.39 ? 27  ARG A C   1 
ATOM   219  O O   . ARG A 1 29  ? -1.723  6.124   16.954  1.00 33.58 ? 27  ARG A O   1 
ATOM   220  C CB  . ARG A 1 29  ? -0.694  3.131   17.298  1.00 39.70 ? 27  ARG A CB  1 
ATOM   221  C CG  . ARG A 1 29  ? -1.161  1.837   16.616  1.00 44.78 ? 27  ARG A CG  1 
ATOM   222  C CD  . ARG A 1 29  ? -1.176  0.716   17.647  1.00 49.17 ? 27  ARG A CD  1 
ATOM   223  N NE  . ARG A 1 29  ? -0.870  -0.578  17.046  1.00 53.10 ? 27  ARG A NE  1 
ATOM   224  C CZ  . ARG A 1 29  ? -0.012  -1.444  17.587  1.00 52.72 ? 27  ARG A CZ  1 
ATOM   225  N NH1 . ARG A 1 29  ? 0.629   -1.181  18.715  1.00 52.81 ? 27  ARG A NH1 1 
ATOM   226  N NH2 . ARG A 1 29  ? 0.137   -2.578  16.920  1.00 55.82 ? 27  ARG A NH2 1 
ATOM   227  N N   . ARG A 1 30  ? 0.513   6.256   17.190  1.00 34.23 ? 28  ARG A N   1 
ATOM   228  C CA  . ARG A 1 30  ? 0.439   7.635   17.691  1.00 33.84 ? 28  ARG A CA  1 
ATOM   229  C C   . ARG A 1 30  ? -0.059  8.574   16.625  1.00 33.20 ? 28  ARG A C   1 
ATOM   230  O O   . ARG A 1 30  ? -0.699  9.595   16.916  1.00 33.97 ? 28  ARG A O   1 
ATOM   231  C CB  . ARG A 1 30  ? 1.846   7.988   18.185  1.00 41.66 ? 28  ARG A CB  1 
ATOM   232  C CG  . ARG A 1 30  ? 2.466   9.227   17.599  1.00 47.17 ? 28  ARG A CG  1 
ATOM   233  C CD  . ARG A 1 30  ? 3.693   9.665   18.434  1.00 50.28 ? 28  ARG A CD  1 
ATOM   234  N NE  . ARG A 1 30  ? 3.845   11.095  18.137  1.00 52.91 ? 28  ARG A NE  1 
ATOM   235  C CZ  . ARG A 1 30  ? 4.972   11.679  17.787  1.00 54.58 ? 28  ARG A CZ  1 
ATOM   236  N NH1 . ARG A 1 30  ? 6.088   10.981  17.674  1.00 55.25 ? 28  ARG A NH1 1 
ATOM   237  N NH2 . ARG A 1 30  ? 4.898   12.975  17.496  1.00 54.04 ? 28  ARG A NH2 1 
ATOM   238  N N   . PHE A 1 31  ? 0.116   8.257   15.325  1.00 30.31 ? 29  PHE A N   1 
ATOM   239  C CA  . PHE A 1 31  ? -0.275  9.119   14.254  1.00 26.85 ? 29  PHE A CA  1 
ATOM   240  C C   . PHE A 1 31  ? -1.515  8.698   13.465  1.00 26.97 ? 29  PHE A C   1 
ATOM   241  O O   . PHE A 1 31  ? -2.124  9.521   12.776  1.00 25.47 ? 29  PHE A O   1 
ATOM   242  C CB  . PHE A 1 31  ? 0.874   9.213   13.201  1.00 29.12 ? 29  PHE A CB  1 
ATOM   243  C CG  . PHE A 1 31  ? 2.160   9.755   13.768  1.00 32.45 ? 29  PHE A CG  1 
ATOM   244  C CD1 . PHE A 1 31  ? 2.317   11.119  13.965  1.00 31.45 ? 29  PHE A CD1 1 
ATOM   245  C CD2 . PHE A 1 31  ? 3.196   8.920   14.087  1.00 30.15 ? 29  PHE A CD2 1 
ATOM   246  C CE1 . PHE A 1 31  ? 3.490   11.617  14.498  1.00 32.77 ? 29  PHE A CE1 1 
ATOM   247  C CE2 . PHE A 1 31  ? 4.377   9.407   14.640  1.00 35.89 ? 29  PHE A CE2 1 
ATOM   248  C CZ  . PHE A 1 31  ? 4.513   10.765  14.830  1.00 34.11 ? 29  PHE A CZ  1 
ATOM   249  N N   . CYS A 1 32  ? -1.736  7.400   13.386  1.00 26.87 ? 30  CYS A N   1 
ATOM   250  C CA  . CYS A 1 32  ? -2.879  6.927   12.584  1.00 26.01 ? 30  CYS A CA  1 
ATOM   251  C C   . CYS A 1 32  ? -3.315  5.570   13.101  1.00 27.37 ? 30  CYS A C   1 
ATOM   252  O O   . CYS A 1 32  ? -2.785  5.081   14.118  1.00 29.34 ? 30  CYS A O   1 
ATOM   253  C CB  . CYS A 1 32  ? -2.389  6.819   11.120  1.00 25.98 ? 30  CYS A CB  1 
ATOM   254  S SG  . CYS A 1 32  ? -1.113  5.574   10.862  1.00 25.67 ? 30  CYS A SG  1 
ATOM   255  N N   . LYS A 1 33  ? -4.209  4.943   12.372  1.00 25.54 ? 31  LYS A N   1 
ATOM   256  C CA  . LYS A 1 33  ? -4.728  3.609   12.710  1.00 26.52 ? 31  LYS A CA  1 
ATOM   257  C C   . LYS A 1 33  ? -4.428  2.672   11.490  1.00 25.70 ? 31  LYS A C   1 
ATOM   258  O O   . LYS A 1 33  ? -5.198  2.749   10.524  1.00 25.83 ? 31  LYS A O   1 
ATOM   259  C CB  . LYS A 1 33  ? -6.216  3.699   12.941  1.00 33.70 ? 31  LYS A CB  1 
ATOM   260  C CG  . LYS A 1 33  ? -7.011  2.444   13.171  1.00 39.73 ? 31  LYS A CG  1 
ATOM   261  C CD  . LYS A 1 33  ? -6.435  1.442   14.146  1.00 44.90 ? 31  LYS A CD  1 
ATOM   262  C CE  . LYS A 1 33  ? -7.193  0.125   14.158  1.00 46.95 ? 31  LYS A CE  1 
ATOM   263  N NZ  . LYS A 1 33  ? -7.100  -0.647  12.879  1.00 49.61 ? 31  LYS A NZ  1 
ATOM   264  N N   . PRO A 1 34  ? -3.355  1.957   11.549  1.00 26.34 ? 32  PRO A N   1 
ATOM   265  C CA  . PRO A 1 34  ? -2.902  1.128   10.436  1.00 27.50 ? 32  PRO A CA  1 
ATOM   266  C C   . PRO A 1 34  ? -3.484  -0.264  10.425  1.00 28.77 ? 32  PRO A C   1 
ATOM   267  O O   . PRO A 1 34  ? -3.515  -0.948  11.468  1.00 29.04 ? 32  PRO A O   1 
ATOM   268  C CB  . PRO A 1 34  ? -1.382  1.043   10.626  1.00 29.74 ? 32  PRO A CB  1 
ATOM   269  C CG  . PRO A 1 34  ? -1.205  1.185   12.101  1.00 29.74 ? 32  PRO A CG  1 
ATOM   270  C CD  . PRO A 1 34  ? -2.278  2.098   12.577  1.00 29.46 ? 32  PRO A CD  1 
ATOM   271  N N   . GLU A 1 35  ? -3.766  -0.757  9.227   1.00 26.34 ? 33  GLU A N   1 
ATOM   272  C CA  . GLU A 1 35  ? -4.363  -2.086  9.031   1.00 27.12 ? 33  GLU A CA  1 
ATOM   273  C C   . GLU A 1 35  ? -3.728  -2.729  7.794   1.00 25.93 ? 33  GLU A C   1 
ATOM   274  O O   . GLU A 1 35  ? -3.656  -2.037  6.760   1.00 27.82 ? 33  GLU A O   1 
ATOM   275  C CB  A GLU A 1 35  ? -5.875  -1.948  8.760   0.65 29.05 ? 33  GLU A CB  1 
ATOM   276  C CB  B GLU A 1 35  ? -5.875  -1.985  8.859   0.35 30.50 ? 33  GLU A CB  1 
ATOM   277  C CG  A GLU A 1 35  ? -6.677  -3.213  8.644   0.65 32.55 ? 33  GLU A CG  1 
ATOM   278  C CG  B GLU A 1 35  ? -6.237  -0.586  8.303   0.35 33.70 ? 33  GLU A CG  1 
ATOM   279  C CD  A GLU A 1 35  ? -8.155  -3.091  8.405   0.65 30.47 ? 33  GLU A CD  1 
ATOM   280  C CD  B GLU A 1 35  ? -7.711  -0.341  8.089   0.35 37.06 ? 33  GLU A CD  1 
ATOM   281  O OE1 A GLU A 1 35  ? -8.613  -2.272  7.592   0.65 31.21 ? 33  GLU A OE1 1 
ATOM   282  O OE1 B GLU A 1 35  ? -8.516  -1.299  8.065   0.35 37.07 ? 33  GLU A OE1 1 
ATOM   283  O OE2 A GLU A 1 35  ? -8.954  -3.828  9.047   0.65 36.21 ? 33  GLU A OE2 1 
ATOM   284  O OE2 B GLU A 1 35  ? -8.167  0.797   7.952   0.35 38.52 ? 33  GLU A OE2 1 
ATOM   285  N N   . VAL A 1 36  ? -3.204  -3.908  7.961   1.00 22.71 ? 34  VAL A N   1 
ATOM   286  C CA  . VAL A 1 36  ? -2.664  -4.649  6.808   1.00 24.96 ? 34  VAL A CA  1 
ATOM   287  C C   . VAL A 1 36  ? -3.580  -5.861  6.562   1.00 24.53 ? 34  VAL A C   1 
ATOM   288  O O   . VAL A 1 36  ? -3.726  -6.719  7.483   1.00 27.03 ? 34  VAL A O   1 
ATOM   289  C CB  . VAL A 1 36  ? -1.220  -5.115  6.928   1.00 24.76 ? 34  VAL A CB  1 
ATOM   290  C CG1 . VAL A 1 36  ? -0.806  -5.917  5.677   1.00 26.30 ? 34  VAL A CG1 1 
ATOM   291  C CG2 . VAL A 1 36  ? -0.247  -3.970  7.104   1.00 26.63 ? 34  VAL A CG2 1 
ATOM   292  N N   . LEU A 1 37  ? -4.226  -5.890  5.424   1.00 22.25 ? 35  LEU A N   1 
ATOM   293  C CA  . LEU A 1 37  ? -5.063  -7.016  5.021   1.00 23.73 ? 35  LEU A CA  1 
ATOM   294  C C   . LEU A 1 37  ? -4.328  -7.940  4.029   1.00 26.00 ? 35  LEU A C   1 
ATOM   295  O O   . LEU A 1 37  ? -4.131  -7.510  2.906   1.00 24.06 ? 35  LEU A O   1 
ATOM   296  C CB  . LEU A 1 37  ? -6.360  -6.538  4.400   1.00 27.45 ? 35  LEU A CB  1 
ATOM   297  C CG  . LEU A 1 37  ? -7.344  -5.725  5.242   1.00 27.67 ? 35  LEU A CG  1 
ATOM   298  C CD1 . LEU A 1 37  ? -8.618  -5.437  4.449   1.00 31.58 ? 35  LEU A CD1 1 
ATOM   299  C CD2 . LEU A 1 37  ? -7.668  -6.424  6.546   1.00 30.05 ? 35  LEU A CD2 1 
ATOM   300  N N   . GLU A 1 38  ? -4.125  -9.193  4.413   1.00 25.35 ? 36  GLU A N   1 
ATOM   301  C CA  . GLU A 1 38  ? -3.494  -10.212 3.569   1.00 29.36 ? 36  GLU A CA  1 
ATOM   302  C C   . GLU A 1 38  ? -4.576  -10.929 2.782   1.00 32.17 ? 36  GLU A C   1 
ATOM   303  O O   . GLU A 1 38  ? -5.592  -11.354 3.358   1.00 34.08 ? 36  GLU A O   1 
ATOM   304  C CB  . GLU A 1 38  ? -2.687  -11.141 4.454   1.00 35.66 ? 36  GLU A CB  1 
ATOM   305  C CG  . GLU A 1 38  ? -2.181  -12.415 3.831   1.00 39.55 ? 36  GLU A CG  1 
ATOM   306  C CD  . GLU A 1 38  ? -1.773  -13.419 4.908   1.00 42.95 ? 36  GLU A CD  1 
ATOM   307  O OE1 . GLU A 1 38  ? -0.627  -13.368 5.379   1.00 39.65 ? 36  GLU A OE1 1 
ATOM   308  O OE2 . GLU A 1 38  ? -2.657  -14.245 5.257   1.00 48.58 ? 36  GLU A OE2 1 
ATOM   309  N N   . ILE A 1 39  ? -4.461  -10.947 1.454   1.00 30.93 ? 37  ILE A N   1 
ATOM   310  C CA  . ILE A 1 39  ? -5.462  -11.568 0.605   1.00 33.12 ? 37  ILE A CA  1 
ATOM   311  C C   . ILE A 1 39  ? -4.906  -12.859 -0.007  1.00 34.77 ? 37  ILE A C   1 
ATOM   312  O O   . ILE A 1 39  ? -3.902  -12.862 -0.706  1.00 33.97 ? 37  ILE A O   1 
ATOM   313  C CB  . ILE A 1 39  ? -5.933  -10.609 -0.496  1.00 31.13 ? 37  ILE A CB  1 
ATOM   314  C CG1 . ILE A 1 39  ? -6.570  -9.305  0.052   1.00 26.81 ? 37  ILE A CG1 1 
ATOM   315  C CG2 . ILE A 1 39  ? -6.966  -11.267 -1.390  1.00 27.32 ? 37  ILE A CG2 1 
ATOM   316  C CD1 . ILE A 1 39  ? -6.763  -8.296  -1.087  1.00 29.81 ? 37  ILE A CD1 1 
ATOM   317  N N   . LYS A 1 40  ? -5.539  -13.990 0.307   1.00 39.03 ? 38  LYS A N   1 
ATOM   318  C CA  . LYS A 1 40  ? -5.248  -15.328 -0.145  1.00 40.98 ? 38  LYS A CA  1 
ATOM   319  C C   . LYS A 1 40  ? -4.959  -15.525 -1.620  1.00 41.39 ? 38  LYS A C   1 
ATOM   320  O O   . LYS A 1 40  ? -5.873  -15.332 -2.423  1.00 43.04 ? 38  LYS A O   1 
ATOM   321  C CB  . LYS A 1 40  ? -6.430  -16.255 0.254   1.00 42.97 ? 38  LYS A CB  1 
ATOM   322  C CG  . LYS A 1 40  ? -7.818  -15.934 -0.270  1.00 45.09 ? 38  LYS A CG  1 
ATOM   323  C CD  . LYS A 1 40  ? -8.840  -17.050 0.052   1.00 45.73 ? 38  LYS A CD  1 
ATOM   324  C CE  . LYS A 1 40  ? -10.148 -16.892 -0.685  1.00 48.78 ? 38  LYS A CE  1 
ATOM   325  N NZ  . LYS A 1 40  ? -11.088 -18.051 -0.642  1.00 47.36 ? 38  LYS A NZ  1 
ATOM   326  N N   . ARG A 1 41  ? -3.744  -15.932 -2.023  1.00 43.47 ? 39  ARG A N   1 
ATOM   327  C CA  . ARG A 1 41  ? -3.453  -16.175 -3.445  1.00 44.86 ? 39  ARG A CA  1 
ATOM   328  C C   . ARG A 1 41  ? -4.042  -17.539 -3.837  1.00 46.46 ? 39  ARG A C   1 
ATOM   329  O O   . ARG A 1 41  ? -3.337  -18.534 -4.022  1.00 48.10 ? 39  ARG A O   1 
ATOM   330  C CB  . ARG A 1 41  ? -1.978  -16.142 -3.811  1.00 47.47 ? 39  ARG A CB  1 
ATOM   331  C CG  . ARG A 1 41  ? -1.435  -14.897 -4.458  1.00 47.84 ? 39  ARG A CG  1 
ATOM   332  C CD  . ARG A 1 41  ? -0.581  -15.136 -5.697  1.00 49.95 ? 39  ARG A CD  1 
ATOM   333  N NE  . ARG A 1 41  ? -1.174  -16.087 -6.613  1.00 54.20 ? 39  ARG A NE  1 
ATOM   334  C CZ  . ARG A 1 41  ? -1.200  -16.088 -7.929  1.00 54.33 ? 39  ARG A CZ  1 
ATOM   335  N NH1 . ARG A 1 41  ? -1.808  -17.079 -8.583  1.00 58.02 ? 39  ARG A NH1 1 
ATOM   336  N NH2 . ARG A 1 41  ? -0.667  -15.085 -8.598  1.00 55.79 ? 39  ARG A NH2 1 
ATOM   337  N N   . VAL A 1 42  ? -5.358  -17.584 -4.024  1.00 45.55 ? 40  VAL A N   1 
ATOM   338  C CA  . VAL A 1 42  ? -6.082  -18.796 -4.339  1.00 44.85 ? 40  VAL A CA  1 
ATOM   339  C C   . VAL A 1 42  ? -6.850  -18.787 -5.650  1.00 43.53 ? 40  VAL A C   1 
ATOM   340  O O   . VAL A 1 42  ? -7.902  -19.466 -5.773  1.00 44.09 ? 40  VAL A O   1 
ATOM   341  C CB  . VAL A 1 42  ? -7.104  -19.058 -3.200  1.00 48.08 ? 40  VAL A CB  1 
ATOM   342  C CG1 . VAL A 1 42  ? -6.468  -19.240 -1.841  1.00 49.62 ? 40  VAL A CG1 1 
ATOM   343  C CG2 . VAL A 1 42  ? -8.122  -17.923 -3.173  1.00 48.90 ? 40  VAL A CG2 1 
ATOM   344  N N   . HIS A 1 43  ? -6.464  -18.024 -6.666  1.00 39.94 ? 41  HIS A N   1 
ATOM   345  C CA  . HIS A 1 43  ? -7.226  -18.041 -7.917  1.00 37.61 ? 41  HIS A CA  1 
ATOM   346  C C   . HIS A 1 43  ? -6.567  -18.952 -8.963  1.00 36.77 ? 41  HIS A C   1 
ATOM   347  O O   . HIS A 1 43  ? -5.367  -19.008 -9.073  1.00 35.65 ? 41  HIS A O   1 
ATOM   348  C CB  . HIS A 1 43  ? -7.418  -16.674 -8.522  1.00 36.36 ? 41  HIS A CB  1 
ATOM   349  C CG  . HIS A 1 43  ? -8.331  -15.780 -7.724  1.00 36.06 ? 41  HIS A CG  1 
ATOM   350  N ND1 . HIS A 1 43  ? -9.695  -16.043 -7.691  1.00 35.73 ? 41  HIS A ND1 1 
ATOM   351  C CD2 . HIS A 1 43  ? -8.124  -14.674 -6.980  1.00 38.07 ? 41  HIS A CD2 1 
ATOM   352  C CE1 . HIS A 1 43  ? -10.289 -15.115 -6.944  1.00 37.70 ? 41  HIS A CE1 1 
ATOM   353  N NE2 . HIS A 1 43  ? -9.357  -14.288 -6.506  1.00 37.86 ? 41  HIS A NE2 1 
ATOM   354  N N   . ARG A 1 44  ? -7.430  -19.559 -9.770  1.00 37.82 ? 42  ARG A N   1 
ATOM   355  C CA  . ARG A 1 44  ? -6.976  -20.509 -10.803 1.00 37.96 ? 42  ARG A CA  1 
ATOM   356  C C   . ARG A 1 44  ? -7.337  -20.089 -12.201 1.00 36.01 ? 42  ARG A C   1 
ATOM   357  O O   . ARG A 1 44  ? -8.150  -19.209 -12.456 1.00 37.26 ? 42  ARG A O   1 
ATOM   358  C CB  . ARG A 1 44  ? -7.624  -21.885 -10.502 1.00 40.35 ? 42  ARG A CB  1 
ATOM   359  C CG  . ARG A 1 44  ? -7.028  -22.554 -9.272  1.00 44.87 ? 42  ARG A CG  1 
ATOM   360  C CD  . ARG A 1 44  ? -7.548  -23.969 -9.077  1.00 50.25 ? 42  ARG A CD  1 
ATOM   361  N NE  . ARG A 1 44  ? -7.436  -24.744 -10.305 1.00 54.32 ? 42  ARG A NE  1 
ATOM   362  C CZ  . ARG A 1 44  ? -6.358  -25.263 -10.867 1.00 55.45 ? 42  ARG A CZ  1 
ATOM   363  N NH1 . ARG A 1 44  ? -5.148  -25.146 -10.340 1.00 55.82 ? 42  ARG A NH1 1 
ATOM   364  N NH2 . ARG A 1 44  ? -6.463  -25.932 -12.024 1.00 55.82 ? 42  ARG A NH2 1 
ATOM   365  N N   . GLY A 1 45  ? -6.647  -20.662 -13.195 1.00 35.54 ? 43  GLY A N   1 
ATOM   366  C CA  . GLY A 1 45  ? -6.911  -20.340 -14.584 1.00 31.85 ? 43  GLY A CA  1 
ATOM   367  C C   . GLY A 1 45  ? -5.668  -19.713 -15.219 1.00 28.71 ? 43  GLY A C   1 
ATOM   368  O O   . GLY A 1 45  ? -4.564  -19.896 -14.734 1.00 29.90 ? 43  GLY A O   1 
ATOM   369  N N   . SER A 1 46  ? -5.894  -18.975 -16.270 1.00 28.86 ? 44  SER A N   1 
ATOM   370  C CA  . SER A 1 46  ? -4.878  -18.263 -17.015 1.00 29.07 ? 44  SER A CA  1 
ATOM   371  C C   . SER A 1 46  ? -4.298  -17.157 -16.139 1.00 29.65 ? 44  SER A C   1 
ATOM   372  O O   . SER A 1 46  ? -4.911  -16.804 -15.125 1.00 29.55 ? 44  SER A O   1 
ATOM   373  C CB  . SER A 1 46  ? -5.479  -17.650 -18.264 1.00 29.82 ? 44  SER A CB  1 
ATOM   374  O OG  . SER A 1 46  ? -6.241  -16.484 -18.000 1.00 30.79 ? 44  SER A OG  1 
ATOM   375  N N   . ILE A 1 47  ? -3.079  -16.739 -16.469 1.00 27.42 ? 45  ILE A N   1 
ATOM   376  C CA  . ILE A 1 47  ? -2.472  -15.629 -15.710 1.00 27.85 ? 45  ILE A CA  1 
ATOM   377  C C   . ILE A 1 47  ? -3.368  -14.400 -15.809 1.00 28.50 ? 45  ILE A C   1 
ATOM   378  O O   . ILE A 1 47  ? -3.532  -13.680 -14.811 1.00 27.58 ? 45  ILE A O   1 
ATOM   379  C CB  . ILE A 1 47  ? -1.069  -15.302 -16.247 1.00 29.42 ? 45  ILE A CB  1 
ATOM   380  C CG1 . ILE A 1 47  ? -0.135  -16.502 -16.060 1.00 30.60 ? 45  ILE A CG1 1 
ATOM   381  C CG2 . ILE A 1 47  ? -0.448  -14.068 -15.608 1.00 28.15 ? 45  ILE A CG2 1 
ATOM   382  C CD1 . ILE A 1 47  ? 0.164   -16.936 -14.664 1.00 27.48 ? 45  ILE A CD1 1 
ATOM   383  N N   . GLU A 1 48  ? -3.985  -14.173 -16.965 1.00 28.38 ? 46  GLU A N   1 
ATOM   384  C CA  . GLU A 1 48  ? -4.833  -12.998 -17.144 1.00 31.60 ? 46  GLU A CA  1 
ATOM   385  C C   . GLU A 1 48  ? -6.038  -13.059 -16.208 1.00 31.95 ? 46  GLU A C   1 
ATOM   386  O O   . GLU A 1 48  ? -6.335  -12.033 -15.561 1.00 28.63 ? 46  GLU A O   1 
ATOM   387  C CB  A GLU A 1 48  ? -5.280  -12.834 -18.587 0.65 33.03 ? 46  GLU A CB  1 
ATOM   388  C CB  B GLU A 1 48  ? -5.277  -12.835 -18.594 0.35 33.93 ? 46  GLU A CB  1 
ATOM   389  C CG  A GLU A 1 48  ? -4.203  -12.395 -19.551 0.65 35.82 ? 46  GLU A CG  1 
ATOM   390  C CG  B GLU A 1 48  ? -5.315  -11.404 -19.084 0.35 37.18 ? 46  GLU A CG  1 
ATOM   391  C CD  A GLU A 1 48  ? -3.107  -13.397 -19.815 0.65 34.82 ? 46  GLU A CD  1 
ATOM   392  C CD  B GLU A 1 48  ? -5.855  -11.239 -20.489 0.35 38.96 ? 46  GLU A CD  1 
ATOM   393  O OE1 A GLU A 1 48  ? -3.263  -14.627 -19.631 0.65 32.20 ? 46  GLU A OE1 1 
ATOM   394  O OE1 B GLU A 1 48  ? -6.992  -10.736 -20.628 0.35 40.35 ? 46  GLU A OE1 1 
ATOM   395  O OE2 A GLU A 1 48  ? -1.992  -12.961 -20.210 0.65 36.29 ? 46  GLU A OE2 1 
ATOM   396  O OE2 B GLU A 1 48  ? -5.160  -11.583 -21.463 0.35 40.31 ? 46  GLU A OE2 1 
ATOM   397  N N   . GLU A 1 49  ? -6.638  -14.232 -16.063 1.00 29.69 ? 47  GLU A N   1 
ATOM   398  C CA  . GLU A 1 49  ? -7.807  -14.392 -15.190 1.00 31.63 ? 47  GLU A CA  1 
ATOM   399  C C   . GLU A 1 49  ? -7.404  -14.330 -13.727 1.00 30.09 ? 47  GLU A C   1 
ATOM   400  O O   . GLU A 1 49  ? -8.106  -13.742 -12.864 1.00 30.61 ? 47  GLU A O   1 
ATOM   401  C CB  A GLU A 1 49  ? -8.545  -15.692 -15.527 0.65 31.23 ? 47  GLU A CB  1 
ATOM   402  C CB  B GLU A 1 49  ? -8.513  -15.711 -15.514 0.35 32.79 ? 47  GLU A CB  1 
ATOM   403  C CG  A GLU A 1 49  ? -9.922  -15.799 -14.891 0.65 38.46 ? 47  GLU A CG  1 
ATOM   404  C CG  B GLU A 1 49  ? -9.818  -15.560 -16.269 0.35 37.92 ? 47  GLU A CG  1 
ATOM   405  C CD  A GLU A 1 49  ? -10.995 -15.074 -15.694 0.65 41.89 ? 47  GLU A CD  1 
ATOM   406  C CD  B GLU A 1 49  ? -11.039 -15.699 -15.376 0.35 41.58 ? 47  GLU A CD  1 
ATOM   407  O OE1 A GLU A 1 49  ? -10.751 -13.941 -16.163 0.65 42.36 ? 47  GLU A OE1 1 
ATOM   408  O OE1 B GLU A 1 49  ? -10.996 -16.461 -14.387 0.35 41.87 ? 47  GLU A OE1 1 
ATOM   409  O OE2 A GLU A 1 49  ? -12.083 -15.680 -15.870 0.65 46.09 ? 47  GLU A OE2 1 
ATOM   410  O OE2 B GLU A 1 49  ? -12.063 -15.043 -15.671 0.35 43.73 ? 47  GLU A OE2 1 
ATOM   411  N N   . ILE A 1 50  ? -6.245  -14.879 -13.392 1.00 27.16 ? 48  ILE A N   1 
ATOM   412  C CA  . ILE A 1 50  ? -5.740  -14.811 -12.005 1.00 26.16 ? 48  ILE A CA  1 
ATOM   413  C C   . ILE A 1 50  ? -5.527  -13.335 -11.648 1.00 26.56 ? 48  ILE A C   1 
ATOM   414  O O   . ILE A 1 50  ? -6.014  -12.888 -10.603 1.00 26.04 ? 48  ILE A O   1 
ATOM   415  C CB  . ILE A 1 50  ? -4.472  -15.625 -11.840 1.00 26.24 ? 48  ILE A CB  1 
ATOM   416  C CG1 . ILE A 1 50  ? -4.882  -17.133 -11.876 1.00 26.98 ? 48  ILE A CG1 1 
ATOM   417  C CG2 . ILE A 1 50  ? -3.658  -15.347 -10.589 1.00 25.33 ? 48  ILE A CG2 1 
ATOM   418  C CD1 . ILE A 1 50  ? -3.688  -18.059 -11.756 1.00 31.11 ? 48  ILE A CD1 1 
ATOM   419  N N   . VAL A 1 51  ? -4.804  -12.635 -12.512 1.00 23.46 ? 49  VAL A N   1 
ATOM   420  C CA  . VAL A 1 51  ? -4.563  -11.190 -12.264 1.00 22.45 ? 49  VAL A CA  1 
ATOM   421  C C   . VAL A 1 51  ? -5.842  -10.406 -12.215 1.00 23.70 ? 49  VAL A C   1 
ATOM   422  O O   . VAL A 1 51  ? -5.995  -9.461  -11.406 1.00 22.63 ? 49  VAL A O   1 
ATOM   423  C CB  . VAL A 1 51  ? -3.598  -10.614 -13.329 1.00 22.14 ? 49  VAL A CB  1 
ATOM   424  C CG1 . VAL A 1 51  ? -3.552  -9.089  -13.243 1.00 24.43 ? 49  VAL A CG1 1 
ATOM   425  C CG2 . VAL A 1 51  ? -2.213  -11.222 -13.104 1.00 23.27 ? 49  VAL A CG2 1 
ATOM   426  N N   . ARG A 1 52  ? -6.810  -10.662 -13.093 1.00 24.43 ? 50  ARG A N   1 
ATOM   427  C CA  . ARG A 1 52  ? -8.091  -9.971  -13.060 1.00 27.02 ? 50  ARG A CA  1 
ATOM   428  C C   . ARG A 1 52  ? -8.785  -10.187 -11.715 1.00 27.84 ? 50  ARG A C   1 
ATOM   429  O O   . ARG A 1 52  ? -9.247  -9.182  -11.145 1.00 27.39 ? 50  ARG A O   1 
ATOM   430  C CB  . ARG A 1 52  ? -9.017  -10.498 -14.167 1.00 31.83 ? 50  ARG A CB  1 
ATOM   431  C CG  . ARG A 1 52  ? -10.362 -9.759  -14.198 1.00 36.55 ? 50  ARG A CG  1 
ATOM   432  C CD  . ARG A 1 52  ? -11.227 -10.254 -15.359 1.00 41.92 ? 50  ARG A CD  1 
ATOM   433  N NE  . ARG A 1 52  ? -12.112 -11.312 -14.883 1.00 48.02 ? 50  ARG A NE  1 
ATOM   434  C CZ  . ARG A 1 52  ? -13.373 -11.128 -14.516 1.00 52.95 ? 50  ARG A CZ  1 
ATOM   435  N NH1 . ARG A 1 52  ? -13.960 -9.932  -14.565 1.00 55.13 ? 50  ARG A NH1 1 
ATOM   436  N NH2 . ARG A 1 52  ? -14.060 -12.184 -14.083 1.00 56.21 ? 50  ARG A NH2 1 
ATOM   437  N N   . LYS A 1 53  ? -8.837  -11.410 -11.226 1.00 27.70 ? 51  LYS A N   1 
ATOM   438  C CA  . LYS A 1 53  ? -9.502  -11.707 -9.949  1.00 28.53 ? 51  LYS A CA  1 
ATOM   439  C C   . LYS A 1 53  ? -8.770  -11.155 -8.753  1.00 28.03 ? 51  LYS A C   1 
ATOM   440  O O   . LYS A 1 53  ? -9.405  -10.651 -7.783  1.00 26.52 ? 51  LYS A O   1 
ATOM   441  C CB  . LYS A 1 53  ? -9.755  -13.205 -9.824  1.00 33.14 ? 51  LYS A CB  1 
ATOM   442  C CG  . LYS A 1 53  ? -10.735 -13.706 -10.899 1.00 32.95 ? 51  LYS A CG  1 
ATOM   443  C CD  . LYS A 1 53  ? -12.134 -13.184 -10.546 1.00 38.02 ? 51  LYS A CD  1 
ATOM   444  N N   . GLU A 1 54  ? -7.441  -11.198 -8.755  1.00 24.72 ? 52  GLU A N   1 
ATOM   445  C CA  . GLU A 1 54  ? -6.655  -10.587 -7.678  1.00 24.67 ? 52  GLU A CA  1 
ATOM   446  C C   . GLU A 1 54  ? -6.871  -9.088  -7.644  1.00 24.65 ? 52  GLU A C   1 
ATOM   447  O O   . GLU A 1 54  ? -6.935  -8.474  -6.541  1.00 24.65 ? 52  GLU A O   1 
ATOM   448  C CB  . GLU A 1 54  ? -5.161  -10.904 -7.933  1.00 24.31 ? 52  GLU A CB  1 
ATOM   449  C CG  . GLU A 1 54  ? -4.857  -12.337 -7.476  1.00 25.51 ? 52  GLU A CG  1 
ATOM   450  C CD  . GLU A 1 54  ? -3.440  -12.761 -7.802  1.00 23.70 ? 52  GLU A CD  1 
ATOM   451  O OE1 . GLU A 1 54  ? -2.673  -11.935 -8.350  1.00 25.48 ? 52  GLU A OE1 1 
ATOM   452  O OE2 . GLU A 1 54  ? -3.121  -13.925 -7.490  1.00 25.24 ? 52  GLU A OE2 1 
ATOM   453  N N   . THR A 1 55  ? -6.946  -8.462  -8.813  1.00 23.02 ? 53  THR A N   1 
ATOM   454  C CA  . THR A 1 55  ? -7.150  -7.012  -8.896  1.00 24.99 ? 53  THR A CA  1 
ATOM   455  C C   . THR A 1 55  ? -8.520  -6.616  -8.361  1.00 28.45 ? 53  THR A C   1 
ATOM   456  O O   . THR A 1 55  ? -8.653  -5.659  -7.597  1.00 25.59 ? 53  THR A O   1 
ATOM   457  C CB  . THR A 1 55  ? -6.870  -6.510  -10.300 1.00 24.53 ? 53  THR A CB  1 
ATOM   458  O OG1 . THR A 1 55  ? -5.495  -6.807  -10.626 1.00 21.54 ? 53  THR A OG1 1 
ATOM   459  C CG2 . THR A 1 55  ? -7.055  -5.009  -10.445 1.00 25.03 ? 53  THR A CG2 1 
ATOM   460  N N   . GLU A 1 56  ? -9.542  -7.396  -8.727  1.00 25.98 ? 54  GLU A N   1 
ATOM   461  C CA  . GLU A 1 56  ? -10.880 -7.186  -8.150  1.00 28.86 ? 54  GLU A CA  1 
ATOM   462  C C   . GLU A 1 56  ? -10.798 -7.347  -6.627  1.00 26.50 ? 54  GLU A C   1 
ATOM   463  O O   . GLU A 1 56  ? -11.443 -6.592  -5.868  1.00 28.48 ? 54  GLU A O   1 
ATOM   464  C CB  . GLU A 1 56  ? -11.830 -8.264  -8.702  1.00 31.08 ? 54  GLU A CB  1 
ATOM   465  C CG  . GLU A 1 56  ? -12.408 -8.031  -10.087 1.00 34.94 ? 54  GLU A CG  1 
ATOM   466  C CD  . GLU A 1 56  ? -13.052 -9.269  -10.705 1.00 35.04 ? 54  GLU A CD  1 
ATOM   467  O OE1 . GLU A 1 56  ? -13.306 -10.266 -9.991  1.00 35.99 ? 54  GLU A OE1 1 
ATOM   468  O OE2 . GLU A 1 56  ? -13.292 -9.272  -11.941 1.00 39.95 ? 54  GLU A OE2 1 
ATOM   469  N N   . ASP A 1 57  ? -10.084 -8.319  -6.110  1.00 26.11 ? 55  ASP A N   1 
ATOM   470  C CA  . ASP A 1 57  ? -9.977  -8.572  -4.675  1.00 24.54 ? 55  ASP A CA  1 
ATOM   471  C C   . ASP A 1 57  ? -9.407  -7.338  -3.964  1.00 26.26 ? 55  ASP A C   1 
ATOM   472  O O   . ASP A 1 57  ? -9.898  -6.934  -2.911  1.00 27.37 ? 55  ASP A O   1 
ATOM   473  C CB  . ASP A 1 57  ? -9.213  -9.806  -4.317  1.00 27.50 ? 55  ASP A CB  1 
ATOM   474  C CG  . ASP A 1 57  ? -10.001 -11.098 -4.636  1.00 27.86 ? 55  ASP A CG  1 
ATOM   475  O OD1 . ASP A 1 57  ? -11.192 -10.993 -4.955  1.00 31.67 ? 55  ASP A OD1 1 
ATOM   476  O OD2 . ASP A 1 57  ? -9.359  -12.158 -4.599  1.00 35.32 ? 55  ASP A OD2 1 
ATOM   477  N N   . LEU A 1 58  ? -8.380  -6.754  -4.566  1.00 23.24 ? 56  LEU A N   1 
ATOM   478  C CA  . LEU A 1 58  ? -7.804  -5.535  -3.992  1.00 23.25 ? 56  LEU A CA  1 
ATOM   479  C C   . LEU A 1 58  ? -8.817  -4.404  -4.073  1.00 23.75 ? 56  LEU A C   1 
ATOM   480  O O   . LEU A 1 58  ? -8.922  -3.681  -3.067  1.00 24.24 ? 56  LEU A O   1 
ATOM   481  C CB  . LEU A 1 58  ? -6.540  -5.087  -4.740  1.00 22.80 ? 56  LEU A CB  1 
ATOM   482  C CG  . LEU A 1 58  ? -5.289  -5.930  -4.424  1.00 17.52 ? 56  LEU A CG  1 
ATOM   483  C CD1 . LEU A 1 58  ? -4.272  -5.631  -5.558  1.00 19.62 ? 56  LEU A CD1 1 
ATOM   484  C CD2 . LEU A 1 58  ? -4.754  -5.761  -3.060  1.00 19.80 ? 56  LEU A CD2 1 
ATOM   485  N N   . THR A 1 59  ? -9.427  -4.186  -5.217  1.00 22.81 ? 57  THR A N   1 
ATOM   486  C CA  . THR A 1 59  ? -10.332 -3.024  -5.368  1.00 25.39 ? 57  THR A CA  1 
ATOM   487  C C   . THR A 1 59  ? -11.522 -3.144  -4.421  1.00 27.63 ? 57  THR A C   1 
ATOM   488  O O   . THR A 1 59  ? -11.935 -2.099  -3.848  1.00 26.57 ? 57  THR A O   1 
ATOM   489  C CB  A THR A 1 59  ? -10.768 -2.799  -6.811  0.65 29.72 ? 57  THR A CB  1 
ATOM   490  C CB  B THR A 1 59  ? -10.802 -2.964  -6.835  0.35 25.82 ? 57  THR A CB  1 
ATOM   491  O OG1 A THR A 1 59  ? -11.496 -3.924  -7.308  0.65 33.10 ? 57  THR A OG1 1 
ATOM   492  O OG1 B THR A 1 59  ? -9.778  -2.440  -7.688  0.35 27.32 ? 57  THR A OG1 1 
ATOM   493  C CG2 A THR A 1 59  ? -9.569  -2.617  -7.743  0.65 30.24 ? 57  THR A CG2 1 
ATOM   494  C CG2 B THR A 1 59  ? -12.081 -2.169  -6.989  0.35 20.92 ? 57  THR A CG2 1 
ATOM   495  N N   . ASN A 1 60  ? -11.960 -4.346  -4.104  1.00 27.74 ? 58  ASN A N   1 
ATOM   496  C CA  . ASN A 1 60  ? -13.067 -4.579  -3.180  1.00 29.97 ? 58  ASN A CA  1 
ATOM   497  C C   . ASN A 1 60  ? -12.683 -4.283  -1.735  1.00 29.72 ? 58  ASN A C   1 
ATOM   498  O O   . ASN A 1 60  ? -13.576 -4.227  -0.865  1.00 31.61 ? 58  ASN A O   1 
ATOM   499  C CB  . ASN A 1 60  ? -13.543 -6.037  -3.273  1.00 34.62 ? 58  ASN A CB  1 
ATOM   500  C CG  . ASN A 1 60  ? -14.196 -6.361  -4.594  1.00 37.51 ? 58  ASN A CG  1 
ATOM   501  O OD1 . ASN A 1 60  ? -14.622 -5.474  -5.339  1.00 43.17 ? 58  ASN A OD1 1 
ATOM   502  N ND2 . ASN A 1 60  ? -14.284 -7.640  -4.919  1.00 43.02 ? 58  ASN A ND2 1 
ATOM   503  N N   . ARG A 1 61  ? -11.437 -3.996  -1.438  1.00 27.31 ? 59  ARG A N   1 
ATOM   504  C CA  . ARG A 1 61  ? -10.956 -3.677  -0.116  1.00 27.43 ? 59  ARG A CA  1 
ATOM   505  C C   . ARG A 1 61  ? -10.636 -2.198  0.005   1.00 24.29 ? 59  ARG A C   1 
ATOM   506  O O   . ARG A 1 61  ? -10.132 -1.850  1.087   1.00 25.99 ? 59  ARG A O   1 
ATOM   507  C CB  . ARG A 1 61  ? -9.781  -4.582  0.277   1.00 28.86 ? 59  ARG A CB  1 
ATOM   508  C CG  . ARG A 1 61  ? -10.297 -6.032  0.401   1.00 31.21 ? 59  ARG A CG  1 
ATOM   509  C CD  . ARG A 1 61  ? -9.222  -6.974  0.826   1.00 34.16 ? 59  ARG A CD  1 
ATOM   510  N NE  . ARG A 1 61  ? -9.605  -8.329  1.085   1.00 36.02 ? 59  ARG A NE  1 
ATOM   511  C CZ  . ARG A 1 61  ? -10.275 -9.244  0.414   1.00 33.09 ? 59  ARG A CZ  1 
ATOM   512  N NH1 . ARG A 1 61  ? -10.802 -9.035  -0.783  1.00 31.56 ? 59  ARG A NH1 1 
ATOM   513  N NH2 . ARG A 1 61  ? -10.381 -10.452 0.989   1.00 35.88 ? 59  ARG A NH2 1 
ATOM   514  N N   . ILE A 1 62  ? -10.967 -1.354  -0.952  1.00 22.03 ? 60  ILE A N   1 
ATOM   515  C CA  . ILE A 1 62  ? -10.701 0.071   -0.871  1.00 23.23 ? 60  ILE A CA  1 
ATOM   516  C C   . ILE A 1 62  ? -11.594 0.640   0.254   1.00 24.29 ? 60  ILE A C   1 
ATOM   517  O O   . ILE A 1 62  ? -12.749 0.196   0.342   1.00 24.15 ? 60  ILE A O   1 
ATOM   518  C CB  . ILE A 1 62  ? -11.017 0.806   -2.186  1.00 25.53 ? 60  ILE A CB  1 
ATOM   519  C CG1 . ILE A 1 62  ? -9.898  0.463   -3.217  1.00 24.40 ? 60  ILE A CG1 1 
ATOM   520  C CG2 . ILE A 1 62  ? -11.161 2.297   -2.106  1.00 25.41 ? 60  ILE A CG2 1 
ATOM   521  C CD1 . ILE A 1 62  ? -10.299 0.766   -4.636  1.00 26.40 ? 60  ILE A CD1 1 
ATOM   522  N N   . LEU A 1 63  ? -10.982 1.354   1.174   1.00 22.77 ? 61  LEU A N   1 
ATOM   523  C CA  . LEU A 1 63  ? -11.893 2.004   2.181   1.00 24.14 ? 61  LEU A CA  1 
ATOM   524  C C   . LEU A 1 63  ? -12.713 3.058   1.486   1.00 23.60 ? 61  LEU A C   1 
ATOM   525  O O   . LEU A 1 63  ? -12.217 3.954   0.812   1.00 24.65 ? 61  LEU A O   1 
ATOM   526  C CB  . LEU A 1 63  ? -10.954 2.614   3.214   1.00 23.37 ? 61  LEU A CB  1 
ATOM   527  C CG  . LEU A 1 63  ? -10.228 1.722   4.199   1.00 25.20 ? 61  LEU A CG  1 
ATOM   528  C CD1 . LEU A 1 63  ? -9.295  2.646   5.033   1.00 28.92 ? 61  LEU A CD1 1 
ATOM   529  C CD2 . LEU A 1 63  ? -11.125 0.937   5.114   1.00 27.22 ? 61  LEU A CD2 1 
ATOM   530  N N   . PRO A 1 64  ? -14.072 3.043   1.590   1.00 25.62 ? 62  PRO A N   1 
ATOM   531  C CA  . PRO A 1 64  ? -14.903 4.039   0.943   1.00 26.20 ? 62  PRO A CA  1 
ATOM   532  C C   . PRO A 1 64  ? -14.532 5.467   1.291   1.00 25.36 ? 62  PRO A C   1 
ATOM   533  O O   . PRO A 1 64  ? -14.327 5.759   2.492   1.00 29.48 ? 62  PRO A O   1 
ATOM   534  C CB  . PRO A 1 64  ? -16.309 3.697   1.463   1.00 26.18 ? 62  PRO A CB  1 
ATOM   535  C CG  . PRO A 1 64  ? -16.247 2.244   1.724   1.00 27.81 ? 62  PRO A CG  1 
ATOM   536  C CD  . PRO A 1 64  ? -14.839 1.980   2.248   1.00 26.23 ? 62  PRO A CD  1 
ATOM   537  N N   . GLY A 1 65  ? -14.321 6.330   0.346   1.00 27.79 ? 63  GLY A N   1 
ATOM   538  C CA  . GLY A 1 65  ? -13.951 7.716   0.513   1.00 29.23 ? 63  GLY A CA  1 
ATOM   539  C C   . GLY A 1 65  ? -12.468 7.930   0.775   1.00 29.57 ? 63  GLY A C   1 
ATOM   540  O O   . GLY A 1 65  ? -12.020 9.058   1.018   1.00 31.91 ? 63  GLY A O   1 
ATOM   541  N N   . SER A 1 66  ? -11.652 6.866   0.654   1.00 28.07 ? 64  SER A N   1 
ATOM   542  C CA  . SER A 1 66  ? -10.226 7.045   0.925   1.00 26.90 ? 64  SER A CA  1 
ATOM   543  C C   . SER A 1 66  ? -9.426  7.472   -0.296  1.00 24.09 ? 64  SER A C   1 
ATOM   544  O O   . SER A 1 66  ? -9.884  7.460   -1.444  1.00 26.48 ? 64  SER A O   1 
ATOM   545  C CB  . SER A 1 66  ? -9.666  5.765   1.547   1.00 22.76 ? 64  SER A CB  1 
ATOM   546  O OG  . SER A 1 66  ? -9.794  4.647   0.633   1.00 23.23 ? 64  SER A OG  1 
ATOM   547  N N   . PHE A 1 67  ? -8.246  8.040   -0.015  1.00 25.40 ? 65  PHE A N   1 
ATOM   548  C CA  . PHE A 1 67  ? -7.313  8.371   -1.086  1.00 23.75 ? 65  PHE A CA  1 
ATOM   549  C C   . PHE A 1 67  ? -6.634  7.011   -1.442  1.00 22.88 ? 65  PHE A C   1 
ATOM   550  O O   . PHE A 1 67  ? -6.065  6.417   -0.516  1.00 22.80 ? 65  PHE A O   1 
ATOM   551  C CB  . PHE A 1 67  ? -6.244  9.309   -0.566  1.00 22.71 ? 65  PHE A CB  1 
ATOM   552  C CG  . PHE A 1 67  ? -5.320  9.884   -1.583  1.00 22.89 ? 65  PHE A CG  1 
ATOM   553  C CD1 . PHE A 1 67  ? -4.086  9.267   -1.811  1.00 25.89 ? 65  PHE A CD1 1 
ATOM   554  C CD2 . PHE A 1 67  ? -5.621  11.041  -2.289  1.00 21.57 ? 65  PHE A CD2 1 
ATOM   555  C CE1 . PHE A 1 67  ? -3.195  9.796   -2.732  1.00 26.29 ? 65  PHE A CE1 1 
ATOM   556  C CE2 . PHE A 1 67  ? -4.750  11.561  -3.212  1.00 23.69 ? 65  PHE A CE2 1 
ATOM   557  C CZ  . PHE A 1 67  ? -3.520  10.947  -3.429  1.00 28.87 ? 65  PHE A CZ  1 
ATOM   558  N N   . VAL A 1 68  ? -6.695  6.659   -2.692  1.00 21.37 ? 66  VAL A N   1 
ATOM   559  C CA  . VAL A 1 68  ? -6.153  5.343   -3.124  1.00 22.19 ? 66  VAL A CA  1 
ATOM   560  C C   . VAL A 1 68  ? -4.810  5.467   -3.797  1.00 18.07 ? 66  VAL A C   1 
ATOM   561  O O   . VAL A 1 68  ? -4.666  6.104   -4.840  1.00 19.64 ? 66  VAL A O   1 
ATOM   562  C CB  . VAL A 1 68  ? -7.194  4.659   -4.017  1.00 18.49 ? 66  VAL A CB  1 
ATOM   563  C CG1 . VAL A 1 68  ? -6.634  3.345   -4.597  1.00 20.35 ? 66  VAL A CG1 1 
ATOM   564  C CG2 . VAL A 1 68  ? -8.440  4.327   -3.188  1.00 20.31 ? 66  VAL A CG2 1 
ATOM   565  N N   . MET A 1 69  ? -3.808  4.739   -3.239  1.00 19.50 ? 67  MET A N   1 
ATOM   566  C CA  . MET A 1 69  ? -2.453  4.700   -3.740  1.00 19.68 ? 67  MET A CA  1 
ATOM   567  C C   . MET A 1 69  ? -2.214  3.241   -4.246  1.00 17.09 ? 67  MET A C   1 
ATOM   568  O O   . MET A 1 69  ? -2.335  2.340   -3.429  1.00 17.85 ? 67  MET A O   1 
ATOM   569  C CB  . MET A 1 69  ? -1.363  4.878   -2.655  1.00 20.20 ? 67  MET A CB  1 
ATOM   570  C CG  . MET A 1 69  ? -1.375  6.282   -2.053  1.00 24.25 ? 67  MET A CG  1 
ATOM   571  S SD  . MET A 1 69  ? -0.185  6.451   -0.702  1.00 21.71 ? 67  MET A SD  1 
ATOM   572  C CE  . MET A 1 69  ? -0.550  8.172   -0.233  1.00 26.00 ? 67  MET A CE  1 
ATOM   573  N N   . VAL A 1 70  ? -1.994  3.110   -5.537  1.00 16.69 ? 68  VAL A N   1 
ATOM   574  C CA  . VAL A 1 70  ? -1.663  1.769   -6.041  1.00 18.41 ? 68  VAL A CA  1 
ATOM   575  C C   . VAL A 1 70  ? -0.152  1.710   -6.214  1.00 18.48 ? 68  VAL A C   1 
ATOM   576  O O   . VAL A 1 70  ? 0.450   2.635   -6.742  1.00 17.17 ? 68  VAL A O   1 
ATOM   577  C CB  . VAL A 1 70  ? -2.348  1.522   -7.395  1.00 18.33 ? 68  VAL A CB  1 
ATOM   578  C CG1 . VAL A 1 70  ? -1.749  0.315   -8.113  1.00 18.77 ? 68  VAL A CG1 1 
ATOM   579  C CG2 . VAL A 1 70  ? -3.846  1.362   -7.143  1.00 20.33 ? 68  VAL A CG2 1 
ATOM   580  N N   . MET A 1 71  ? 0.430   0.666   -5.607  1.00 16.59 ? 69  MET A N   1 
ATOM   581  C CA  . MET A 1 71  ? 1.911   0.542   -5.793  1.00 16.72 ? 69  MET A CA  1 
ATOM   582  C C   . MET A 1 71  ? 2.147   -0.230  -7.075  1.00 18.86 ? 69  MET A C   1 
ATOM   583  O O   . MET A 1 71  ? 1.687   -1.368  -7.218  1.00 18.67 ? 69  MET A O   1 
ATOM   584  C CB  . MET A 1 71  ? 2.475   -0.283  -4.620  1.00 12.85 ? 69  MET A CB  1 
ATOM   585  C CG  . MET A 1 71  ? 2.121   0.332   -3.289  1.00 18.08 ? 69  MET A CG  1 
ATOM   586  S SD  . MET A 1 71  ? 2.586   2.068   -3.164  1.00 20.06 ? 69  MET A SD  1 
ATOM   587  C CE  . MET A 1 71  ? 4.322   2.006   -3.346  1.00 23.32 ? 69  MET A CE  1 
ATOM   588  N N   . ASP A 1 72  ? 2.912   0.345   -7.997  1.00 18.39 ? 70  ASP A N   1 
ATOM   589  C CA  . ASP A 1 72  ? 3.165   -0.390  -9.252  1.00 19.10 ? 70  ASP A CA  1 
ATOM   590  C C   . ASP A 1 72  ? 4.443   0.234   -9.823  1.00 22.29 ? 70  ASP A C   1 
ATOM   591  O O   . ASP A 1 72  ? 4.616   1.449   -9.743  1.00 20.55 ? 70  ASP A O   1 
ATOM   592  C CB  . ASP A 1 72  ? 1.975   -0.247  -10.184 1.00 20.86 ? 70  ASP A CB  1 
ATOM   593  C CG  . ASP A 1 72  ? 2.087   -1.125  -11.435 1.00 24.21 ? 70  ASP A CG  1 
ATOM   594  O OD1 . ASP A 1 72  ? 3.058   -0.936  -12.202 1.00 26.12 ? 70  ASP A OD1 1 
ATOM   595  O OD2 . ASP A 1 72  ? 1.231   -2.004  -11.603 1.00 25.56 ? 70  ASP A OD2 1 
ATOM   596  N N   . LYS A 1 73  ? 5.374   -0.594  -10.293 1.00 22.17 ? 71  LYS A N   1 
ATOM   597  C CA  . LYS A 1 73  ? 6.615   -0.042  -10.809 1.00 24.39 ? 71  LYS A CA  1 
ATOM   598  C C   . LYS A 1 73  ? 6.431   0.820   -12.051 1.00 25.99 ? 71  LYS A C   1 
ATOM   599  O O   . LYS A 1 73  ? 7.400   1.507   -12.412 1.00 26.31 ? 71  LYS A O   1 
ATOM   600  C CB  A LYS A 1 73  ? 7.653   -1.142  -11.026 0.65 27.87 ? 71  LYS A CB  1 
ATOM   601  C CB  B LYS A 1 73  ? 7.649   -1.147  -11.019 0.35 25.88 ? 71  LYS A CB  1 
ATOM   602  C CG  A LYS A 1 73  ? 9.075   -0.539  -11.105 0.65 28.72 ? 71  LYS A CG  1 
ATOM   603  C CG  B LYS A 1 73  ? 7.159   -2.333  -11.797 0.35 24.51 ? 71  LYS A CG  1 
ATOM   604  C CD  A LYS A 1 73  ? 10.086  -1.654  -10.764 0.65 30.21 ? 71  LYS A CD  1 
ATOM   605  C CD  B LYS A 1 73  ? 7.828   -3.645  -11.476 0.35 27.46 ? 71  LYS A CD  1 
ATOM   606  C CE  A LYS A 1 73  ? 10.073  -2.649  -11.910 0.65 32.02 ? 71  LYS A CE  1 
ATOM   607  C CE  B LYS A 1 73  ? 7.965   -3.938  -10.008 0.35 26.75 ? 71  LYS A CE  1 
ATOM   608  N NZ  A LYS A 1 73  ? 10.997  -3.779  -11.663 0.65 33.27 ? 71  LYS A NZ  1 
ATOM   609  N NZ  B LYS A 1 73  ? 7.012   -4.918  -9.448  0.35 17.50 ? 71  LYS A NZ  1 
ATOM   610  N N   . ARG A 1 74  ? 5.272   0.901   -12.647 1.00 28.10 ? 72  ARG A N   1 
ATOM   611  C CA  . ARG A 1 74  ? 4.943   1.725   -13.785 1.00 28.43 ? 72  ARG A CA  1 
ATOM   612  C C   . ARG A 1 74  ? 4.560   3.133   -13.335 1.00 28.58 ? 72  ARG A C   1 
ATOM   613  O O   . ARG A 1 74  ? 4.354   4.040   -14.155 1.00 27.78 ? 72  ARG A O   1 
ATOM   614  C CB  . ARG A 1 74  ? 3.712   1.137   -14.523 1.00 31.06 ? 72  ARG A CB  1 
ATOM   615  C CG  . ARG A 1 74  ? 4.094   -0.033  -15.419 1.00 36.23 ? 72  ARG A CG  1 
ATOM   616  C CD  . ARG A 1 74  ? 2.916   -0.831  -15.905 1.00 38.71 ? 72  ARG A CD  1 
ATOM   617  N NE  . ARG A 1 74  ? 2.021   -1.375  -14.899 1.00 36.73 ? 72  ARG A NE  1 
ATOM   618  C CZ  . ARG A 1 74  ? 1.032   -2.219  -15.160 1.00 38.21 ? 72  ARG A CZ  1 
ATOM   619  N NH1 . ARG A 1 74  ? 0.848   -2.618  -16.433 1.00 42.49 ? 72  ARG A NH1 1 
ATOM   620  N NH2 . ARG A 1 74  ? 0.230   -2.724  -14.235 1.00 37.88 ? 72  ARG A NH2 1 
ATOM   621  N N   . GLY A 1 75  ? 4.269   3.246   -12.037 1.00 26.26 ? 73  GLY A N   1 
ATOM   622  C CA  . GLY A 1 75  ? 3.823   4.519   -11.492 1.00 25.16 ? 73  GLY A CA  1 
ATOM   623  C C   . GLY A 1 75  ? 4.922   5.538   -11.373 1.00 23.61 ? 73  GLY A C   1 
ATOM   624  O O   . GLY A 1 75  ? 6.099   5.348   -11.691 1.00 24.34 ? 73  GLY A O   1 
ATOM   625  N N   . GLU A 1 76  ? 4.562   6.689   -10.809 1.00 24.65 ? 74  GLU A N   1 
ATOM   626  C CA  . GLU A 1 76  ? 5.554   7.735   -10.668 1.00 23.98 ? 74  GLU A CA  1 
ATOM   627  C C   . GLU A 1 76  ? 6.491   7.458   -9.503  1.00 23.34 ? 74  GLU A C   1 
ATOM   628  O O   . GLU A 1 76  ? 6.110   6.894   -8.484  1.00 23.11 ? 74  GLU A O   1 
ATOM   629  C CB  . GLU A 1 76  ? 4.859   9.074   -10.477 1.00 28.74 ? 74  GLU A CB  1 
ATOM   630  C CG  . GLU A 1 76  ? 4.157   9.298   -9.158  1.00 31.48 ? 74  GLU A CG  1 
ATOM   631  C CD  . GLU A 1 76  ? 3.373   10.634  -9.227  1.00 33.06 ? 74  GLU A CD  1 
ATOM   632  O OE1 . GLU A 1 76  ? 4.006   11.669  -9.001  1.00 34.26 ? 74  GLU A OE1 1 
ATOM   633  O OE2 . GLU A 1 76  ? 2.181   10.589  -9.567  1.00 30.09 ? 74  GLU A OE2 1 
ATOM   634  N N   . GLU A 1 77  ? 7.794   7.728   -9.698  1.00 21.83 ? 75  GLU A N   1 
ATOM   635  C CA  . GLU A 1 77  ? 8.734   7.592   -8.622  1.00 20.94 ? 75  GLU A CA  1 
ATOM   636  C C   . GLU A 1 77  ? 8.571   8.771   -7.679  1.00 25.28 ? 75  GLU A C   1 
ATOM   637  O O   . GLU A 1 77  ? 8.185   9.884   -8.086  1.00 25.66 ? 75  GLU A O   1 
ATOM   638  C CB  . GLU A 1 77  ? 10.218  7.515   -9.098  1.00 18.67 ? 75  GLU A CB  1 
ATOM   639  C CG  . GLU A 1 77  ? 10.433  6.161   -9.788  1.00 20.88 ? 75  GLU A CG  1 
ATOM   640  C CD  . GLU A 1 77  ? 11.876  5.902   -10.224 1.00 19.05 ? 75  GLU A CD  1 
ATOM   641  O OE1 . GLU A 1 77  ? 12.781  6.270   -9.469  1.00 23.73 ? 75  GLU A OE1 1 
ATOM   642  O OE2 . GLU A 1 77  ? 12.082  5.295   -11.289 1.00 19.62 ? 75  GLU A OE2 1 
ATOM   643  N N   . VAL A 1 78  ? 8.879   8.554   -6.426  1.00 20.76 ? 76  VAL A N   1 
ATOM   644  C CA  . VAL A 1 78  ? 8.693   9.621   -5.441  1.00 24.14 ? 76  VAL A CA  1 
ATOM   645  C C   . VAL A 1 78  ? 9.767   9.515   -4.386  1.00 24.67 ? 76  VAL A C   1 
ATOM   646  O O   . VAL A 1 78  ? 10.134  8.383   -4.054  1.00 26.48 ? 76  VAL A O   1 
ATOM   647  C CB  . VAL A 1 78  ? 7.254   9.480   -4.887  1.00 30.28 ? 76  VAL A CB  1 
ATOM   648  C CG1 . VAL A 1 78  ? 6.925   8.026   -4.512  1.00 31.82 ? 76  VAL A CG1 1 
ATOM   649  C CG2 . VAL A 1 78  ? 7.009   10.356  -3.684  1.00 31.46 ? 76  VAL A CG2 1 
ATOM   650  N N   . SER A 1 79  ? 10.323  10.604  -3.930  1.00 23.82 ? 77  SER A N   1 
ATOM   651  C CA  . SER A 1 79  ? 11.296  10.669  -2.867  1.00 23.42 ? 77  SER A CA  1 
ATOM   652  C C   . SER A 1 79  ? 10.562  10.623  -1.509  1.00 21.59 ? 77  SER A C   1 
ATOM   653  O O   . SER A 1 79  ? 9.310   10.644  -1.473  1.00 21.45 ? 77  SER A O   1 
ATOM   654  C CB  . SER A 1 79  ? 12.078  11.987  -2.936  1.00 28.19 ? 77  SER A CB  1 
ATOM   655  O OG  . SER A 1 79  ? 11.243  13.065  -2.447  1.00 27.98 ? 77  SER A OG  1 
ATOM   656  N N   . SER A 1 80  ? 11.271  10.363  -0.420  1.00 20.53 ? 78  SER A N   1 
ATOM   657  C CA  . SER A 1 80  ? 10.653  10.406  0.907   1.00 21.35 ? 78  SER A CA  1 
ATOM   658  C C   . SER A 1 80  ? 10.110  11.807  1.228   1.00 22.70 ? 78  SER A C   1 
ATOM   659  O O   . SER A 1 80  ? 9.053   11.924  1.854   1.00 23.20 ? 78  SER A O   1 
ATOM   660  C CB  . SER A 1 80  ? 11.625  10.025  2.011   1.00 22.86 ? 78  SER A CB  1 
ATOM   661  O OG  . SER A 1 80  ? 11.975  8.648   1.858   1.00 21.29 ? 78  SER A OG  1 
ATOM   662  N N   . GLU A 1 81  ? 10.866  12.812  0.790   1.00 24.31 ? 79  GLU A N   1 
ATOM   663  C CA  . GLU A 1 81  ? 10.401  14.212  1.041   1.00 26.60 ? 79  GLU A CA  1 
ATOM   664  C C   . GLU A 1 81  ? 9.077   14.428  0.321   1.00 26.30 ? 79  GLU A C   1 
ATOM   665  O O   . GLU A 1 81  ? 8.130   14.999  0.908   1.00 28.08 ? 79  GLU A O   1 
ATOM   666  C CB  . GLU A 1 81  ? 11.437  15.168  0.460   1.00 30.14 ? 79  GLU A CB  1 
ATOM   667  C CG  . GLU A 1 81  ? 12.867  15.122  0.831   1.00 36.36 ? 79  GLU A CG  1 
ATOM   668  C CD  . GLU A 1 81  ? 13.591  13.830  1.087   1.00 38.63 ? 79  GLU A CD  1 
ATOM   669  O OE1 . GLU A 1 81  ? 13.649  12.960  0.184   1.00 37.70 ? 79  GLU A OE1 1 
ATOM   670  O OE2 . GLU A 1 81  ? 14.123  13.637  2.222   1.00 44.35 ? 79  GLU A OE2 1 
ATOM   671  N N   . GLU A 1 82  ? 8.947   14.008  -0.920  1.00 24.88 ? 80  GLU A N   1 
ATOM   672  C CA  . GLU A 1 82  ? 7.716   14.160  -1.682  1.00 26.22 ? 80  GLU A CA  1 
ATOM   673  C C   . GLU A 1 82  ? 6.577   13.371  -1.050  1.00 26.06 ? 80  GLU A C   1 
ATOM   674  O O   . GLU A 1 82  ? 5.452   13.820  -0.920  1.00 25.58 ? 80  GLU A O   1 
ATOM   675  C CB  . GLU A 1 82  ? 7.848   13.701  -3.134  1.00 27.81 ? 80  GLU A CB  1 
ATOM   676  C CG  . GLU A 1 82  ? 8.630   14.680  -3.970  1.00 32.90 ? 80  GLU A CG  1 
ATOM   677  C CD  . GLU A 1 82  ? 9.412   14.104  -5.125  1.00 37.84 ? 80  GLU A CD  1 
ATOM   678  O OE1 . GLU A 1 82  ? 9.308   12.906  -5.455  1.00 35.20 ? 80  GLU A OE1 1 
ATOM   679  O OE2 . GLU A 1 82  ? 10.148  14.911  -5.762  1.00 43.12 ? 80  GLU A OE2 1 
ATOM   680  N N   . PHE A 1 83  ? 6.932   12.135  -0.613  1.00 21.53 ? 81  PHE A N   1 
ATOM   681  C CA  . PHE A 1 83  ? 5.881   11.321  0.018   1.00 22.59 ? 81  PHE A CA  1 
ATOM   682  C C   . PHE A 1 83  ? 5.311   11.990  1.260   1.00 21.49 ? 81  PHE A C   1 
ATOM   683  O O   . PHE A 1 83  ? 4.101   11.928  1.501   1.00 24.94 ? 81  PHE A O   1 
ATOM   684  C CB  . PHE A 1 83  ? 6.500   9.952   0.397   1.00 19.96 ? 81  PHE A CB  1 
ATOM   685  C CG  . PHE A 1 83  ? 5.475   8.920   0.759   1.00 18.77 ? 81  PHE A CG  1 
ATOM   686  C CD1 . PHE A 1 83  ? 4.627   8.387   -0.200  1.00 19.22 ? 81  PHE A CD1 1 
ATOM   687  C CD2 . PHE A 1 83  ? 5.334   8.478   2.098   1.00 21.30 ? 81  PHE A CD2 1 
ATOM   688  C CE1 . PHE A 1 83  ? 3.714   7.407   0.124   1.00 23.43 ? 81  PHE A CE1 1 
ATOM   689  C CE2 . PHE A 1 83  ? 4.395   7.532   2.422   1.00 23.67 ? 81  PHE A CE2 1 
ATOM   690  C CZ  . PHE A 1 83  ? 3.566   6.977   1.450   1.00 22.24 ? 81  PHE A CZ  1 
ATOM   691  N N   . ALA A 1 84  ? 6.174   12.627  2.028   1.00 21.61 ? 82  ALA A N   1 
ATOM   692  C CA  . ALA A 1 84  ? 5.794   13.337  3.252   1.00 21.60 ? 82  ALA A CA  1 
ATOM   693  C C   . ALA A 1 84  ? 4.855   14.508  2.942   1.00 24.97 ? 82  ALA A C   1 
ATOM   694  O O   . ALA A 1 84  ? 3.891   14.706  3.697   1.00 25.93 ? 82  ALA A O   1 
ATOM   695  C CB  . ALA A 1 84  ? 7.021   13.850  3.958   1.00 24.94 ? 82  ALA A CB  1 
ATOM   696  N N   . ASP A 1 85  ? 5.086   15.189  1.864   1.00 25.28 ? 83  ASP A N   1 
ATOM   697  C CA  . ASP A 1 85  ? 4.219   16.274  1.374   1.00 26.81 ? 83  ASP A CA  1 
ATOM   698  C C   . ASP A 1 85  ? 2.836   15.689  1.044   1.00 28.39 ? 83  ASP A C   1 
ATOM   699  O O   . ASP A 1 85  ? 1.792   16.291  1.380   1.00 27.27 ? 83  ASP A O   1 
ATOM   700  C CB  . ASP A 1 85  ? 4.780   16.856  0.092   1.00 30.12 ? 83  ASP A CB  1 
ATOM   701  C CG  . ASP A 1 85  ? 5.895   17.842  0.185   1.00 33.22 ? 83  ASP A CG  1 
ATOM   702  O OD1 . ASP A 1 85  ? 6.221   18.340  1.282   1.00 34.19 ? 83  ASP A OD1 1 
ATOM   703  O OD2 . ASP A 1 85  ? 6.509   18.134  -0.882  1.00 37.53 ? 83  ASP A OD2 1 
ATOM   704  N N   . PHE A 1 86  ? 2.781   14.578  0.308   1.00 25.66 ? 84  PHE A N   1 
ATOM   705  C CA  . PHE A 1 86  ? 1.527   13.926  0.044   1.00 24.48 ? 84  PHE A CA  1 
ATOM   706  C C   . PHE A 1 86  ? 0.808   13.615  1.359   1.00 22.13 ? 84  PHE A C   1 
ATOM   707  O O   . PHE A 1 86  ? -0.391  13.879  1.494   1.00 23.97 ? 84  PHE A O   1 
ATOM   708  C CB  . PHE A 1 86  ? 1.599   12.582  -0.731  1.00 27.50 ? 84  PHE A CB  1 
ATOM   709  C CG  . PHE A 1 86  ? 1.634   12.763  -2.219  1.00 31.26 ? 84  PHE A CG  1 
ATOM   710  C CD1 . PHE A 1 86  ? 0.477   13.001  -2.938  1.00 33.80 ? 84  PHE A CD1 1 
ATOM   711  C CD2 . PHE A 1 86  ? 2.838   12.723  -2.908  1.00 33.41 ? 84  PHE A CD2 1 
ATOM   712  C CE1 . PHE A 1 86  ? 0.517   13.199  -4.309  1.00 32.31 ? 84  PHE A CE1 1 
ATOM   713  C CE2 . PHE A 1 86  ? 2.897   12.923  -4.276  1.00 35.62 ? 84  PHE A CE2 1 
ATOM   714  C CZ  . PHE A 1 86  ? 1.715   13.150  -4.985  1.00 32.08 ? 84  PHE A CZ  1 
ATOM   715  N N   . LEU A 1 87  ? 1.491   13.040  2.348   1.00 20.20 ? 85  LEU A N   1 
ATOM   716  C CA  . LEU A 1 87  ? 0.909   12.631  3.586   1.00 20.16 ? 85  LEU A CA  1 
ATOM   717  C C   . LEU A 1 87  ? 0.460   13.872  4.421   1.00 22.80 ? 85  LEU A C   1 
ATOM   718  O O   . LEU A 1 87  ? -0.581  13.847  5.080   1.00 22.68 ? 85  LEU A O   1 
ATOM   719  C CB  . LEU A 1 87  ? 1.857   11.774  4.432   1.00 22.26 ? 85  LEU A CB  1 
ATOM   720  C CG  . LEU A 1 87  ? 1.260   11.080  5.632   1.00 23.10 ? 85  LEU A CG  1 
ATOM   721  C CD1 . LEU A 1 87  ? 0.144   10.104  5.223   1.00 26.66 ? 85  LEU A CD1 1 
ATOM   722  C CD2 . LEU A 1 87  ? 2.301   10.331  6.473   1.00 25.84 ? 85  LEU A CD2 1 
ATOM   723  N N   . LYS A 1 88  ? 1.272   14.921  4.311   1.00 22.29 ? 86  LYS A N   1 
ATOM   724  C CA  . LYS A 1 88  ? 0.918   16.128  5.100   1.00 25.30 ? 86  LYS A CA  1 
ATOM   725  C C   . LYS A 1 88  ? -0.434  16.669  4.618   1.00 26.36 ? 86  LYS A C   1 
ATOM   726  O O   . LYS A 1 88  ? -1.233  17.064  5.504   1.00 26.96 ? 86  LYS A O   1 
ATOM   727  C CB  . LYS A 1 88  ? 1.960   17.226  4.931   1.00 26.33 ? 86  LYS A CB  1 
ATOM   728  C CG  . LYS A 1 88  ? 1.714   18.387  5.927   1.00 29.28 ? 86  LYS A CG  1 
ATOM   729  C CD  . LYS A 1 88  ? 2.684   19.514  5.668   1.00 36.31 ? 86  LYS A CD  1 
ATOM   730  C CE  . LYS A 1 88  ? 2.403   20.717  6.581   1.00 38.38 ? 86  LYS A CE  1 
ATOM   731  N NZ  . LYS A 1 88  ? 3.404   21.810  6.339   1.00 43.94 ? 86  LYS A NZ  1 
ATOM   732  N N   . ASP A 1 89  ? -0.616  16.712  3.337   1.00 25.63 ? 87  ASP A N   1 
ATOM   733  C CA  . ASP A 1 89  ? -1.843  17.149  2.672   1.00 27.89 ? 87  ASP A CA  1 
ATOM   734  C C   . ASP A 1 89  ? -3.024  16.281  3.040   1.00 28.85 ? 87  ASP A C   1 
ATOM   735  O O   . ASP A 1 89  ? -4.125  16.753  3.376   1.00 27.95 ? 87  ASP A O   1 
ATOM   736  C CB  . ASP A 1 89  ? -1.627  17.243  1.167   1.00 30.89 ? 87  ASP A CB  1 
ATOM   737  C CG  . ASP A 1 89  ? -2.859  17.694  0.411   1.00 36.92 ? 87  ASP A CG  1 
ATOM   738  O OD1 . ASP A 1 89  ? -3.291  18.856  0.628   1.00 36.35 ? 87  ASP A OD1 1 
ATOM   739  O OD2 . ASP A 1 89  ? -3.407  16.895  -0.385  1.00 37.36 ? 87  ASP A OD2 1 
ATOM   740  N N   . LEU A 1 90  ? -2.868  14.944  2.987   1.00 28.86 ? 88  LEU A N   1 
ATOM   741  C CA  . LEU A 1 90  ? -3.950  14.051  3.402   1.00 27.66 ? 88  LEU A CA  1 
ATOM   742  C C   . LEU A 1 90  ? -4.233  14.140  4.884   1.00 27.93 ? 88  LEU A C   1 
ATOM   743  O O   . LEU A 1 90  ? -5.415  14.097  5.287   1.00 29.07 ? 88  LEU A O   1 
ATOM   744  C CB  . LEU A 1 90  ? -3.593  12.600  3.000   1.00 26.06 ? 88  LEU A CB  1 
ATOM   745  C CG  . LEU A 1 90  ? -3.362  12.370  1.509   1.00 26.52 ? 88  LEU A CG  1 
ATOM   746  C CD1 . LEU A 1 90  ? -2.874  10.918  1.293   1.00 23.59 ? 88  LEU A CD1 1 
ATOM   747  C CD2 . LEU A 1 90  ? -4.616  12.605  0.679   1.00 29.52 ? 88  LEU A CD2 1 
ATOM   748  N N   . GLU A 1 91  ? -3.225  14.385  5.743   1.00 27.62 ? 89  GLU A N   1 
ATOM   749  C CA  . GLU A 1 91  ? -3.464  14.516  7.178   1.00 27.77 ? 89  GLU A CA  1 
ATOM   750  C C   . GLU A 1 91  ? -4.212  15.841  7.402   1.00 29.37 ? 89  GLU A C   1 
ATOM   751  O O   . GLU A 1 91  ? -5.181  15.829  8.167   1.00 32.21 ? 89  GLU A O   1 
ATOM   752  C CB  A GLU A 1 91  ? -2.205  14.473  8.013   0.50 25.52 ? 89  GLU A CB  1 
ATOM   753  C CB  B GLU A 1 91  ? -2.182  14.476  7.985   0.50 27.93 ? 89  GLU A CB  1 
ATOM   754  C CG  A GLU A 1 91  ? -2.328  14.478  9.529   0.50 22.50 ? 89  GLU A CG  1 
ATOM   755  C CG  B GLU A 1 91  ? -2.274  15.107  9.360   0.50 28.05 ? 89  GLU A CG  1 
ATOM   756  C CD  A GLU A 1 91  ? -1.025  14.877  10.198  0.50 17.99 ? 89  GLU A CD  1 
ATOM   757  C CD  B GLU A 1 91  ? -1.308  14.526  10.358  0.50 24.14 ? 89  GLU A CD  1 
ATOM   758  O OE1 A GLU A 1 91  ? -0.396  15.872  9.708   0.50 24.25 ? 89  GLU A OE1 1 
ATOM   759  O OE1 B GLU A 1 91  ? -0.105  14.849  10.321  0.50 26.79 ? 89  GLU A OE1 1 
ATOM   760  O OE2 A GLU A 1 91  ? -0.603  14.202  11.159  0.50 15.88 ? 89  GLU A OE2 1 
ATOM   761  O OE2 B GLU A 1 91  ? -1.735  13.735  11.229  0.50 27.16 ? 89  GLU A OE2 1 
ATOM   762  N N   . MET A 1 92  ? -3.876  16.863  6.606   1.00 31.20 ? 90  MET A N   1 
ATOM   763  C CA  . MET A 1 92  ? -4.587  18.144  6.767   1.00 33.68 ? 90  MET A CA  1 
ATOM   764  C C   . MET A 1 92  ? -6.063  17.946  6.430   1.00 34.66 ? 90  MET A C   1 
ATOM   765  O O   . MET A 1 92  ? -6.941  18.449  7.155   1.00 33.79 ? 90  MET A O   1 
ATOM   766  C CB  A MET A 1 92  ? -4.015  19.203  5.828   0.50 37.25 ? 90  MET A CB  1 
ATOM   767  C CB  B MET A 1 92  ? -3.957  19.268  5.969   0.50 37.04 ? 90  MET A CB  1 
ATOM   768  C CG  A MET A 1 92  ? -4.084  20.632  6.364   0.50 42.01 ? 90  MET A CG  1 
ATOM   769  C CG  B MET A 1 92  ? -2.522  19.589  6.364   0.50 40.99 ? 90  MET A CG  1 
ATOM   770  S SD  A MET A 1 92  ? -2.616  21.002  7.377   0.50 47.23 ? 90  MET A SD  1 
ATOM   771  S SD  B MET A 1 92  ? -2.099  21.337  6.430   0.50 46.27 ? 90  MET A SD  1 
ATOM   772  C CE  A MET A 1 92  ? -1.350  20.800  6.104   0.50 44.28 ? 90  MET A CE  1 
ATOM   773  C CE  B MET A 1 92  ? -1.622  21.492  8.162   0.50 45.68 ? 90  MET A CE  1 
ATOM   774  N N   . LYS A 1 93  ? -6.344  17.177  5.388   1.00 33.29 ? 91  LYS A N   1 
ATOM   775  C CA  . LYS A 1 93  ? -7.713  16.899  4.987   1.00 34.15 ? 91  LYS A CA  1 
ATOM   776  C C   . LYS A 1 93  ? -8.423  15.844  5.818   1.00 33.37 ? 91  LYS A C   1 
ATOM   777  O O   . LYS A 1 93  ? -9.650  15.659  5.614   1.00 35.57 ? 91  LYS A O   1 
ATOM   778  C CB  . LYS A 1 93  ? -7.762  16.477  3.524   1.00 34.39 ? 91  LYS A CB  1 
ATOM   779  C CG  . LYS A 1 93  ? -7.325  17.488  2.498   1.00 36.08 ? 91  LYS A CG  1 
ATOM   780  C CD  . LYS A 1 93  ? -7.066  16.777  1.172   1.00 37.40 ? 91  LYS A CD  1 
ATOM   781  C CE  . LYS A 1 93  ? -6.735  17.717  0.047   1.00 34.82 ? 91  LYS A CE  1 
ATOM   782  N NZ  . LYS A 1 93  ? -6.028  17.007  -1.063  1.00 38.16 ? 91  LYS A NZ  1 
ATOM   783  N N   . GLY A 1 94  ? -7.770  15.106  6.672   1.00 32.63 ? 92  GLY A N   1 
ATOM   784  C CA  . GLY A 1 94  ? -8.363  14.057  7.497   1.00 32.69 ? 92  GLY A CA  1 
ATOM   785  C C   . GLY A 1 94  ? -8.893  12.919  6.604   1.00 33.41 ? 92  GLY A C   1 
ATOM   786  O O   . GLY A 1 94  ? -9.838  12.209  6.968   1.00 32.58 ? 92  GLY A O   1 
ATOM   787  N N   . LYS A 1 95  ? -8.203  12.722  5.471   1.00 30.26 ? 93  LYS A N   1 
ATOM   788  C CA  . LYS A 1 95  ? -8.629  11.734  4.493   1.00 30.26 ? 93  LYS A CA  1 
ATOM   789  C C   . LYS A 1 95  ? -7.935  10.410  4.762   1.00 29.64 ? 93  LYS A C   1 
ATOM   790  O O   . LYS A 1 95  ? -6.716  10.351  5.032   1.00 31.97 ? 93  LYS A O   1 
ATOM   791  C CB  . LYS A 1 95  ? -8.341  12.267  3.077   1.00 29.35 ? 93  LYS A CB  1 
ATOM   792  C CG  . LYS A 1 95  ? -8.996  11.484  1.950   1.00 31.76 ? 93  LYS A CG  1 
ATOM   793  C CD  . LYS A 1 95  ? -9.021  12.337  0.684   1.00 37.18 ? 93  LYS A CD  1 
ATOM   794  C CE  . LYS A 1 95  ? -9.890  11.692  -0.396  1.00 41.53 ? 93  LYS A CE  1 
ATOM   795  N NZ  . LYS A 1 95  ? -11.331 11.657  -0.005  1.00 40.90 ? 93  LYS A NZ  1 
ATOM   796  N N   . ASP A 1 96  ? -8.705  9.336   4.804   1.00 25.35 ? 94  ASP A N   1 
ATOM   797  C CA  . ASP A 1 96  ? -8.134  8.004   5.057   1.00 24.62 ? 94  ASP A CA  1 
ATOM   798  C C   . ASP A 1 96  ? -7.374  7.556   3.784   1.00 21.83 ? 94  ASP A C   1 
ATOM   799  O O   . ASP A 1 96  ? -7.565  8.145   2.733   1.00 24.69 ? 94  ASP A O   1 
ATOM   800  C CB  . ASP A 1 96  ? -9.212  6.955   5.284   1.00 28.62 ? 94  ASP A CB  1 
ATOM   801  C CG  . ASP A 1 96  ? -10.041 7.267   6.517   1.00 30.53 ? 94  ASP A CG  1 
ATOM   802  O OD1 . ASP A 1 96  ? -9.462  7.679   7.548   1.00 29.80 ? 94  ASP A OD1 1 
ATOM   803  O OD2 . ASP A 1 96  ? -11.254 7.020   6.410   1.00 29.99 ? 94  ASP A OD2 1 
ATOM   804  N N   . ILE A 1 97  ? -6.518  6.544   3.983   1.00 21.98 ? 95  ILE A N   1 
ATOM   805  C CA  . ILE A 1 97  ? -5.722  6.108   2.798   1.00 21.78 ? 95  ILE A CA  1 
ATOM   806  C C   . ILE A 1 97  ? -5.790  4.580   2.629   1.00 17.25 ? 95  ILE A C   1 
ATOM   807  O O   . ILE A 1 97  ? -5.779  3.839   3.606   1.00 19.88 ? 95  ILE A O   1 
ATOM   808  C CB  . ILE A 1 97  ? -4.251  6.461   3.076   1.00 20.10 ? 95  ILE A CB  1 
ATOM   809  C CG1 . ILE A 1 97  ? -4.019  7.948   3.284   1.00 19.68 ? 95  ILE A CG1 1 
ATOM   810  C CG2 . ILE A 1 97  ? -3.342  5.894   1.973   1.00 23.88 ? 95  ILE A CG2 1 
ATOM   811  C CD1 . ILE A 1 97  ? -2.670  8.303   3.859   1.00 24.53 ? 95  ILE A CD1 1 
ATOM   812  N N   . THR A 1 98  ? -5.989  4.161   1.397   1.00 19.53 ? 96  THR A N   1 
ATOM   813  C CA  . THR A 1 98  ? -5.909  2.734   1.037   1.00 17.62 ? 96  THR A CA  1 
ATOM   814  C C   . THR A 1 98  ? -4.678  2.577   0.090   1.00 14.25 ? 96  THR A C   1 
ATOM   815  O O   . THR A 1 98  ? -4.605  3.328   -0.858  1.00 18.77 ? 96  THR A O   1 
ATOM   816  C CB  . THR A 1 98  ? -7.129  2.209   0.292   1.00 20.91 ? 96  THR A CB  1 
ATOM   817  O OG1 . THR A 1 98  ? -8.287  2.351   1.133   1.00 22.33 ? 96  THR A OG1 1 
ATOM   818  C CG2 . THR A 1 98  ? -7.050  0.704   0.002   1.00 20.95 ? 96  THR A CG2 1 
ATOM   819  N N   . ILE A 1 99  ? -3.829  1.645   0.419   1.00 15.21 ? 97  ILE A N   1 
ATOM   820  C CA  . ILE A 1 99  ? -2.654  1.339   -0.430  1.00 17.85 ? 97  ILE A CA  1 
ATOM   821  C C   . ILE A 1 99  ? -2.893  -0.103  -0.922  1.00 17.07 ? 97  ILE A C   1 
ATOM   822  O O   . ILE A 1 99  ? -3.061  -0.973  -0.067  1.00 17.01 ? 97  ILE A O   1 
ATOM   823  C CB  . ILE A 1 99  ? -1.368  1.405   0.414   1.00 20.60 ? 97  ILE A CB  1 
ATOM   824  C CG1 . ILE A 1 99  ? -1.197  2.833   0.939   1.00 18.62 ? 97  ILE A CG1 1 
ATOM   825  C CG2 . ILE A 1 99  ? -0.145  1.018   -0.416  1.00 20.16 ? 97  ILE A CG2 1 
ATOM   826  C CD1 . ILE A 1 99  ? -0.376  3.030   2.170   1.00 20.48 ? 97  ILE A CD1 1 
ATOM   827  N N   . LEU A 1 100 ? -2.715  -0.299  -2.247  1.00 18.00 ? 98  LEU A N   1 
ATOM   828  C CA  . LEU A 1 100 ? -2.978  -1.603  -2.867  1.00 17.65 ? 98  LEU A CA  1 
ATOM   829  C C   . LEU A 1 100 ? -1.686  -2.173  -3.461  1.00 16.95 ? 98  LEU A C   1 
ATOM   830  O O   . LEU A 1 100 ? -1.026  -1.463  -4.200  1.00 16.15 ? 98  LEU A O   1 
ATOM   831  C CB  . LEU A 1 100 ? -4.048  -1.431  -3.955  1.00 17.95 ? 98  LEU A CB  1 
ATOM   832  C CG  . LEU A 1 100 ? -5.388  -0.873  -3.411  1.00 17.21 ? 98  LEU A CG  1 
ATOM   833  C CD1 . LEU A 1 100 ? -6.348  -0.735  -4.606  1.00 20.01 ? 98  LEU A CD1 1 
ATOM   834  C CD2 . LEU A 1 100 ? -5.904  -1.711  -2.276  1.00 17.77 ? 98  LEU A CD2 1 
ATOM   835  N N   . ILE A 1 101 ? -1.375  -3.412  -3.109  1.00 16.72 ? 99  ILE A N   1 
ATOM   836  C CA  . ILE A 1 101 ? -0.176  -4.123  -3.603  1.00 16.42 ? 99  ILE A CA  1 
ATOM   837  C C   . ILE A 1 101 ? -0.593  -5.451  -4.232  1.00 19.75 ? 99  ILE A C   1 
ATOM   838  O O   . ILE A 1 101 ? -1.283  -6.266  -3.630  1.00 19.16 ? 99  ILE A O   1 
ATOM   839  C CB  . ILE A 1 101 ? 0.784   -4.407  -2.427  1.00 15.97 ? 99  ILE A CB  1 
ATOM   840  C CG1 . ILE A 1 101 ? 1.216   -3.098  -1.758  1.00 15.81 ? 99  ILE A CG1 1 
ATOM   841  C CG2 . ILE A 1 101 ? 1.995   -5.240  -2.808  1.00 18.60 ? 99  ILE A CG2 1 
ATOM   842  C CD1 . ILE A 1 101 ? 1.841   -3.277  -0.376  1.00 15.85 ? 99  ILE A CD1 1 
ATOM   843  N N   . GLY A 1 102 ? -0.139  -5.627  -5.478  1.00 19.29 ? 100 GLY A N   1 
ATOM   844  C CA  . GLY A 1 102 ? -0.510  -6.831  -6.240  1.00 19.85 ? 100 GLY A CA  1 
ATOM   845  C C   . GLY A 1 102 ? 0.435   -7.991  -5.921  1.00 21.87 ? 100 GLY A C   1 
ATOM   846  O O   . GLY A 1 102 ? 1.425   -7.939  -5.214  1.00 22.66 ? 100 GLY A O   1 
ATOM   847  N N   . GLY A 1 103 ? 0.103   -9.110  -6.549  1.00 22.12 ? 101 GLY A N   1 
ATOM   848  C CA  . GLY A 1 103 ? 0.867   -10.354 -6.457  1.00 27.71 ? 101 GLY A CA  1 
ATOM   849  C C   . GLY A 1 103 ? 1.979   -10.396 -7.496  1.00 28.57 ? 101 GLY A C   1 
ATOM   850  O O   . GLY A 1 103 ? 2.140   -9.520  -8.333  1.00 27.31 ? 101 GLY A O   1 
ATOM   851  N N   . PRO A 1 104 ? 2.600   -11.593 -7.606  1.00 31.92 ? 102 PRO A N   1 
ATOM   852  C CA  . PRO A 1 104 ? 3.706   -11.764 -8.547  1.00 32.08 ? 102 PRO A CA  1 
ATOM   853  C C   . PRO A 1 104 ? 3.439   -11.547 -9.995  1.00 31.85 ? 102 PRO A C   1 
ATOM   854  O O   . PRO A 1 104 ? 4.363   -11.090 -10.725 1.00 32.05 ? 102 PRO A O   1 
ATOM   855  C CB  . PRO A 1 104 ? 4.120   -13.195 -8.178  1.00 31.39 ? 102 PRO A CB  1 
ATOM   856  C CG  . PRO A 1 104 ? 2.788   -13.877 -8.147  1.00 32.23 ? 102 PRO A CG  1 
ATOM   857  C CD  . PRO A 1 104 ? 1.876   -12.894 -7.429  1.00 32.69 ? 102 PRO A CD  1 
ATOM   858  N N   . TYR A 1 105 ? 2.256   -11.744 -10.536 1.00 29.35 ? 103 TYR A N   1 
ATOM   859  C CA  . TYR A 1 105 ? 1.966   -11.496 -11.937 1.00 30.46 ? 103 TYR A CA  1 
ATOM   860  C C   . TYR A 1 105 ? 1.546   -10.065 -12.229 1.00 29.93 ? 103 TYR A C   1 
ATOM   861  O O   . TYR A 1 105 ? 1.265   -9.724  -13.365 1.00 30.43 ? 103 TYR A O   1 
ATOM   862  C CB  . TYR A 1 105 ? 0.916   -12.498 -12.431 1.00 31.64 ? 103 TYR A CB  1 
ATOM   863  C CG  . TYR A 1 105 ? 1.286   -13.939 -12.127 1.00 34.61 ? 103 TYR A CG  1 
ATOM   864  C CD1 . TYR A 1 105 ? 2.486   -14.483 -12.577 1.00 38.90 ? 103 TYR A CD1 1 
ATOM   865  C CD2 . TYR A 1 105 ? 0.413   -14.749 -11.414 1.00 35.31 ? 103 TYR A CD2 1 
ATOM   866  C CE1 . TYR A 1 105 ? 2.790   -15.803 -12.297 1.00 39.96 ? 103 TYR A CE1 1 
ATOM   867  C CE2 . TYR A 1 105 ? 0.694   -16.078 -11.149 1.00 39.10 ? 103 TYR A CE2 1 
ATOM   868  C CZ  . TYR A 1 105 ? 1.900   -16.594 -11.596 1.00 41.45 ? 103 TYR A CZ  1 
ATOM   869  O OH  . TYR A 1 105 ? 2.209   -17.918 -11.346 1.00 44.02 ? 103 TYR A OH  1 
ATOM   870  N N   . GLY A 1 106 ? 1.445   -9.207  -11.199 1.00 29.70 ? 104 GLY A N   1 
ATOM   871  C CA  . GLY A 1 106 ? 1.077   -7.823  -11.433 1.00 28.55 ? 104 GLY A CA  1 
ATOM   872  C C   . GLY A 1 106 ? -0.419  -7.530  -11.299 1.00 28.21 ? 104 GLY A C   1 
ATOM   873  O O   . GLY A 1 106 ? -1.182  -8.375  -10.822 1.00 24.41 ? 104 GLY A O   1 
ATOM   874  N N   . LEU A 1 107 ? -0.811  -6.345  -11.739 1.00 26.07 ? 105 LEU A N   1 
ATOM   875  C CA  . LEU A 1 107 ? -2.181  -5.866  -11.657 1.00 26.74 ? 105 LEU A CA  1 
ATOM   876  C C   . LEU A 1 107 ? -2.880  -5.615  -12.987 1.00 27.61 ? 105 LEU A C   1 
ATOM   877  O O   . LEU A 1 107 ? -2.258  -5.299  -14.010 1.00 29.34 ? 105 LEU A O   1 
ATOM   878  C CB  . LEU A 1 107 ? -2.154  -4.491  -10.927 1.00 25.95 ? 105 LEU A CB  1 
ATOM   879  C CG  . LEU A 1 107 ? -1.556  -4.576  -9.508  1.00 24.87 ? 105 LEU A CG  1 
ATOM   880  C CD1 . LEU A 1 107 ? -1.207  -3.186  -8.975  1.00 25.76 ? 105 LEU A CD1 1 
ATOM   881  C CD2 . LEU A 1 107 ? -2.598  -5.238  -8.598  1.00 24.74 ? 105 LEU A CD2 1 
ATOM   882  N N   . ASN A 1 108 ? -4.190  -5.752  -12.975 1.00 28.95 ? 106 ASN A N   1 
ATOM   883  C CA  . ASN A 1 108 ? -5.063  -5.483  -14.106 1.00 31.06 ? 106 ASN A CA  1 
ATOM   884  C C   . ASN A 1 108 ? -5.337  -3.985  -14.204 1.00 34.50 ? 106 ASN A C   1 
ATOM   885  O O   . ASN A 1 108 ? -5.360  -3.308  -13.170 1.00 33.75 ? 106 ASN A O   1 
ATOM   886  C CB  . ASN A 1 108 ? -6.373  -6.252  -13.917 1.00 33.96 ? 106 ASN A CB  1 
ATOM   887  C CG  . ASN A 1 108 ? -7.340  -6.083  -15.062 1.00 38.94 ? 106 ASN A CG  1 
ATOM   888  O OD1 . ASN A 1 108 ? -8.132  -5.142  -15.142 1.00 35.67 ? 106 ASN A OD1 1 
ATOM   889  N ND2 . ASN A 1 108 ? -7.288  -7.038  -16.001 1.00 42.20 ? 106 ASN A ND2 1 
ATOM   890  N N   . GLU A 1 109 ? -5.551  -3.442  -15.399 1.00 36.07 ? 107 GLU A N   1 
ATOM   891  C CA  . GLU A 1 109 ? -5.809  -2.027  -15.604 1.00 36.77 ? 107 GLU A CA  1 
ATOM   892  C C   . GLU A 1 109 ? -7.019  -1.425  -14.941 1.00 37.87 ? 107 GLU A C   1 
ATOM   893  O O   . GLU A 1 109 ? -6.986  -0.220  -14.610 1.00 39.08 ? 107 GLU A O   1 
ATOM   894  C CB  . GLU A 1 109 ? -5.958  -1.751  -17.122 1.00 43.82 ? 107 GLU A CB  1 
ATOM   895  C CG  . GLU A 1 109 ? -4.706  -2.049  -17.918 1.00 48.97 ? 107 GLU A CG  1 
ATOM   896  C CD  . GLU A 1 109 ? -4.832  -1.661  -19.386 1.00 51.15 ? 107 GLU A CD  1 
ATOM   897  O OE1 . GLU A 1 109 ? -5.920  -1.781  -19.987 1.00 54.07 ? 107 GLU A OE1 1 
ATOM   898  O OE2 . GLU A 1 109 ? -3.786  -1.244  -19.934 1.00 53.34 ? 107 GLU A OE2 1 
ATOM   899  N N   . GLU A 1 110 ? -8.114  -2.165  -14.738 1.00 38.55 ? 108 GLU A N   1 
ATOM   900  C CA  . GLU A 1 110 ? -9.293  -1.628  -14.048 1.00 38.10 ? 108 GLU A CA  1 
ATOM   901  C C   . GLU A 1 110 ? -8.885  -0.967  -12.735 1.00 37.56 ? 108 GLU A C   1 
ATOM   902  O O   . GLU A 1 110 ? -9.553  -0.024  -12.269 1.00 37.02 ? 108 GLU A O   1 
ATOM   903  C CB  . GLU A 1 110 ? -10.343 -2.718  -13.826 1.00 46.10 ? 108 GLU A CB  1 
ATOM   904  C CG  . GLU A 1 110 ? -11.412 -2.534  -12.791 1.00 51.76 ? 108 GLU A CG  1 
ATOM   905  C CD  . GLU A 1 110 ? -12.784 -2.054  -13.161 1.00 55.44 ? 108 GLU A CD  1 
ATOM   906  O OE1 . GLU A 1 110 ? -12.930 -1.167  -14.028 1.00 56.39 ? 108 GLU A OE1 1 
ATOM   907  O OE2 . GLU A 1 110 ? -13.791 -2.524  -12.557 1.00 58.38 ? 108 GLU A OE2 1 
ATOM   908  N N   . ILE A 1 111 ? -7.788  -1.406  -12.096 1.00 35.47 ? 109 ILE A N   1 
ATOM   909  C CA  . ILE A 1 111 ? -7.387  -0.776  -10.850 1.00 31.42 ? 109 ILE A CA  1 
ATOM   910  C C   . ILE A 1 111 ? -6.893  0.650   -11.007 1.00 33.14 ? 109 ILE A C   1 
ATOM   911  O O   . ILE A 1 111 ? -7.180  1.486   -10.126 1.00 31.54 ? 109 ILE A O   1 
ATOM   912  C CB  . ILE A 1 111 ? -6.349  -1.634  -10.085 1.00 29.55 ? 109 ILE A CB  1 
ATOM   913  C CG1 . ILE A 1 111 ? -6.471  -1.326  -8.576  1.00 30.04 ? 109 ILE A CG1 1 
ATOM   914  C CG2 . ILE A 1 111 ? -4.945  -1.370  -10.610 1.00 26.64 ? 109 ILE A CG2 1 
ATOM   915  C CD1 . ILE A 1 111 ? -5.654  -2.301  -7.740  1.00 35.42 ? 109 ILE A CD1 1 
ATOM   916  N N   . PHE A 1 112 ? -6.237  1.057   -12.068 1.00 32.72 ? 110 PHE A N   1 
ATOM   917  C CA  . PHE A 1 112 ? -5.690  2.393   -12.179 1.00 35.00 ? 110 PHE A CA  1 
ATOM   918  C C   . PHE A 1 112 ? -6.738  3.486   -12.215 1.00 35.90 ? 110 PHE A C   1 
ATOM   919  O O   . PHE A 1 112 ? -6.449  4.577   -11.721 1.00 36.04 ? 110 PHE A O   1 
ATOM   920  C CB  . PHE A 1 112 ? -4.719  2.544   -13.332 1.00 35.12 ? 110 PHE A CB  1 
ATOM   921  C CG  . PHE A 1 112 ? -3.531  1.635   -13.165 1.00 39.45 ? 110 PHE A CG  1 
ATOM   922  C CD1 . PHE A 1 112 ? -2.718  1.767   -12.045 1.00 33.97 ? 110 PHE A CD1 1 
ATOM   923  C CD2 . PHE A 1 112 ? -3.252  0.634   -14.073 1.00 37.36 ? 110 PHE A CD2 1 
ATOM   924  C CE1 . PHE A 1 112 ? -1.644  0.947   -11.860 1.00 35.70 ? 110 PHE A CE1 1 
ATOM   925  C CE2 . PHE A 1 112 ? -2.159  -0.194  -13.887 1.00 40.65 ? 110 PHE A CE2 1 
ATOM   926  C CZ  . PHE A 1 112 ? -1.352  -0.044  -12.774 1.00 38.90 ? 110 PHE A CZ  1 
ATOM   927  N N   . ALA A 1 113 ? -7.926  3.155   -12.687 1.00 36.32 ? 111 ALA A N   1 
ATOM   928  C CA  . ALA A 1 113 ? -9.047  4.081   -12.741 1.00 37.75 ? 111 ALA A CA  1 
ATOM   929  C C   . ALA A 1 113 ? -9.650  4.287   -11.354 1.00 37.74 ? 111 ALA A C   1 
ATOM   930  O O   . ALA A 1 113 ? -10.545 5.114   -11.192 1.00 39.02 ? 111 ALA A O   1 
ATOM   931  C CB  . ALA A 1 113 ? -10.099 3.498   -13.688 1.00 39.70 ? 111 ALA A CB  1 
ATOM   932  N N   . LYS A 1 114 ? -9.287  3.477   -10.364 1.00 35.06 ? 112 LYS A N   1 
ATOM   933  C CA  . LYS A 1 114 ? -9.785  3.662   -9.007  1.00 35.40 ? 112 LYS A CA  1 
ATOM   934  C C   . LYS A 1 114 ? -8.713  4.335   -8.156  1.00 31.58 ? 112 LYS A C   1 
ATOM   935  O O   . LYS A 1 114 ? -8.918  4.496   -6.954  1.00 33.36 ? 112 LYS A O   1 
ATOM   936  C CB  . LYS A 1 114 ? -10.149 2.323   -8.372  1.00 37.19 ? 112 LYS A CB  1 
ATOM   937  C CG  . LYS A 1 114 ? -11.472 1.782   -8.938  1.00 42.03 ? 112 LYS A CG  1 
ATOM   938  C CD  . LYS A 1 114 ? -11.453 0.275   -8.809  1.00 43.66 ? 112 LYS A CD  1 
ATOM   939  C CE  . LYS A 1 114 ? -11.728 -0.425  -10.122 1.00 47.33 ? 112 LYS A CE  1 
ATOM   940  N NZ  . LYS A 1 114 ? -13.178 -0.567  -10.416 1.00 46.75 ? 112 LYS A NZ  1 
ATOM   941  N N   . ALA A 1 115 ? -7.586  4.717   -8.743  1.00 31.53 ? 113 ALA A N   1 
ATOM   942  C CA  . ALA A 1 115 ? -6.509  5.291   -7.961  1.00 31.45 ? 113 ALA A CA  1 
ATOM   943  C C   . ALA A 1 115 ? -6.312  6.792   -8.058  1.00 27.56 ? 113 ALA A C   1 
ATOM   944  O O   . ALA A 1 115 ? -6.410  7.417   -9.133  1.00 29.33 ? 113 ALA A O   1 
ATOM   945  C CB  . ALA A 1 115 ? -5.157  4.660   -8.370  1.00 30.45 ? 113 ALA A CB  1 
ATOM   946  N N   . HIS A 1 116 ? -5.949  7.370   -6.921  1.00 25.98 ? 114 HIS A N   1 
ATOM   947  C CA  . HIS A 1 116 ? -5.607  8.798   -6.910  1.00 24.28 ? 114 HIS A CA  1 
ATOM   948  C C   . HIS A 1 116 ? -4.151  8.994   -7.269  1.00 23.31 ? 114 HIS A C   1 
ATOM   949  O O   . HIS A 1 116 ? -3.732  9.949   -7.956  1.00 25.15 ? 114 HIS A O   1 
ATOM   950  C CB  . HIS A 1 116 ? -5.902  9.470   -5.573  1.00 27.04 ? 114 HIS A CB  1 
ATOM   951  C CG  . HIS A 1 116 ? -7.338  9.453   -5.195  1.00 34.58 ? 114 HIS A CG  1 
ATOM   952  N ND1 . HIS A 1 116 ? -8.060  8.320   -4.964  1.00 33.31 ? 114 HIS A ND1 1 
ATOM   953  C CD2 . HIS A 1 116 ? -8.199  10.508  -5.002  1.00 35.59 ? 114 HIS A CD2 1 
ATOM   954  C CE1 . HIS A 1 116 ? -9.307  8.624   -4.653  1.00 36.29 ? 114 HIS A CE1 1 
ATOM   955  N NE2 . HIS A 1 116 ? -9.406  9.943   -4.655  1.00 39.49 ? 114 HIS A NE2 1 
ATOM   956  N N   . ARG A 1 117 ? -3.289  8.021   -6.918  1.00 22.65 ? 115 ARG A N   1 
ATOM   957  C CA  . ARG A 1 117 ? -1.894  8.079   -7.296  1.00 21.25 ? 115 ARG A CA  1 
ATOM   958  C C   . ARG A 1 117 ? -1.374  6.631   -7.500  1.00 20.15 ? 115 ARG A C   1 
ATOM   959  O O   . ARG A 1 117 ? -1.857  5.724   -6.834  1.00 19.65 ? 115 ARG A O   1 
ATOM   960  C CB  . ARG A 1 117 ? -0.986  8.691   -6.251  1.00 24.21 ? 115 ARG A CB  1 
ATOM   961  C CG  . ARG A 1 117 ? -0.959  10.176  -6.163  1.00 26.49 ? 115 ARG A CG  1 
ATOM   962  C CD  . ARG A 1 117 ? -0.369  10.837  -7.404  1.00 25.66 ? 115 ARG A CD  1 
ATOM   963  N NE  . ARG A 1 117 ? -0.757  12.259  -7.396  1.00 33.44 ? 115 ARG A NE  1 
ATOM   964  C CZ  . ARG A 1 117 ? -0.168  13.197  -8.120  1.00 34.39 ? 115 ARG A CZ  1 
ATOM   965  N NH1 . ARG A 1 117 ? 0.847   12.931  -8.929  1.00 33.21 ? 115 ARG A NH1 1 
ATOM   966  N NH2 . ARG A 1 117 ? -0.624  14.447  -8.039  1.00 40.24 ? 115 ARG A NH2 1 
ATOM   967  N N   . VAL A 1 118 ? -0.469  6.498   -8.434  1.00 20.76 ? 116 VAL A N   1 
ATOM   968  C CA  . VAL A 1 118 ? 0.211   5.221   -8.673  1.00 18.87 ? 116 VAL A CA  1 
ATOM   969  C C   . VAL A 1 118 ? 1.683   5.482   -8.399  1.00 21.30 ? 116 VAL A C   1 
ATOM   970  O O   . VAL A 1 118 ? 2.337   6.258   -9.113  1.00 20.64 ? 116 VAL A O   1 
ATOM   971  C CB  . VAL A 1 118 ? -0.084  4.662   -10.044 1.00 19.87 ? 116 VAL A CB  1 
ATOM   972  C CG1 . VAL A 1 118 ? 0.535   3.241   -10.202 1.00 20.29 ? 116 VAL A CG1 1 
ATOM   973  C CG2 . VAL A 1 118 ? -1.569  4.612   -10.359 1.00 21.86 ? 116 VAL A CG2 1 
ATOM   974  N N   . PHE A 1 119 ? 2.255   4.863   -7.382  1.00 21.57 ? 117 PHE A N   1 
ATOM   975  C CA  . PHE A 1 119 ? 3.648   5.096   -7.044  1.00 18.50 ? 117 PHE A CA  1 
ATOM   976  C C   . PHE A 1 119 ? 4.539   3.856   -7.309  1.00 19.23 ? 117 PHE A C   1 
ATOM   977  O O   . PHE A 1 119 ? 4.205   2.698   -7.016  1.00 18.11 ? 117 PHE A O   1 
ATOM   978  C CB  . PHE A 1 119 ? 3.850   5.398   -5.564  1.00 19.95 ? 117 PHE A CB  1 
ATOM   979  C CG  . PHE A 1 119 ? 3.263   6.724   -5.096  1.00 18.77 ? 117 PHE A CG  1 
ATOM   980  C CD1 . PHE A 1 119 ? 3.600   7.891   -5.772  1.00 24.94 ? 117 PHE A CD1 1 
ATOM   981  C CD2 . PHE A 1 119 ? 2.363   6.799   -4.095  1.00 18.23 ? 117 PHE A CD2 1 
ATOM   982  C CE1 . PHE A 1 119 ? 3.034   9.102   -5.419  1.00 22.21 ? 117 PHE A CE1 1 
ATOM   983  C CE2 . PHE A 1 119 ? 1.829   8.014   -3.665  1.00 20.58 ? 117 PHE A CE2 1 
ATOM   984  C CZ  . PHE A 1 119 ? 2.175   9.172   -4.336  1.00 21.11 ? 117 PHE A CZ  1 
ATOM   985  N N   . SER A 1 120 ? 5.710   4.193   -7.793  1.00 18.62 ? 118 SER A N   1 
ATOM   986  C CA  . SER A 1 120 ? 6.771   3.195   -7.939  1.00 17.38 ? 118 SER A CA  1 
ATOM   987  C C   . SER A 1 120 ? 7.759   3.471   -6.827  1.00 17.65 ? 118 SER A C   1 
ATOM   988  O O   . SER A 1 120 ? 8.226   4.635   -6.643  1.00 20.32 ? 118 SER A O   1 
ATOM   989  C CB  . SER A 1 120 ? 7.487   3.287   -9.294  1.00 21.17 ? 118 SER A CB  1 
ATOM   990  O OG  . SER A 1 120 ? 8.631   2.422   -9.168  1.00 20.81 ? 118 SER A OG  1 
ATOM   991  N N   . LEU A 1 121 ? 8.149   2.432   -6.050  1.00 17.36 ? 119 LEU A N   1 
ATOM   992  C CA  . LEU A 1 121 ? 9.115   2.639   -4.996  1.00 14.94 ? 119 LEU A CA  1 
ATOM   993  C C   . LEU A 1 121 ? 10.588  2.531   -5.393  1.00 16.66 ? 119 LEU A C   1 
ATOM   994  O O   . LEU A 1 121 ? 11.478  2.844   -4.611  1.00 17.22 ? 119 LEU A O   1 
ATOM   995  C CB  . LEU A 1 121 ? 8.940   1.470   -3.944  1.00 17.03 ? 119 LEU A CB  1 
ATOM   996  C CG  . LEU A 1 121 ? 7.635   1.534   -3.137  1.00 18.78 ? 119 LEU A CG  1 
ATOM   997  C CD1 . LEU A 1 121 ? 7.509   0.236   -2.315  1.00 23.55 ? 119 LEU A CD1 1 
ATOM   998  C CD2 . LEU A 1 121 ? 7.508   2.747   -2.242  1.00 20.72 ? 119 LEU A CD2 1 
ATOM   999  N N   . SER A 1 122 ? 10.827  2.055   -6.608  1.00 15.54 ? 120 SER A N   1 
ATOM   1000 C CA  . SER A 1 122 ? 12.205  1.849   -7.106  1.00 18.26 ? 120 SER A CA  1 
ATOM   1001 C C   . SER A 1 122 ? 12.178  1.261   -8.526  1.00 18.14 ? 120 SER A C   1 
ATOM   1002 O O   . SER A 1 122 ? 11.172  0.718   -8.928  1.00 17.34 ? 120 SER A O   1 
ATOM   1003 C CB  . SER A 1 122 ? 12.838  0.756   -6.185  1.00 15.62 ? 120 SER A CB  1 
ATOM   1004 O OG  . SER A 1 122 ? 14.090  0.284   -6.689  1.00 18.71 ? 120 SER A OG  1 
ATOM   1005 N N   . LYS A 1 123 ? 13.325  1.361   -9.199  1.00 19.24 ? 121 LYS A N   1 
ATOM   1006 C CA  . LYS A 1 123 ? 13.457  0.630   -10.472 1.00 19.96 ? 121 LYS A CA  1 
ATOM   1007 C C   . LYS A 1 123 ? 13.625  -0.860  -10.225 1.00 18.51 ? 121 LYS A C   1 
ATOM   1008 O O   . LYS A 1 123 ? 13.516  -1.666  -11.170 1.00 18.53 ? 121 LYS A O   1 
ATOM   1009 C CB  . LYS A 1 123 ? 14.755  1.168   -11.152 1.00 18.36 ? 121 LYS A CB  1 
ATOM   1010 C CG  . LYS A 1 123 ? 14.353  2.534   -11.712 1.00 20.58 ? 121 LYS A CG  1 
ATOM   1011 C CD  . LYS A 1 123 ? 15.663  3.255   -12.130 1.00 25.02 ? 121 LYS A CD  1 
ATOM   1012 C CE  . LYS A 1 123 ? 15.097  4.514   -12.833 1.00 24.58 ? 121 LYS A CE  1 
ATOM   1013 N NZ  . LYS A 1 123 ? 14.769  5.521   -11.790 1.00 20.34 ? 121 LYS A NZ  1 
ATOM   1014 N N   . MET A 1 124 ? 13.980  -1.224  -8.975  1.00 19.05 ? 122 MET A N   1 
ATOM   1015 C CA  . MET A 1 124 ? 14.099  -2.619  -8.620  1.00 19.27 ? 122 MET A CA  1 
ATOM   1016 C C   . MET A 1 124 ? 12.729  -3.244  -8.340  1.00 20.15 ? 122 MET A C   1 
ATOM   1017 O O   . MET A 1 124 ? 11.807  -2.534  -7.921  1.00 19.33 ? 122 MET A O   1 
ATOM   1018 C CB  . MET A 1 124 ? 14.960  -2.815  -7.351  1.00 17.09 ? 122 MET A CB  1 
ATOM   1019 C CG  . MET A 1 124 ? 16.401  -2.448  -7.653  1.00 26.91 ? 122 MET A CG  1 
ATOM   1020 S SD  . MET A 1 124 ? 17.603  -2.620  -6.357  1.00 19.08 ? 122 MET A SD  1 
ATOM   1021 C CE  . MET A 1 124 ? 18.771  -3.718  -7.150  1.00 20.87 ? 122 MET A CE  1 
ATOM   1022 N N   . THR A 1 125 ? 12.663  -4.526  -8.580  1.00 17.13 ? 123 THR A N   1 
ATOM   1023 C CA  . THR A 1 125 ? 11.436  -5.262  -8.282  1.00 15.54 ? 123 THR A CA  1 
ATOM   1024 C C   . THR A 1 125 ? 11.462  -5.771  -6.829  1.00 17.27 ? 123 THR A C   1 
ATOM   1025 O O   . THR A 1 125 ? 12.377  -6.480  -6.463  1.00 17.49 ? 123 THR A O   1 
ATOM   1026 C CB  . THR A 1 125 ? 11.320  -6.422  -9.256  1.00 19.41 ? 123 THR A CB  1 
ATOM   1027 O OG1 . THR A 1 125 ? 11.312  -5.888  -10.622 1.00 22.70 ? 123 THR A OG1 1 
ATOM   1028 C CG2 . THR A 1 125 ? 10.058  -7.239  -9.075  1.00 20.78 ? 123 THR A CG2 1 
ATOM   1029 N N   . PHE A 1 126 ? 10.425  -5.430  -6.073  1.00 15.72 ? 124 PHE A N   1 
ATOM   1030 C CA  . PHE A 1 126 ? 10.332  -5.920  -4.679  1.00 14.92 ? 124 PHE A CA  1 
ATOM   1031 C C   . PHE A 1 126 ? 9.193   -6.923  -4.576  1.00 15.19 ? 124 PHE A C   1 
ATOM   1032 O O   . PHE A 1 126 ? 8.205   -6.913  -5.309  1.00 16.32 ? 124 PHE A O   1 
ATOM   1033 C CB  . PHE A 1 126 ? 10.080  -4.754  -3.730  1.00 16.43 ? 124 PHE A CB  1 
ATOM   1034 C CG  . PHE A 1 126 ? 11.119  -3.658  -3.738  1.00 19.39 ? 124 PHE A CG  1 
ATOM   1035 C CD1 . PHE A 1 126 ? 12.466  -3.897  -3.781  1.00 21.53 ? 124 PHE A CD1 1 
ATOM   1036 C CD2 . PHE A 1 126 ? 10.647  -2.329  -3.702  1.00 20.61 ? 124 PHE A CD2 1 
ATOM   1037 C CE1 . PHE A 1 126 ? 13.386  -2.824  -3.791  1.00 20.77 ? 124 PHE A CE1 1 
ATOM   1038 C CE2 . PHE A 1 126 ? 11.572  -1.302  -3.643  1.00 20.04 ? 124 PHE A CE2 1 
ATOM   1039 C CZ  . PHE A 1 126 ? 12.925  -1.549  -3.668  1.00 20.84 ? 124 PHE A CZ  1 
ATOM   1040 N N   . THR A 1 127 ? 9.375   -7.855  -3.618  1.00 16.17 ? 125 THR A N   1 
ATOM   1041 C CA  . THR A 1 127 ? 8.254   -8.796  -3.387  1.00 16.17 ? 125 THR A CA  1 
ATOM   1042 C C   . THR A 1 127 ? 7.095   -8.039  -2.729  1.00 17.22 ? 125 THR A C   1 
ATOM   1043 O O   . THR A 1 127 ? 7.266   -6.932  -2.191  1.00 19.17 ? 125 THR A O   1 
ATOM   1044 C CB  . THR A 1 127 ? 8.681   -9.921  -2.414  1.00 19.34 ? 125 THR A CB  1 
ATOM   1045 O OG1 . THR A 1 127 ? 9.184   -9.342  -1.212  1.00 18.15 ? 125 THR A OG1 1 
ATOM   1046 C CG2 . THR A 1 127 ? 9.814   -10.723 -3.068  1.00 24.41 ? 125 THR A CG2 1 
ATOM   1047 N N   . HIS A 1 128 ? 5.954   -8.739  -2.680  1.00 18.46 ? 126 HIS A N   1 
ATOM   1048 C CA  . HIS A 1 128 ? 4.768   -8.149  -2.035  1.00 17.41 ? 126 HIS A CA  1 
ATOM   1049 C C   . HIS A 1 128 ? 5.025   -7.821  -0.579  1.00 17.85 ? 126 HIS A C   1 
ATOM   1050 O O   . HIS A 1 128 ? 4.656   -6.732  -0.076  1.00 16.02 ? 126 HIS A O   1 
ATOM   1051 C CB  . HIS A 1 128 ? 3.521   -9.013  -2.286  1.00 19.24 ? 126 HIS A CB  1 
ATOM   1052 C CG  . HIS A 1 128 ? 3.580   -10.331 -1.576  1.00 25.85 ? 126 HIS A CG  1 
ATOM   1053 N ND1 . HIS A 1 128 ? 4.471   -11.310 -1.960  1.00 29.99 ? 126 HIS A ND1 1 
ATOM   1054 C CD2 . HIS A 1 128 ? 2.865   -10.825 -0.548  1.00 27.14 ? 126 HIS A CD2 1 
ATOM   1055 C CE1 . HIS A 1 128 ? 4.317   -12.365 -1.156  1.00 29.75 ? 126 HIS A CE1 1 
ATOM   1056 N NE2 . HIS A 1 128 ? 3.348   -12.103 -0.300  1.00 27.79 ? 126 HIS A NE2 1 
ATOM   1057 N N   . GLY A 1 129 ? 5.659   -8.750  0.165   1.00 18.37 ? 127 GLY A N   1 
ATOM   1058 C CA  . GLY A 1 129 ? 5.968   -8.521  1.583   1.00 17.64 ? 127 GLY A CA  1 
ATOM   1059 C C   . GLY A 1 129 ? 6.920   -7.384  1.816   1.00 16.20 ? 127 GLY A C   1 
ATOM   1060 O O   . GLY A 1 129 ? 6.722   -6.532  2.699   1.00 15.82 ? 127 GLY A O   1 
ATOM   1061 N N   . MET A 1 130 ? 8.018   -7.280  1.046   1.00 16.85 ? 128 MET A N   1 
ATOM   1062 C CA  . MET A 1 130 ? 8.976   -6.204  1.205   1.00 16.81 ? 128 MET A CA  1 
ATOM   1063 C C   . MET A 1 130 ? 8.283   -4.864  0.853   1.00 15.25 ? 128 MET A C   1 
ATOM   1064 O O   . MET A 1 130 ? 8.567   -3.878  1.512   1.00 16.58 ? 128 MET A O   1 
ATOM   1065 C CB  A MET A 1 130 ? 10.199  -6.396  0.291   0.65 19.98 ? 128 MET A CB  1 
ATOM   1066 C CB  B MET A 1 130 ? 10.212  -6.428  0.334   0.35 20.65 ? 128 MET A CB  1 
ATOM   1067 C CG  A MET A 1 130 ? 11.330  -5.453  0.629   0.65 20.07 ? 128 MET A CG  1 
ATOM   1068 C CG  B MET A 1 130 ? 11.042  -7.615  0.812   0.35 21.97 ? 128 MET A CG  1 
ATOM   1069 S SD  A MET A 1 130 ? 12.314  -5.750  2.079   0.65 26.05 ? 128 MET A SD  1 
ATOM   1070 S SD  B MET A 1 130 ? 12.452  -7.207  1.833   0.35 29.15 ? 128 MET A SD  1 
ATOM   1071 C CE  A MET A 1 130 ? 11.590  -7.078  2.926   0.65 10.01 ? 128 MET A CE  1 
ATOM   1072 C CE  B MET A 1 130 ? 11.654  -6.405  3.217   0.35 22.97 ? 128 MET A CE  1 
ATOM   1073 N N   . THR A 1 131 ? 7.371   -4.906  -0.121  1.00 15.67 ? 129 THR A N   1 
ATOM   1074 C CA  . THR A 1 131 ? 6.616   -3.679  -0.427  1.00 13.83 ? 129 THR A CA  1 
ATOM   1075 C C   . THR A 1 131 ? 5.823   -3.168  0.746   1.00 16.89 ? 129 THR A C   1 
ATOM   1076 O O   . THR A 1 131 ? 5.939   -2.012  1.113   1.00 15.84 ? 129 THR A O   1 
ATOM   1077 C CB  . THR A 1 131 ? 5.734   -3.860  -1.651  1.00 15.95 ? 129 THR A CB  1 
ATOM   1078 O OG1 . THR A 1 131 ? 6.665   -4.211  -2.733  1.00 15.83 ? 129 THR A OG1 1 
ATOM   1079 C CG2 . THR A 1 131 ? 5.050   -2.541  -2.023  1.00 14.77 ? 129 THR A CG2 1 
ATOM   1080 N N   . VAL A 1 132 ? 5.138   -4.102  1.450   1.00 17.25 ? 130 VAL A N   1 
ATOM   1081 C CA  . VAL A 1 132 ? 4.414   -3.706  2.660   1.00 15.93 ? 130 VAL A CA  1 
ATOM   1082 C C   . VAL A 1 132 ? 5.339   -3.076  3.698   1.00 14.06 ? 130 VAL A C   1 
ATOM   1083 O O   . VAL A 1 132 ? 5.044   -2.001  4.280   1.00 16.86 ? 130 VAL A O   1 
ATOM   1084 C CB  . VAL A 1 132 ? 3.713   -4.956  3.253   1.00 17.39 ? 130 VAL A CB  1 
ATOM   1085 C CG1 . VAL A 1 132 ? 3.130   -4.571  4.605   1.00 19.32 ? 130 VAL A CG1 1 
ATOM   1086 C CG2 . VAL A 1 132 ? 2.573   -5.454  2.339   1.00 17.51 ? 130 VAL A CG2 1 
ATOM   1087 N N   . LEU A 1 133 ? 6.474   -3.718  3.991   1.00 16.29 ? 131 LEU A N   1 
ATOM   1088 C CA  . LEU A 1 133 ? 7.405   -3.158  4.955   1.00 17.96 ? 131 LEU A CA  1 
ATOM   1089 C C   . LEU A 1 133 ? 7.924   -1.783  4.508   1.00 15.76 ? 131 LEU A C   1 
ATOM   1090 O O   . LEU A 1 133 ? 7.974   -0.862  5.329   1.00 16.06 ? 131 LEU A O   1 
ATOM   1091 C CB  . LEU A 1 133 ? 8.579   -4.061  5.287   1.00 18.88 ? 131 LEU A CB  1 
ATOM   1092 C CG  . LEU A 1 133 ? 8.201   -5.406  5.939   1.00 20.67 ? 131 LEU A CG  1 
ATOM   1093 C CD1 . LEU A 1 133 ? 9.482   -6.127  6.304   1.00 20.80 ? 131 LEU A CD1 1 
ATOM   1094 C CD2 . LEU A 1 133 ? 7.290   -5.187  7.142   1.00 22.11 ? 131 LEU A CD2 1 
ATOM   1095 N N   . ILE A 1 134 ? 8.365   -1.663  3.252   1.00 16.99 ? 132 ILE A N   1 
ATOM   1096 C CA  . ILE A 1 134 ? 8.851   -0.356  2.793   1.00 15.53 ? 132 ILE A CA  1 
ATOM   1097 C C   . ILE A 1 134 ? 7.829   0.737   2.979   1.00 16.56 ? 132 ILE A C   1 
ATOM   1098 O O   . ILE A 1 134 ? 8.154   1.802   3.509   1.00 16.79 ? 132 ILE A O   1 
ATOM   1099 C CB  . ILE A 1 134 ? 9.272   -0.502  1.305   1.00 15.34 ? 132 ILE A CB  1 
ATOM   1100 C CG1 . ILE A 1 134 ? 10.592  -1.332  1.315   1.00 15.31 ? 132 ILE A CG1 1 
ATOM   1101 C CG2 . ILE A 1 134 ? 9.570   0.875   0.721   1.00 15.89 ? 132 ILE A CG2 1 
ATOM   1102 C CD1 . ILE A 1 134 ? 10.940  -1.945  -0.019  1.00 17.67 ? 132 ILE A CD1 1 
ATOM   1103 N N   . VAL A 1 135 ? 6.590   0.499   2.576   1.00 16.28 ? 133 VAL A N   1 
ATOM   1104 C CA  . VAL A 1 135 ? 5.488   1.467   2.674   1.00 15.81 ? 133 VAL A CA  1 
ATOM   1105 C C   . VAL A 1 135 ? 5.207   1.788   4.146   1.00 16.61 ? 133 VAL A C   1 
ATOM   1106 O O   . VAL A 1 135 ? 5.146   2.982   4.470   1.00 17.82 ? 133 VAL A O   1 
ATOM   1107 C CB  . VAL A 1 135 ? 4.221   0.924   2.006   1.00 16.26 ? 133 VAL A CB  1 
ATOM   1108 C CG1 . VAL A 1 135 ? 3.046   1.897   2.245   1.00 14.62 ? 133 VAL A CG1 1 
ATOM   1109 C CG2 . VAL A 1 135 ? 4.482   0.802   0.476   1.00 15.60 ? 133 VAL A CG2 1 
ATOM   1110 N N   . LEU A 1 136 ? 5.107   0.781   5.024   1.00 17.40 ? 134 LEU A N   1 
ATOM   1111 C CA  . LEU A 1 136 ? 4.876   1.161   6.444   1.00 17.75 ? 134 LEU A CA  1 
ATOM   1112 C C   . LEU A 1 136 ? 6.004   2.011   6.979   1.00 17.98 ? 134 LEU A C   1 
ATOM   1113 O O   . LEU A 1 136 ? 5.739   3.024   7.657   1.00 18.08 ? 134 LEU A O   1 
ATOM   1114 C CB  . LEU A 1 136 ? 4.728   -0.079  7.326   1.00 18.25 ? 134 LEU A CB  1 
ATOM   1115 C CG  . LEU A 1 136 ? 3.423   -0.845  7.147   1.00 17.79 ? 134 LEU A CG  1 
ATOM   1116 C CD1 . LEU A 1 136 ? 3.635   -2.227  7.819   1.00 21.56 ? 134 LEU A CD1 1 
ATOM   1117 C CD2 . LEU A 1 136 ? 2.291   -0.085  7.785   1.00 19.10 ? 134 LEU A CD2 1 
ATOM   1118 N N   . GLU A 1 137 ? 7.267   1.698   6.672   1.00 17.99 ? 135 GLU A N   1 
ATOM   1119 C CA  . GLU A 1 137 ? 8.389   2.503   7.164   1.00 16.40 ? 135 GLU A CA  1 
ATOM   1120 C C   . GLU A 1 137 ? 8.332   3.908   6.548   1.00 17.54 ? 135 GLU A C   1 
ATOM   1121 O O   . GLU A 1 137 ? 8.594   4.877   7.311   1.00 17.73 ? 135 GLU A O   1 
ATOM   1122 C CB  . GLU A 1 137 ? 9.698   1.775   6.829   1.00 17.60 ? 135 GLU A CB  1 
ATOM   1123 C CG  . GLU A 1 137 ? 10.929  2.560   7.284   1.00 17.77 ? 135 GLU A CG  1 
ATOM   1124 C CD  . GLU A 1 137 ? 12.241  1.880   6.931   1.00 23.98 ? 135 GLU A CD  1 
ATOM   1125 O OE1 . GLU A 1 137 ? 12.919  2.173   5.912   1.00 20.53 ? 135 GLU A OE1 1 
ATOM   1126 O OE2 . GLU A 1 137 ? 12.631  1.035   7.799   1.00 23.01 ? 135 GLU A OE2 1 
ATOM   1127 N N   . GLN A 1 138 ? 8.025   4.072   5.271   1.00 17.64 ? 136 GLN A N   1 
ATOM   1128 C CA  . GLN A 1 138 ? 7.885   5.389   4.694   1.00 18.12 ? 136 GLN A CA  1 
ATOM   1129 C C   . GLN A 1 138 ? 6.761   6.218   5.357   1.00 19.41 ? 136 GLN A C   1 
ATOM   1130 O O   . GLN A 1 138 ? 6.896   7.413   5.508   1.00 19.57 ? 136 GLN A O   1 
ATOM   1131 C CB  . GLN A 1 138 ? 7.603   5.418   3.203   1.00 18.82 ? 136 GLN A CB  1 
ATOM   1132 C CG  . GLN A 1 138 ? 8.772   4.827   2.372   1.00 20.28 ? 136 GLN A CG  1 
ATOM   1133 C CD  . GLN A 1 138 ? 9.986   5.747   2.503   1.00 20.32 ? 136 GLN A CD  1 
ATOM   1134 O OE1 . GLN A 1 138 ? 9.894   6.967   2.262   1.00 21.07 ? 136 GLN A OE1 1 
ATOM   1135 N NE2 . GLN A 1 138 ? 11.105  5.231   2.924   1.00 18.57 ? 136 GLN A NE2 1 
ATOM   1136 N N   . ILE A 1 139 ? 5.668   5.504   5.680   1.00 18.96 ? 137 ILE A N   1 
ATOM   1137 C CA  . ILE A 1 139 ? 4.570   6.248   6.350   1.00 20.77 ? 137 ILE A CA  1 
ATOM   1138 C C   . ILE A 1 139 ? 5.050   6.753   7.693   1.00 21.32 ? 137 ILE A C   1 
ATOM   1139 O O   . ILE A 1 139 ? 4.744   7.919   8.035   1.00 20.93 ? 137 ILE A O   1 
ATOM   1140 C CB  . ILE A 1 139 ? 3.293   5.414   6.429   1.00 23.00 ? 137 ILE A CB  1 
ATOM   1141 C CG1 . ILE A 1 139 ? 2.758   5.224   4.987   1.00 18.86 ? 137 ILE A CG1 1 
ATOM   1142 C CG2 . ILE A 1 139 ? 2.240   6.083   7.327   1.00 22.47 ? 137 ILE A CG2 1 
ATOM   1143 C CD1 . ILE A 1 139 ? 1.764   4.087   4.902   1.00 28.38 ? 137 ILE A CD1 1 
ATOM   1144 N N   . PHE A 1 140 ? 5.711   5.918   8.472   1.00 21.00 ? 138 PHE A N   1 
ATOM   1145 C CA  . PHE A 1 140 ? 6.265   6.292   9.751   1.00 22.14 ? 138 PHE A CA  1 
ATOM   1146 C C   . PHE A 1 140 ? 7.226   7.458   9.608   1.00 22.47 ? 138 PHE A C   1 
ATOM   1147 O O   . PHE A 1 140 ? 7.130   8.465   10.316  1.00 24.39 ? 138 PHE A O   1 
ATOM   1148 C CB  . PHE A 1 140 ? 6.908   5.054   10.404  1.00 24.99 ? 138 PHE A CB  1 
ATOM   1149 C CG  . PHE A 1 140 ? 7.474   5.456   11.754  1.00 23.96 ? 138 PHE A CG  1 
ATOM   1150 C CD1 . PHE A 1 140 ? 6.619   6.062   12.666  1.00 28.10 ? 138 PHE A CD1 1 
ATOM   1151 C CD2 . PHE A 1 140 ? 8.796   5.225   12.043  1.00 32.55 ? 138 PHE A CD2 1 
ATOM   1152 C CE1 . PHE A 1 140 ? 7.131   6.467   13.894  1.00 32.87 ? 138 PHE A CE1 1 
ATOM   1153 C CE2 . PHE A 1 140 ? 9.293   5.615   13.278  1.00 33.80 ? 138 PHE A CE2 1 
ATOM   1154 C CZ  . PHE A 1 140 ? 8.457   6.242   14.170  1.00 31.29 ? 138 PHE A CZ  1 
ATOM   1155 N N   . ARG A 1 141 ? 8.148   7.327   8.658   1.00 21.07 ? 139 ARG A N   1 
ATOM   1156 C CA  . ARG A 1 141 ? 9.125   8.377   8.397   1.00 22.16 ? 139 ARG A CA  1 
ATOM   1157 C C   . ARG A 1 141 ? 8.426   9.705   8.055   1.00 22.98 ? 139 ARG A C   1 
ATOM   1158 O O   . ARG A 1 141 ? 8.822   10.740  8.631   1.00 24.08 ? 139 ARG A O   1 
ATOM   1159 C CB  . ARG A 1 141 ? 10.064  7.986   7.238   1.00 19.40 ? 139 ARG A CB  1 
ATOM   1160 C CG  . ARG A 1 141 ? 11.105  9.114   6.980   1.00 22.77 ? 139 ARG A CG  1 
ATOM   1161 C CD  . ARG A 1 141 ? 12.031  8.667   5.838   1.00 27.33 ? 139 ARG A CD  1 
ATOM   1162 N NE  . ARG A 1 141 ? 12.892  7.546   6.295   1.00 27.42 ? 139 ARG A NE  1 
ATOM   1163 C CZ  . ARG A 1 141 ? 14.067  7.706   6.901   1.00 32.57 ? 139 ARG A CZ  1 
ATOM   1164 N NH1 . ARG A 1 141 ? 14.593  8.902   7.167   1.00 32.88 ? 139 ARG A NH1 1 
ATOM   1165 N NH2 . ARG A 1 141 ? 14.777  6.637   7.238   1.00 29.01 ? 139 ARG A NH2 1 
ATOM   1166 N N   . ALA A 1 142 ? 7.420   9.599   7.213   1.00 21.68 ? 140 ALA A N   1 
ATOM   1167 C CA  . ALA A 1 142 ? 6.705   10.801  6.771   1.00 24.96 ? 140 ALA A CA  1 
ATOM   1168 C C   . ALA A 1 142 ? 6.007   11.493  7.946   1.00 25.08 ? 140 ALA A C   1 
ATOM   1169 O O   . ALA A 1 142 ? 6.132   12.734  8.059   1.00 25.02 ? 140 ALA A O   1 
ATOM   1170 C CB  . ALA A 1 142 ? 5.776   10.492  5.627   1.00 23.52 ? 140 ALA A CB  1 
ATOM   1171 N N   . PHE A 1 143 ? 5.334   10.735  8.807   1.00 23.61 ? 141 PHE A N   1 
ATOM   1172 C CA  . PHE A 1 143 ? 4.666   11.330  9.981   1.00 25.70 ? 141 PHE A CA  1 
ATOM   1173 C C   . PHE A 1 143 ? 5.734   11.928  10.899  1.00 29.13 ? 141 PHE A C   1 
ATOM   1174 O O   . PHE A 1 143 ? 5.473   12.969  11.521  1.00 29.77 ? 141 PHE A O   1 
ATOM   1175 C CB  . PHE A 1 143 ? 3.834   10.313  10.767  1.00 25.45 ? 141 PHE A CB  1 
ATOM   1176 C CG  . PHE A 1 143 ? 2.437   10.123  10.262  1.00 24.70 ? 141 PHE A CG  1 
ATOM   1177 C CD1 . PHE A 1 143 ? 1.951   8.868   9.938   1.00 24.96 ? 141 PHE A CD1 1 
ATOM   1178 C CD2 . PHE A 1 143 ? 1.595   11.236  10.125  1.00 22.01 ? 141 PHE A CD2 1 
ATOM   1179 C CE1 . PHE A 1 143 ? 0.630   8.710   9.492   1.00 25.82 ? 141 PHE A CE1 1 
ATOM   1180 C CE2 . PHE A 1 143 ? 0.302   11.082  9.686   1.00 22.69 ? 141 PHE A CE2 1 
ATOM   1181 C CZ  . PHE A 1 143 ? -0.192  9.826   9.365   1.00 26.74 ? 141 PHE A CZ  1 
ATOM   1182 N N   . LYS A 1 144 ? 6.922   11.341  10.984  1.00 28.00 ? 142 LYS A N   1 
ATOM   1183 C CA  . LYS A 1 144 ? 7.964   11.951  11.829  1.00 30.72 ? 142 LYS A CA  1 
ATOM   1184 C C   . LYS A 1 144 ? 8.383   13.262  11.215  1.00 31.30 ? 142 LYS A C   1 
ATOM   1185 O O   . LYS A 1 144 ? 8.427   14.288  11.945  1.00 34.87 ? 142 LYS A O   1 
ATOM   1186 C CB  . LYS A 1 144 ? 9.081   10.979  12.144  1.00 30.71 ? 142 LYS A CB  1 
ATOM   1187 C CG  . LYS A 1 144 ? 8.641   9.757   12.939  1.00 31.69 ? 142 LYS A CG  1 
ATOM   1188 C CD  . LYS A 1 144 ? 8.437   10.081  14.397  1.00 37.90 ? 142 LYS A CD  1 
ATOM   1189 C CE  . LYS A 1 144 ? 9.771   10.262  15.114  1.00 41.01 ? 142 LYS A CE  1 
ATOM   1190 N NZ  . LYS A 1 144 ? 10.709  9.151   14.757  1.00 47.28 ? 142 LYS A NZ  1 
ATOM   1191 N N   . ILE A 1 145 ? 8.674   13.358  9.948   1.00 32.42 ? 143 ILE A N   1 
ATOM   1192 C CA  . ILE A 1 145 ? 9.054   14.598  9.278   1.00 33.16 ? 143 ILE A CA  1 
ATOM   1193 C C   . ILE A 1 145 ? 8.010   15.682  9.514   1.00 35.53 ? 143 ILE A C   1 
ATOM   1194 O O   . ILE A 1 145 ? 8.303   16.735  10.111  1.00 35.42 ? 143 ILE A O   1 
ATOM   1195 C CB  . ILE A 1 145 ? 9.251   14.296  7.783   1.00 35.99 ? 143 ILE A CB  1 
ATOM   1196 C CG1 . ILE A 1 145 ? 10.602  13.564  7.639   1.00 38.52 ? 143 ILE A CG1 1 
ATOM   1197 C CG2 . ILE A 1 145 ? 9.165   15.490  6.877   1.00 36.51 ? 143 ILE A CG2 1 
ATOM   1198 C CD1 . ILE A 1 145 ? 10.844  12.966  6.274   1.00 43.62 ? 143 ILE A CD1 1 
ATOM   1199 N N   . ILE A 1 146 ? 6.760   15.407  9.167   1.00 35.62 ? 144 ILE A N   1 
ATOM   1200 C CA  . ILE A 1 146 ? 5.678   16.371  9.349   1.00 37.57 ? 144 ILE A CA  1 
ATOM   1201 C C   . ILE A 1 146 ? 5.579   16.904  10.772  1.00 39.74 ? 144 ILE A C   1 
ATOM   1202 O O   . ILE A 1 146 ? 5.364   18.114  10.963  1.00 42.86 ? 144 ILE A O   1 
ATOM   1203 C CB  . ILE A 1 146 ? 4.325   15.693  9.043   1.00 38.46 ? 144 ILE A CB  1 
ATOM   1204 C CG1 . ILE A 1 146 ? 4.113   15.442  7.560   1.00 36.60 ? 144 ILE A CG1 1 
ATOM   1205 C CG2 . ILE A 1 146 ? 3.155   16.477  9.621   1.00 38.25 ? 144 ILE A CG2 1 
ATOM   1206 C CD1 . ILE A 1 146 ? 3.073   14.317  7.388   1.00 33.90 ? 144 ILE A CD1 1 
ATOM   1207 N N   . HIS A 1 147 ? 5.669   16.063  11.779  1.00 40.24 ? 145 HIS A N   1 
ATOM   1208 C CA  . HIS A 1 147 ? 5.485   16.437  13.160  1.00 43.17 ? 145 HIS A CA  1 
ATOM   1209 C C   . HIS A 1 147 ? 6.747   16.838  13.890  1.00 45.77 ? 145 HIS A C   1 
ATOM   1210 O O   . HIS A 1 147 ? 6.937   16.516  15.071  1.00 46.81 ? 145 HIS A O   1 
ATOM   1211 C CB  . HIS A 1 147 ? 4.779   15.345  13.978  1.00 40.76 ? 145 HIS A CB  1 
ATOM   1212 C CG  . HIS A 1 147 ? 3.304   15.362  13.716  1.00 41.19 ? 145 HIS A CG  1 
ATOM   1213 N ND1 . HIS A 1 147 ? 2.785   15.049  12.471  1.00 40.88 ? 145 HIS A ND1 1 
ATOM   1214 C CD2 . HIS A 1 147 ? 2.258   15.688  14.505  1.00 39.15 ? 145 HIS A CD2 1 
ATOM   1215 C CE1 . HIS A 1 147 ? 1.474   15.152  12.543  1.00 40.86 ? 145 HIS A CE1 1 
ATOM   1216 N NE2 . HIS A 1 147 ? 1.125   15.544  13.748  1.00 41.03 ? 145 HIS A NE2 1 
ATOM   1217 N N   . GLY A 1 148 ? 7.645   17.511  13.183  1.00 47.06 ? 146 GLY A N   1 
ATOM   1218 C CA  . GLY A 1 148 ? 8.901   17.950  13.801  1.00 49.22 ? 146 GLY A CA  1 
ATOM   1219 C C   . GLY A 1 148 ? 9.843   16.767  13.966  1.00 50.36 ? 146 GLY A C   1 
ATOM   1220 O O   . GLY A 1 148 ? 10.850  16.708  13.271  1.00 51.62 ? 146 GLY A O   1 
ATOM   1221 N N   . GLU A 1 149 ? 9.552   15.847  14.864  1.00 51.47 ? 147 GLU A N   1 
ATOM   1222 C CA  . GLU A 1 149 ? 10.375  14.659  15.109  1.00 52.41 ? 147 GLU A CA  1 
ATOM   1223 C C   . GLU A 1 149 ? 11.045  14.179  13.866  1.00 52.61 ? 147 GLU A C   1 
ATOM   1224 O O   . GLU A 1 149 ? 11.929  13.334  13.767  1.00 54.60 ? 147 GLU A O   1 
ATOM   1225 C CB  . GLU A 1 149 ? 9.417   13.638  15.753  1.00 55.26 ? 147 GLU A CB  1 
ATOM   1226 C CG  . GLU A 1 149 ? 8.385   14.430  16.594  1.00 56.59 ? 147 GLU A CG  1 
ATOM   1227 C CD  . GLU A 1 149 ? 7.694   13.491  17.551  1.00 60.94 ? 147 GLU A CD  1 
ATOM   1228 O OE1 . GLU A 1 149 ? 6.848   13.980  18.329  1.00 63.95 ? 147 GLU A OE1 1 
ATOM   1229 O OE2 . GLU A 1 149 ? 8.010   12.286  17.466  1.00 61.77 ? 147 GLU A OE2 1 
HETATM 1230 O O   . HOH B 2 .   ? 12.834  5.466   -6.714  1.00 19.40 ? 162 HOH A O   1 
HETATM 1231 O O   . HOH B 2 .   ? 10.251  6.122   -5.632  1.00 21.39 ? 163 HOH A O   1 
HETATM 1232 O O   . HOH B 2 .   ? 8.373   -3.813  -7.131  1.00 22.89 ? 164 HOH A O   1 
HETATM 1233 O O   . HOH B 2 .   ? 9.626   -1.078  -7.360  1.00 23.50 ? 165 HOH A O   1 
HETATM 1234 O O   . HOH B 2 .   ? 1.860   -3.913  -6.546  1.00 22.24 ? 166 HOH A O   1 
HETATM 1235 O O   . HOH B 2 .   ? 8.649   8.876   3.927   1.00 22.15 ? 167 HOH A O   1 
HETATM 1236 O O   . HOH B 2 .   ? 13.076  4.899   5.825   1.00 23.85 ? 168 HOH A O   1 
HETATM 1237 O O   . HOH B 2 .   ? -11.447 9.694   3.876   1.00 31.88 ? 169 HOH A O   1 
HETATM 1238 O O   . HOH B 2 .   ? -2.142  -9.233  -8.261  1.00 24.55 ? 170 HOH A O   1 
HETATM 1239 O O   . HOH B 2 .   ? 11.087  2.393   3.635   1.00 22.41 ? 171 HOH A O   1 
HETATM 1240 O O   . HOH B 2 .   ? 7.249   -0.238  -6.458  1.00 29.62 ? 172 HOH A O   1 
HETATM 1241 O O   . HOH B 2 .   ? 13.501  -4.327  -11.634 1.00 21.01 ? 173 HOH A O   1 
HETATM 1242 O O   . HOH B 2 .   ? 4.951   -3.402  -9.961  1.00 24.93 ? 174 HOH A O   1 
HETATM 1243 O O   . HOH B 2 .   ? 6.725   -2.806  -5.373  1.00 30.04 ? 175 HOH A O   1 
HETATM 1244 O O   . HOH B 2 .   ? 6.376   -10.588 15.981  1.00 33.53 ? 176 HOH A O   1 
HETATM 1245 O O   . HOH B 2 .   ? 1.368   18.397  10.487  1.00 35.46 ? 177 HOH A O   1 
HETATM 1246 O O   . HOH B 2 .   ? 8.810   9.259   -11.991 1.00 30.34 ? 178 HOH A O   1 
HETATM 1247 O O   . HOH B 2 .   ? 7.968   4.210   -13.165 1.00 25.93 ? 179 HOH A O   1 
HETATM 1248 O O   . HOH B 2 .   ? 10.280  3.018   -11.446 1.00 24.02 ? 180 HOH A O   1 
HETATM 1249 O O   . HOH B 2 .   ? -9.784  -6.552  -12.281 1.00 35.87 ? 181 HOH A O   1 
HETATM 1250 O O   . HOH B 2 .   ? 2.520   -4.875  -9.514  1.00 29.40 ? 182 HOH A O   1 
HETATM 1251 O O   . HOH B 2 .   ? 5.337   -5.911  -5.095  1.00 34.32 ? 183 HOH A O   1 
HETATM 1252 O O   . HOH B 2 .   ? -2.440  -5.273  10.683  1.00 30.83 ? 184 HOH A O   1 
HETATM 1253 O O   . HOH B 2 .   ? 4.094   -8.172  -6.006  1.00 31.67 ? 185 HOH A O   1 
HETATM 1254 O O   . HOH B 2 .   ? 0.197   8.658   -10.133 1.00 29.52 ? 186 HOH A O   1 
HETATM 1255 O O   . HOH B 2 .   ? 10.199  -8.598  16.257  1.00 38.48 ? 187 HOH A O   1 
HETATM 1256 O O   . HOH B 2 .   ? 12.575  -0.700  -13.578 1.00 30.93 ? 188 HOH A O   1 
HETATM 1257 O O   . HOH B 2 .   ? -8.620  -19.104 -17.260 1.00 33.06 ? 189 HOH A O   1 
HETATM 1258 O O   . HOH B 2 .   ? 7.308   -11.356 0.262   1.00 29.45 ? 190 HOH A O   1 
HETATM 1259 O O   . HOH B 2 .   ? 11.053  1.342   -13.772 1.00 29.19 ? 191 HOH A O   1 
HETATM 1260 O O   . HOH B 2 .   ? 4.258   -3.810  -5.523  1.00 31.73 ? 192 HOH A O   1 
HETATM 1261 O O   . HOH B 2 .   ? -0.345  -16.749 -0.949  1.00 40.76 ? 193 HOH A O   1 
HETATM 1262 O O   . HOH B 2 .   ? 17.304  6.157   8.405   1.00 40.21 ? 194 HOH A O   1 
HETATM 1263 O O   . HOH B 2 .   ? -4.822  -15.649 -6.637  1.00 38.10 ? 195 HOH A O   1 
HETATM 1264 O O   . HOH B 2 .   ? -9.405  -14.423 -2.268  1.00 39.91 ? 196 HOH A O   1 
HETATM 1265 O O   A HOH B 2 .   ? -1.981  12.613  12.529  0.50 24.38 ? 197 HOH A O   1 
HETATM 1266 O O   B HOH B 2 .   ? -0.276  17.056  8.764   0.50 28.34 ? 197 HOH A O   1 
HETATM 1267 O O   . HOH B 2 .   ? -14.561 5.333   -2.427  1.00 46.68 ? 198 HOH A O   1 
HETATM 1268 O O   . HOH B 2 .   ? 3.176   16.819  16.889  1.00 40.33 ? 199 HOH A O   1 
HETATM 1269 O O   . HOH B 2 .   ? 13.834  -0.902  11.029  1.00 42.87 ? 200 HOH A O   1 
HETATM 1270 O O   . HOH B 2 .   ? 9.550   11.230  4.492   1.00 36.70 ? 201 HOH A O   1 
HETATM 1271 O O   . HOH B 2 .   ? 7.009   -17.674 11.768  1.00 31.32 ? 202 HOH A O   1 
HETATM 1272 O O   . HOH B 2 .   ? 10.061  -15.413 8.165   1.00 28.45 ? 203 HOH A O   1 
HETATM 1273 O O   . HOH B 2 .   ? 7.874   -13.484 -1.267  1.00 36.67 ? 204 HOH A O   1 
HETATM 1274 O O   . HOH B 2 .   ? -5.973  -9.399  -16.050 1.00 34.95 ? 205 HOH A O   1 
HETATM 1275 O O   . HOH B 2 .   ? -0.405  -11.357 -9.793  1.00 31.70 ? 206 HOH A O   1 
HETATM 1276 O O   . HOH B 2 .   ? -2.876  13.727  -5.748  1.00 40.23 ? 207 HOH A O   1 
HETATM 1277 O O   . HOH B 2 .   ? -10.652 -4.692  -10.285 1.00 41.22 ? 208 HOH A O   1 
HETATM 1278 O O   . HOH B 2 .   ? -11.338 4.918   -5.819  1.00 39.05 ? 209 HOH A O   1 
HETATM 1279 O O   . HOH B 2 .   ? -12.035 5.965   -2.914  1.00 35.65 ? 210 HOH A O   1 
HETATM 1280 O O   . HOH B 2 .   ? 11.789  6.010   -14.104 1.00 34.49 ? 211 HOH A O   1 
HETATM 1281 O O   . HOH B 2 .   ? 5.531   -10.969 -4.521  1.00 32.16 ? 212 HOH A O   1 
HETATM 1282 O O   . HOH B 2 .   ? -5.383  -10.123 6.989   1.00 41.81 ? 213 HOH A O   1 
HETATM 1283 O O   . HOH B 2 .   ? 2.260   -3.650  17.182  1.00 37.09 ? 214 HOH A O   1 
HETATM 1284 O O   . HOH B 2 .   ? -6.106  -13.329 -4.338  1.00 46.20 ? 215 HOH A O   1 
HETATM 1285 O O   . HOH B 2 .   ? -14.797 0.423   -1.594  1.00 38.44 ? 216 HOH A O   1 
HETATM 1286 O O   . HOH B 2 .   ? 10.561  19.760  11.671  1.00 94.15 ? 217 HOH A O   1 
HETATM 1287 O O   . HOH B 2 .   ? -2.149  14.529  -1.228  1.00 40.12 ? 218 HOH A O   1 
HETATM 1288 O O   . HOH B 2 .   ? 6.357   12.921  14.087  1.00 93.15 ? 219 HOH A O   1 
HETATM 1289 O O   . HOH B 2 .   ? -8.743  1.621   -16.022 1.00 47.25 ? 220 HOH A O   1 
HETATM 1290 O O   . HOH B 2 .   ? 7.447   -5.429  17.865  1.00 43.94 ? 221 HOH A O   1 
HETATM 1291 O O   . HOH B 2 .   ? 13.390  16.120  16.927  1.00 85.36 ? 222 HOH A O   1 
HETATM 1292 O O   . HOH B 2 .   ? 13.060  1.591   11.686  1.00 37.64 ? 223 HOH A O   1 
HETATM 1293 O O   . HOH B 2 .   ? -7.909  -15.442 -19.746 1.00 53.64 ? 224 HOH A O   1 
HETATM 1294 O O   . HOH B 2 .   ? -0.212  -5.098  15.547  1.00 49.42 ? 225 HOH A O   1 
HETATM 1295 O O   . HOH B 2 .   ? 6.333   -7.750  -7.730  1.00 48.08 ? 226 HOH A O   1 
HETATM 1296 O O   . HOH B 2 .   ? 1.511   7.304   -12.607 1.00 44.33 ? 227 HOH A O   1 
HETATM 1297 O O   . HOH B 2 .   ? -7.779  -13.939 2.084   1.00 44.75 ? 228 HOH A O   1 
HETATM 1298 O O   . HOH B 2 .   ? -11.667 -17.722 -9.185  1.00 40.75 ? 229 HOH A O   1 
HETATM 1299 O O   . HOH B 2 .   ? 5.891   -12.455 2.236   1.00 36.14 ? 230 HOH A O   1 
HETATM 1300 O O   . HOH B 2 .   ? 7.476   -7.785  15.841  1.00 39.03 ? 231 HOH A O   1 
HETATM 1301 O O   . HOH B 2 .   ? 12.699  15.149  -3.335  1.00 37.95 ? 232 HOH A O   1 
HETATM 1302 O O   . HOH B 2 .   ? 14.046  3.062   -16.247 1.00 36.50 ? 233 HOH A O   1 
HETATM 1303 O O   . HOH B 2 .   ? 8.654   0.617   -15.143 1.00 36.21 ? 234 HOH A O   1 
HETATM 1304 O O   . HOH B 2 .   ? -7.436  1.111   10.373  1.00 31.92 ? 235 HOH A O   1 
HETATM 1305 O O   . HOH B 2 .   ? -16.516 -9.170  -12.109 1.00 47.19 ? 236 HOH A O   1 
HETATM 1306 O O   . HOH B 2 .   ? 13.429  11.492  7.928   1.00 37.41 ? 237 HOH A O   1 
HETATM 1307 O O   . HOH B 2 .   ? -7.485  -23.988 -14.948 1.00 84.22 ? 238 HOH A O   1 
HETATM 1308 O O   . HOH B 2 .   ? -4.409  13.655  11.948  1.00 65.06 ? 239 HOH A O   1 
HETATM 1309 O O   . HOH B 2 .   ? 4.763   15.361  -3.380  1.00 47.92 ? 240 HOH A O   1 
HETATM 1310 O O   . HOH B 2 .   ? 3.776   -7.386  -8.773  1.00 33.02 ? 241 HOH A O   1 
HETATM 1311 O O   . HOH B 2 .   ? -8.010  -10.182 4.151   1.00 51.89 ? 242 HOH A O   1 
HETATM 1312 O O   . HOH B 2 .   ? 12.314  -13.174 -2.791  1.00 47.53 ? 243 HOH A O   1 
HETATM 1313 O O   . HOH B 2 .   ? 0.353   16.453  -2.179  1.00 53.76 ? 244 HOH A O   1 
HETATM 1314 O O   . HOH B 2 .   ? 4.682   -13.889 12.978  1.00 45.15 ? 245 HOH A O   1 
HETATM 1315 O O   . HOH B 2 .   ? 10.238  -0.601  -16.946 1.00 54.31 ? 246 HOH A O   1 
HETATM 1316 O O   . HOH B 2 .   ? -5.244  9.543   13.650  1.00 46.96 ? 247 HOH A O   1 
HETATM 1317 O O   . HOH B 2 .   ? 7.716   -17.530 6.868   1.00 41.10 ? 248 HOH A O   1 
HETATM 1318 O O   . HOH B 2 .   ? -4.830  -5.312  -17.795 1.00 48.27 ? 249 HOH A O   1 
HETATM 1319 O O   . HOH B 2 .   ? 16.012  1.587   -15.629 1.00 45.66 ? 250 HOH A O   1 
HETATM 1320 O O   . HOH B 2 .   ? -9.113  -4.565  -20.044 1.00 57.67 ? 251 HOH A O   1 
HETATM 1321 O O   . HOH B 2 .   ? 9.551   -3.701  18.078  1.00 40.94 ? 252 HOH A O   1 
HETATM 1322 O O   . HOH B 2 .   ? 12.432  15.967  11.111  1.00 87.51 ? 253 HOH A O   1 
HETATM 1323 O O   . HOH B 2 .   ? 11.330  11.542  9.847   1.00 46.31 ? 254 HOH A O   1 
HETATM 1324 O O   . HOH B 2 .   ? -13.182 -9.730  -3.678  1.00 47.96 ? 255 HOH A O   1 
HETATM 1325 O O   . HOH B 2 .   ? -13.041 5.908   -9.842  1.00 48.02 ? 256 HOH A O   1 
HETATM 1326 O O   . HOH B 2 .   ? 12.097  6.444   10.129  1.00 38.68 ? 257 HOH A O   1 
HETATM 1327 O O   . HOH B 2 .   ? 5.919   14.587  -6.164  1.00 42.84 ? 258 HOH A O   1 
HETATM 1328 O O   . HOH B 2 .   ? 4.569   -7.596  -12.416 1.00 43.55 ? 259 HOH A O   1 
HETATM 1329 O O   . HOH B 2 .   ? 4.638   -15.735 -0.387  1.00 61.57 ? 260 HOH A O   1 
HETATM 1330 O O   . HOH B 2 .   ? 14.551  11.278  3.821   1.00 50.47 ? 261 HOH A O   1 
HETATM 1331 O O   . HOH B 2 .   ? -4.314  -8.045  -17.588 1.00 47.04 ? 262 HOH A O   1 
HETATM 1332 O O   . HOH B 2 .   ? 3.509   -17.062 11.141  1.00 52.29 ? 263 HOH A O   1 
HETATM 1333 O O   . HOH B 2 .   ? 2.883   4.848   18.715  1.00 44.58 ? 264 HOH A O   1 
HETATM 1334 O O   . HOH B 2 .   ? 2.241   -12.201 -3.992  1.00 36.64 ? 265 HOH A O   1 
HETATM 1335 O O   . HOH B 2 .   ? -14.502 -1.386  -3.670  1.00 47.43 ? 266 HOH A O   1 
HETATM 1336 O O   . HOH B 2 .   ? 6.004   17.615  -3.247  1.00 37.91 ? 267 HOH A O   1 
HETATM 1337 O O   . HOH B 2 .   ? -12.496 5.614   9.542   1.00 56.18 ? 268 HOH A O   1 
HETATM 1338 O O   . HOH B 2 .   ? 4.711   -3.204  -12.961 1.00 38.99 ? 269 HOH A O   1 
HETATM 1339 O O   . HOH B 2 .   ? -7.605  8.523   14.483  1.00 62.02 ? 270 HOH A O   1 
HETATM 1340 O O   . HOH B 2 .   ? 2.060   11.347  -12.566 1.00 55.04 ? 271 HOH A O   1 
HETATM 1341 O O   . HOH B 2 .   ? 12.060  1.892   14.244  1.00 50.86 ? 272 HOH A O   1 
HETATM 1342 O O   . HOH B 2 .   ? -9.932  11.352  10.188  1.00 56.32 ? 273 HOH A O   1 
HETATM 1343 O O   . HOH B 2 .   ? 1.737   13.057  18.972  1.00 78.79 ? 274 HOH A O   1 
HETATM 1344 O O   . HOH B 2 .   ? -4.744  -21.978 -5.028  1.00 79.88 ? 275 HOH A O   1 
HETATM 1345 O O   . HOH B 2 .   ? 4.962   3.833   -16.859 1.00 43.11 ? 276 HOH A O   1 
HETATM 1346 O O   . HOH B 2 .   ? -6.318  14.864  10.575  1.00 43.33 ? 277 HOH A O   1 
HETATM 1347 O O   . HOH B 2 .   ? 6.770   -3.170  -14.677 1.00 45.51 ? 278 HOH A O   1 
HETATM 1348 O O   . HOH B 2 .   ? -7.587  11.008  13.044  1.00 58.20 ? 279 HOH A O   1 
HETATM 1349 O O   . HOH B 2 .   ? 13.527  11.477  14.777  1.00 60.00 ? 280 HOH A O   1 
HETATM 1350 O O   . HOH B 2 .   ? 15.555  11.950  9.584   1.00 51.59 ? 281 HOH A O   1 
HETATM 1351 O O   . HOH B 2 .   ? 13.715  8.716   10.536  1.00 55.98 ? 282 HOH A O   1 
HETATM 1352 O O   . HOH B 2 .   ? 1.574   -4.564  -11.920 1.00 54.25 ? 283 HOH A O   1 
HETATM 1353 O O   . HOH B 2 .   ? -0.380  -3.988  20.730  1.00 44.65 ? 284 HOH A O   1 
HETATM 1354 O O   . HOH B 2 .   ? -14.090 -1.602  2.383   1.00 44.67 ? 285 HOH A O   1 
HETATM 1355 O O   . HOH B 2 .   ? 2.061   -2.583  21.328  1.00 59.77 ? 286 HOH A O   1 
HETATM 1356 O O   . HOH B 2 .   ? -1.045  -12.947 13.194  1.00 55.82 ? 287 HOH A O   1 
HETATM 1357 O O   . HOH B 2 .   ? 5.355   6.570   17.692  1.00 51.95 ? 288 HOH A O   1 
HETATM 1358 O O   . HOH B 2 .   ? 10.785  -4.005  -14.576 1.00 52.85 ? 289 HOH A O   1 
HETATM 1359 O O   . HOH B 2 .   ? -11.362 -15.030 1.421   1.00 51.14 ? 290 HOH A O   1 
HETATM 1360 O O   . HOH B 2 .   ? 4.906   19.817  8.924   1.00 57.50 ? 291 HOH A O   1 
HETATM 1361 O O   . HOH B 2 .   ? -12.658 8.647   -2.398  1.00 54.89 ? 292 HOH A O   1 
HETATM 1362 O O   . HOH B 2 .   ? 7.052   -9.746  -10.354 1.00 45.92 ? 293 HOH A O   1 
HETATM 1363 O O   . HOH B 2 .   ? 7.273   16.709  -7.340  1.00 47.72 ? 294 HOH A O   1 
HETATM 1364 O O   . HOH B 2 .   ? -12.549 -7.181  -13.870 1.00 56.57 ? 295 HOH A O   1 
HETATM 1365 O O   . HOH B 2 .   ? -5.539  -12.828 7.132   1.00 81.76 ? 296 HOH A O   1 
HETATM 1366 O O   . HOH B 2 .   ? 11.412  12.195  -7.600  1.00 49.86 ? 297 HOH A O   1 
HETATM 1367 O O   . HOH B 2 .   ? 13.440  8.075   13.257  1.00 54.50 ? 298 HOH A O   1 
HETATM 1368 O O   . HOH B 2 .   ? 14.316  6.262   11.234  1.00 50.28 ? 299 HOH A O   1 
HETATM 1369 O O   . HOH B 2 .   ? 6.314   19.593  6.178   1.00 64.64 ? 300 HOH A O   1 
HETATM 1370 O O   . HOH B 2 .   ? 14.001  10.742  12.279  1.00 56.29 ? 301 HOH A O   1 
HETATM 1371 O O   . HOH B 2 .   ? -10.143 -19.931 -9.160  1.00 52.41 ? 302 HOH A O   1 
HETATM 1372 O O   . HOH B 2 .   ? 14.411  13.395  12.812  1.00 72.41 ? 303 HOH A O   1 
HETATM 1373 O O   . HOH B 2 .   ? -6.255  -27.829 -8.979  1.00 77.89 ? 304 HOH A O   1 
HETATM 1374 O O   . HOH B 2 .   ? 7.349   -13.061 -5.419  1.00 52.96 ? 305 HOH A O   1 
HETATM 1375 O O   . HOH B 2 .   ? -9.504  -15.644 3.585   1.00 62.40 ? 306 HOH A O   1 
HETATM 1376 O O   . HOH B 2 .   ? 2.866   -5.792  -14.161 1.00 54.59 ? 307 HOH A O   1 
HETATM 1377 O O   . HOH B 2 .   ? -0.803  -7.002  19.062  1.00 52.60 ? 308 HOH A O   1 
HETATM 1378 O O   . HOH B 2 .   ? 1.872   19.237  0.790   1.00 47.59 ? 309 HOH A O   1 
HETATM 1379 O O   . HOH B 2 .   ? 6.183   10.467  -13.355 1.00 45.07 ? 310 HOH A O   1 
HETATM 1380 O O   . HOH B 2 .   ? 6.849   21.452  -1.340  1.00 69.91 ? 311 HOH A O   1 
HETATM 1381 O O   . HOH B 2 .   ? -13.600 -3.644  4.957   1.00 58.96 ? 312 HOH A O   1 
HETATM 1382 O O   . HOH B 2 .   ? -2.115  10.218  -10.625 1.00 57.91 ? 313 HOH A O   1 
HETATM 1383 O O   . HOH B 2 .   ? -0.269  20.555  2.851   1.00 42.44 ? 314 HOH A O   1 
HETATM 1384 O O   . HOH B 2 .   ? -19.474 5.476   0.493   1.00 65.14 ? 315 HOH A O   1 
HETATM 1385 O O   . HOH B 2 .   ? -9.906  -8.327  3.991   1.00 61.32 ? 316 HOH A O   1 
HETATM 1386 O O   . HOH B 2 .   ? -6.764  7.369   -11.864 1.00 57.56 ? 317 HOH A O   1 
HETATM 1387 O O   . HOH B 2 .   ? 11.445  -5.538  19.184  1.00 62.09 ? 318 HOH A O   1 
HETATM 1388 O O   . HOH B 2 .   ? -13.652 3.740   5.487   1.00 40.90 ? 319 HOH A O   1 
HETATM 1389 O O   . HOH B 2 .   ? -7.242  -28.559 -13.048 1.00 55.63 ? 320 HOH A O   1 
HETATM 1390 O O   . HOH B 2 .   ? -10.973 7.982   9.923   1.00 49.62 ? 321 HOH A O   1 
HETATM 1391 O O   . HOH B 2 .   ? 4.704   20.416  2.284   1.00 83.94 ? 322 HOH A O   1 
HETATM 1392 O O   . HOH B 2 .   ? 6.139   11.736  -6.507  1.00 80.98 ? 323 HOH A O   1 
HETATM 1393 O O   . HOH B 2 .   ? -11.432 13.478  9.318   1.00 56.12 ? 324 HOH A O   1 
# 
